data_9NT4
#
_entry.id   9NT4
#
_cell.length_a   63.446
_cell.length_b   210.997
_cell.length_c   87.315
_cell.angle_alpha   90.00
_cell.angle_beta   90.51
_cell.angle_gamma   90.00
#
_symmetry.space_group_name_H-M   'P 1 21 1'
#
loop_
_entity.id
_entity.type
_entity.pdbx_description
1 polymer 'LacI Transcription Factor'
2 non-polymer beta-D-fucopyranose
3 water water
#
_entity_poly.entity_id   1
_entity_poly.type   'polypeptide(L)'
_entity_poly.pdbx_seq_one_letter_code
;MRRSHTIGVVTTGLSFYGPSQILVGIERAAREHGYSLLLATVHEDPDEVEEAINTLRERRVDGIIIVAPHNSEEEAQLAQ
EAGVPPVVFLSAQPPGVPTVSVDQYAGARLATEHLLDLGHRRIALITGPQDWLEARERLQGWREALAEAGLPPPAVLQGD
WSAASGYEAARQLLEQPDFTAIFAANDQMALGVLRALHERGLRVPDDVSVVGFDDIPESAYFHPPLTTVRQDFEELGRQA
VEQLLEMIEGEEPPPPAVLPPELIVRESTAPPENLYFQGL
;
_entity_poly.pdbx_strand_id   A,B,C,D,E,F,G,H
#
# COMPACT_ATOMS: atom_id res chain seq x y z
N ARG A 2 4.68 42.03 -28.70
CA ARG A 2 3.31 42.01 -29.18
C ARG A 2 2.42 41.18 -28.26
N ARG A 3 3.06 40.38 -27.39
CA ARG A 3 2.36 39.61 -26.37
C ARG A 3 3.06 39.79 -25.03
N SER A 4 2.28 39.67 -23.96
CA SER A 4 2.81 39.83 -22.61
C SER A 4 2.90 38.54 -21.81
N HIS A 5 2.17 37.50 -22.23
CA HIS A 5 2.10 36.24 -21.48
C HIS A 5 1.64 36.45 -20.05
N THR A 6 0.69 37.39 -19.87
CA THR A 6 0.05 37.65 -18.58
C THR A 6 -1.46 37.62 -18.75
N ILE A 7 -2.15 37.23 -17.68
CA ILE A 7 -3.62 37.14 -17.66
C ILE A 7 -4.14 38.05 -16.55
N GLY A 8 -5.08 38.91 -16.88
CA GLY A 8 -5.67 39.81 -15.90
C GLY A 8 -6.91 39.18 -15.30
N VAL A 9 -7.09 39.38 -13.98
CA VAL A 9 -8.22 38.84 -13.24
C VAL A 9 -8.80 39.91 -12.32
N VAL A 10 -10.11 40.07 -12.35
CA VAL A 10 -10.81 41.00 -11.48
C VAL A 10 -11.74 40.19 -10.60
N THR A 11 -11.43 40.13 -9.30
CA THR A 11 -12.19 39.31 -8.38
C THR A 11 -12.61 40.15 -7.19
N THR A 12 -13.55 39.62 -6.40
CA THR A 12 -14.06 40.29 -5.22
C THR A 12 -14.38 39.26 -4.15
N GLY A 13 -14.52 39.73 -2.92
CA GLY A 13 -14.80 38.85 -1.81
C GLY A 13 -13.71 37.82 -1.55
N LEU A 14 -12.44 38.23 -1.59
CA LEU A 14 -11.34 37.29 -1.41
C LEU A 14 -11.22 36.78 0.02
N SER A 15 -11.94 37.38 0.98
CA SER A 15 -11.92 36.84 2.33
C SER A 15 -12.68 35.52 2.45
N PHE A 16 -13.45 35.14 1.43
CA PHE A 16 -14.22 33.91 1.47
C PHE A 16 -13.51 32.80 0.68
N TYR A 17 -13.99 31.57 0.87
CA TYR A 17 -13.32 30.42 0.29
C TYR A 17 -13.52 30.35 -1.21
N GLY A 18 -14.74 30.53 -1.68
CA GLY A 18 -15.09 30.41 -3.08
C GLY A 18 -14.24 31.23 -4.03
N PRO A 19 -14.21 32.56 -3.86
CA PRO A 19 -13.38 33.38 -4.75
C PRO A 19 -11.89 33.11 -4.63
N SER A 20 -11.41 32.75 -3.44
CA SER A 20 -9.99 32.40 -3.26
C SER A 20 -9.64 31.13 -4.03
N GLN A 21 -10.45 30.08 -3.89
CA GLN A 21 -10.16 28.83 -4.58
C GLN A 21 -10.34 28.96 -6.08
N ILE A 22 -11.29 29.79 -6.52
CA ILE A 22 -11.36 30.16 -7.93
C ILE A 22 -10.07 30.84 -8.36
N LEU A 23 -9.58 31.77 -7.54
CA LEU A 23 -8.31 32.43 -7.81
C LEU A 23 -7.15 31.43 -7.74
N VAL A 24 -7.26 30.41 -6.90
CA VAL A 24 -6.25 29.37 -6.88
C VAL A 24 -6.27 28.59 -8.19
N GLY A 25 -7.45 28.21 -8.65
CA GLY A 25 -7.57 27.50 -9.92
C GLY A 25 -7.05 28.30 -11.09
N ILE A 26 -7.27 29.62 -11.08
CA ILE A 26 -6.82 30.47 -12.18
C ILE A 26 -5.30 30.59 -12.19
N GLU A 27 -4.69 30.79 -11.02
CA GLU A 27 -3.25 30.97 -10.96
C GLU A 27 -2.51 29.70 -11.38
N ARG A 28 -2.96 28.54 -10.91
CA ARG A 28 -2.25 27.30 -11.22
C ARG A 28 -2.35 26.95 -12.70
N ALA A 29 -3.54 27.12 -13.29
CA ALA A 29 -3.70 26.85 -14.71
C ALA A 29 -2.92 27.84 -15.57
N ALA A 30 -2.97 29.12 -15.21
CA ALA A 30 -2.24 30.13 -15.98
C ALA A 30 -0.74 29.88 -15.91
N ARG A 31 -0.24 29.49 -14.73
CA ARG A 31 1.19 29.24 -14.57
C ARG A 31 1.62 27.99 -15.33
N GLU A 32 0.81 26.93 -15.29
CA GLU A 32 1.14 25.71 -16.02
C GLU A 32 1.14 25.89 -17.53
N HIS A 33 0.60 26.99 -18.04
CA HIS A 33 0.62 27.30 -19.46
C HIS A 33 1.56 28.46 -19.78
N GLY A 34 2.31 28.91 -18.77
CA GLY A 34 3.30 29.95 -18.97
C GLY A 34 2.78 31.37 -18.89
N TYR A 35 1.77 31.63 -18.08
CA TYR A 35 1.18 32.95 -17.94
C TYR A 35 1.35 33.48 -16.53
N SER A 36 1.81 34.72 -16.41
CA SER A 36 1.74 35.42 -15.14
C SER A 36 0.33 35.97 -14.93
N LEU A 37 0.01 36.28 -13.67
CA LEU A 37 -1.33 36.71 -13.32
C LEU A 37 -1.29 38.14 -12.80
N LEU A 38 -2.15 38.99 -13.35
CA LEU A 38 -2.37 40.33 -12.81
C LEU A 38 -3.69 40.32 -12.04
N LEU A 39 -3.61 40.60 -10.74
CA LEU A 39 -4.75 40.54 -9.84
C LEU A 39 -5.27 41.93 -9.53
N ALA A 40 -6.57 42.13 -9.73
CA ALA A 40 -7.27 43.35 -9.34
C ALA A 40 -8.48 42.96 -8.50
N THR A 41 -8.70 43.69 -7.41
CA THR A 41 -9.86 43.48 -6.57
C THR A 41 -10.74 44.72 -6.63
N VAL A 42 -12.04 44.50 -6.75
CA VAL A 42 -13.03 45.57 -6.69
C VAL A 42 -13.84 45.40 -5.43
N HIS A 43 -14.31 46.53 -4.88
CA HIS A 43 -15.12 46.56 -3.68
C HIS A 43 -16.57 46.85 -4.05
N GLU A 44 -17.39 47.19 -3.07
CA GLU A 44 -18.78 47.58 -3.30
C GLU A 44 -18.80 49.01 -3.82
N ASP A 45 -18.36 49.16 -5.07
CA ASP A 45 -18.23 50.47 -5.70
C ASP A 45 -18.78 50.42 -7.12
N PRO A 46 -19.42 51.50 -7.58
CA PRO A 46 -20.14 51.46 -8.86
C PRO A 46 -19.16 51.34 -10.03
N ASP A 47 -19.30 50.24 -10.78
CA ASP A 47 -18.56 50.00 -12.02
C ASP A 47 -17.05 50.09 -11.81
N GLU A 48 -16.58 49.73 -10.62
CA GLU A 48 -15.14 49.69 -10.39
C GLU A 48 -14.45 48.61 -11.22
N VAL A 49 -15.20 47.62 -11.71
CA VAL A 49 -14.63 46.58 -12.54
C VAL A 49 -14.23 47.16 -13.91
N GLU A 50 -15.04 48.07 -14.45
CA GLU A 50 -14.68 48.71 -15.70
C GLU A 50 -13.39 49.51 -15.55
N GLU A 51 -13.19 50.13 -14.39
CA GLU A 51 -11.94 50.83 -14.13
C GLU A 51 -10.77 49.85 -14.07
N ALA A 52 -11.01 48.65 -13.53
CA ALA A 52 -9.94 47.65 -13.42
C ALA A 52 -9.67 46.96 -14.75
N ILE A 53 -10.69 46.81 -15.60
CA ILE A 53 -10.48 46.19 -16.91
C ILE A 53 -9.63 47.09 -17.79
N ASN A 54 -9.99 48.37 -17.87
CA ASN A 54 -9.20 49.31 -18.66
C ASN A 54 -7.81 49.52 -18.07
N THR A 55 -7.62 49.24 -16.78
CA THR A 55 -6.28 49.25 -16.20
C THR A 55 -5.47 48.05 -16.70
N LEU A 56 -6.09 46.87 -16.73
CA LEU A 56 -5.43 45.70 -17.30
C LEU A 56 -5.16 45.89 -18.79
N ARG A 57 -6.08 46.53 -19.51
CA ARG A 57 -5.86 46.79 -20.94
C ARG A 57 -4.61 47.62 -21.16
N GLU A 58 -4.34 48.59 -20.28
CA GLU A 58 -3.12 49.39 -20.41
C GLU A 58 -1.88 48.54 -20.17
N ARG A 59 -1.98 47.53 -19.29
CA ARG A 59 -0.86 46.64 -19.04
C ARG A 59 -0.68 45.59 -20.13
N ARG A 60 -1.34 45.76 -21.29
CA ARG A 60 -1.14 44.90 -22.45
C ARG A 60 -1.39 43.43 -22.12
N VAL A 61 -2.47 43.17 -21.37
CA VAL A 61 -2.77 41.81 -20.99
C VAL A 61 -3.22 41.02 -22.21
N ASP A 62 -2.86 39.74 -22.23
CA ASP A 62 -3.30 38.84 -23.29
C ASP A 62 -4.76 38.43 -23.15
N GLY A 63 -5.31 38.47 -21.95
CA GLY A 63 -6.71 38.12 -21.72
C GLY A 63 -7.12 38.53 -20.33
N ILE A 64 -8.43 38.50 -20.10
CA ILE A 64 -9.00 38.91 -18.82
C ILE A 64 -10.04 37.89 -18.40
N ILE A 65 -10.06 37.57 -17.11
CA ILE A 65 -11.09 36.74 -16.50
C ILE A 65 -11.81 37.57 -15.45
N ILE A 66 -13.13 37.64 -15.54
CA ILE A 66 -13.94 38.41 -14.61
C ILE A 66 -14.59 37.45 -13.62
N VAL A 67 -14.27 37.62 -12.33
CA VAL A 67 -14.86 36.84 -11.26
C VAL A 67 -15.55 37.79 -10.29
N ALA A 68 -16.55 38.54 -10.78
CA ALA A 68 -17.22 39.52 -9.95
C ALA A 68 -18.50 39.94 -10.66
N PRO A 69 -19.50 40.38 -9.91
CA PRO A 69 -20.69 40.98 -10.56
C PRO A 69 -20.29 42.25 -11.31
N HIS A 70 -20.76 42.36 -12.55
CA HIS A 70 -20.46 43.53 -13.36
C HIS A 70 -21.53 43.77 -14.42
N ASN A 71 -21.12 44.19 -15.63
CA ASN A 71 -21.98 44.55 -16.75
C ASN A 71 -23.29 45.23 -16.34
N VAL A 84 -9.93 44.01 -29.16
CA VAL A 84 -9.98 44.11 -27.71
C VAL A 84 -9.38 42.86 -27.09
N PRO A 85 -8.74 43.01 -25.93
CA PRO A 85 -8.29 41.83 -25.17
C PRO A 85 -9.47 40.95 -24.83
N PRO A 86 -9.37 39.64 -25.08
CA PRO A 86 -10.49 38.75 -24.85
C PRO A 86 -10.83 38.63 -23.36
N VAL A 87 -12.13 38.51 -23.08
CA VAL A 87 -12.64 38.48 -21.71
C VAL A 87 -13.46 37.21 -21.53
N VAL A 88 -13.38 36.63 -20.34
CA VAL A 88 -14.20 35.50 -19.96
C VAL A 88 -14.86 35.81 -18.62
N PHE A 89 -16.16 35.62 -18.55
CA PHE A 89 -16.92 35.86 -17.33
C PHE A 89 -17.27 34.54 -16.66
N LEU A 90 -17.31 34.54 -15.34
CA LEU A 90 -17.69 33.37 -14.56
C LEU A 90 -19.12 33.50 -14.04
N SER A 91 -20.06 33.82 -14.93
CA SER A 91 -21.46 34.00 -14.57
C SER A 91 -22.37 33.55 -15.70
N ALA A 92 -23.15 34.47 -16.26
CA ALA A 92 -24.09 34.12 -17.32
C ALA A 92 -23.87 34.97 -18.57
N GLN A 93 -24.32 36.23 -18.51
CA GLN A 93 -24.11 37.22 -19.57
C GLN A 93 -24.76 36.77 -20.88
N VAL A 97 -21.24 35.57 -25.59
CA VAL A 97 -20.19 35.82 -24.59
C VAL A 97 -19.85 34.54 -23.83
N PRO A 98 -18.56 34.28 -23.66
CA PRO A 98 -18.14 33.02 -23.02
C PRO A 98 -18.34 33.06 -21.51
N THR A 99 -18.89 31.95 -20.99
CA THR A 99 -19.16 31.84 -19.57
C THR A 99 -18.78 30.44 -19.09
N VAL A 100 -18.30 30.39 -17.86
CA VAL A 100 -18.02 29.15 -17.14
C VAL A 100 -18.60 29.29 -15.75
N SER A 101 -19.51 28.39 -15.38
CA SER A 101 -20.21 28.54 -14.12
C SER A 101 -20.77 27.19 -13.68
N VAL A 102 -21.13 27.12 -12.42
CA VAL A 102 -21.79 25.95 -11.84
C VAL A 102 -23.30 26.19 -11.88
N ASP A 103 -24.07 25.13 -12.10
CA ASP A 103 -25.53 25.28 -12.07
C ASP A 103 -26.02 25.60 -10.67
N GLN A 104 -26.13 26.89 -10.35
CA GLN A 104 -26.57 27.31 -9.02
C GLN A 104 -28.03 26.95 -8.76
N TYR A 105 -28.89 27.17 -9.76
CA TYR A 105 -30.32 26.87 -9.64
C TYR A 105 -30.55 25.41 -9.31
N ALA A 106 -29.90 24.51 -10.04
CA ALA A 106 -30.06 23.08 -9.78
C ALA A 106 -29.50 22.69 -8.41
N GLY A 107 -28.43 23.35 -7.96
CA GLY A 107 -27.90 23.06 -6.64
C GLY A 107 -28.88 23.42 -5.53
N ALA A 108 -29.43 24.63 -5.58
CA ALA A 108 -30.44 25.00 -4.58
C ALA A 108 -31.64 24.06 -4.66
N ARG A 109 -32.00 23.62 -5.86
CA ARG A 109 -33.07 22.64 -6.02
C ARG A 109 -32.74 21.35 -5.28
N LEU A 110 -31.49 20.88 -5.40
CA LEU A 110 -31.08 19.68 -4.68
C LEU A 110 -31.16 19.90 -3.18
N ALA A 111 -30.69 21.05 -2.69
CA ALA A 111 -30.74 21.34 -1.27
C ALA A 111 -32.18 21.34 -0.76
N THR A 112 -33.08 21.98 -1.51
CA THR A 112 -34.45 22.12 -1.05
C THR A 112 -35.22 20.82 -1.22
N GLU A 113 -34.97 20.08 -2.31
CA GLU A 113 -35.62 18.80 -2.48
C GLU A 113 -35.12 17.79 -1.47
N HIS A 114 -33.89 17.94 -0.99
CA HIS A 114 -33.40 17.11 0.11
C HIS A 114 -34.28 17.28 1.35
N LEU A 115 -34.56 18.53 1.73
CA LEU A 115 -35.37 18.78 2.91
C LEU A 115 -36.82 18.31 2.70
N LEU A 116 -37.41 18.62 1.55
CA LEU A 116 -38.77 18.16 1.26
C LEU A 116 -38.87 16.63 1.33
N ASP A 117 -37.84 15.93 0.86
CA ASP A 117 -37.87 14.47 0.91
C ASP A 117 -37.81 13.95 2.33
N LEU A 118 -37.35 14.75 3.29
CA LEU A 118 -37.31 14.34 4.69
C LEU A 118 -38.61 14.62 5.43
N GLY A 119 -39.56 15.33 4.82
CA GLY A 119 -40.81 15.69 5.47
C GLY A 119 -40.98 17.16 5.78
N HIS A 120 -39.93 17.97 5.66
CA HIS A 120 -40.03 19.40 5.92
C HIS A 120 -40.93 20.08 4.89
N ARG A 121 -41.80 20.96 5.38
CA ARG A 121 -42.69 21.72 4.52
C ARG A 121 -42.60 23.22 4.74
N ARG A 122 -42.11 23.67 5.89
CA ARG A 122 -41.92 25.07 6.19
C ARG A 122 -40.41 25.26 6.23
N ILE A 123 -39.84 25.63 5.08
CA ILE A 123 -38.40 25.67 4.87
C ILE A 123 -37.98 27.11 4.60
N ALA A 124 -37.34 27.73 5.58
CA ALA A 124 -36.90 29.10 5.42
C ALA A 124 -35.68 29.20 4.52
N LEU A 125 -35.50 30.36 3.90
CA LEU A 125 -34.34 30.63 3.06
C LEU A 125 -33.67 31.90 3.55
N ILE A 126 -32.36 31.84 3.77
CA ILE A 126 -31.55 33.03 3.97
C ILE A 126 -30.68 33.17 2.73
N THR A 127 -30.89 34.25 1.99
CA THR A 127 -30.25 34.38 0.70
C THR A 127 -29.09 35.37 0.79
N GLY A 128 -28.26 35.36 -0.25
CA GLY A 128 -27.20 36.32 -0.36
C GLY A 128 -27.70 37.64 -0.90
N PRO A 129 -26.78 38.59 -1.04
CA PRO A 129 -27.17 39.88 -1.62
C PRO A 129 -27.59 39.71 -3.08
N GLN A 130 -28.68 40.39 -3.45
CA GLN A 130 -29.31 40.16 -4.76
C GLN A 130 -28.48 40.66 -5.93
N ASP A 131 -27.48 41.51 -5.70
CA ASP A 131 -26.62 41.91 -6.81
C ASP A 131 -25.73 40.76 -7.29
N TRP A 132 -25.69 39.66 -6.56
CA TRP A 132 -25.01 38.45 -7.03
C TRP A 132 -26.04 37.59 -7.74
N LEU A 133 -25.75 37.21 -8.99
CA LEU A 133 -26.69 36.40 -9.74
C LEU A 133 -26.88 35.03 -9.10
N GLU A 134 -25.83 34.47 -8.51
CA GLU A 134 -25.94 33.18 -7.83
C GLU A 134 -27.00 33.23 -6.74
N ALA A 135 -27.06 34.34 -6.01
CA ALA A 135 -28.03 34.46 -4.93
C ALA A 135 -29.45 34.44 -5.48
N ARG A 136 -29.70 35.10 -6.62
CA ARG A 136 -31.01 35.06 -7.23
C ARG A 136 -31.34 33.68 -7.77
N GLU A 137 -30.36 33.02 -8.41
CA GLU A 137 -30.58 31.68 -8.95
C GLU A 137 -30.89 30.68 -7.84
N ARG A 138 -30.14 30.75 -6.72
CA ARG A 138 -30.42 29.88 -5.58
C ARG A 138 -31.77 30.18 -4.96
N LEU A 139 -32.18 31.44 -4.98
CA LEU A 139 -33.53 31.77 -4.54
C LEU A 139 -34.57 31.09 -5.42
N GLN A 140 -34.39 31.15 -6.74
CA GLN A 140 -35.41 30.63 -7.64
C GLN A 140 -35.47 29.11 -7.61
N GLY A 141 -34.31 28.46 -7.42
CA GLY A 141 -34.31 27.01 -7.31
C GLY A 141 -35.01 26.54 -6.05
N TRP A 142 -34.87 27.31 -4.97
CA TRP A 142 -35.61 27.04 -3.76
C TRP A 142 -37.11 27.27 -3.97
N ARG A 143 -37.48 28.39 -4.60
CA ARG A 143 -38.90 28.66 -4.84
C ARG A 143 -39.52 27.61 -5.74
N GLU A 144 -38.82 27.20 -6.80
CA GLU A 144 -39.41 26.26 -7.75
C GLU A 144 -39.59 24.88 -7.13
N ALA A 145 -38.71 24.50 -6.21
CA ALA A 145 -38.86 23.22 -5.54
C ALA A 145 -40.08 23.22 -4.64
N LEU A 146 -40.36 24.35 -3.97
CA LEU A 146 -41.53 24.43 -3.11
C LEU A 146 -42.80 24.54 -3.94
N ALA A 147 -42.75 25.27 -5.05
CA ALA A 147 -43.92 25.39 -5.92
C ALA A 147 -44.30 24.05 -6.54
N GLU A 148 -43.31 23.24 -6.92
CA GLU A 148 -43.61 21.90 -7.44
C GLU A 148 -44.26 21.04 -6.36
N ALA A 149 -43.84 21.21 -5.11
CA ALA A 149 -44.48 20.53 -3.99
C ALA A 149 -45.81 21.16 -3.60
N GLY A 150 -46.27 22.17 -4.34
CA GLY A 150 -47.50 22.86 -4.00
C GLY A 150 -47.42 23.71 -2.75
N LEU A 151 -46.27 24.22 -2.42
CA LEU A 151 -46.14 25.04 -1.23
C LEU A 151 -45.88 26.49 -1.61
N PRO A 152 -46.51 27.45 -0.93
CA PRO A 152 -46.23 28.86 -1.19
C PRO A 152 -44.91 29.27 -0.57
N PRO A 153 -44.14 30.12 -1.23
CA PRO A 153 -42.80 30.45 -0.74
C PRO A 153 -42.86 31.47 0.39
N PRO A 154 -42.24 31.17 1.56
CA PRO A 154 -42.24 32.13 2.69
C PRO A 154 -41.53 33.43 2.37
N ALA A 155 -41.58 34.37 3.31
CA ALA A 155 -40.81 35.60 3.17
C ALA A 155 -39.33 35.29 3.34
N VAL A 156 -38.52 35.92 2.50
CA VAL A 156 -37.09 35.61 2.40
C VAL A 156 -36.31 36.70 3.12
N LEU A 157 -35.41 36.29 4.01
CA LEU A 157 -34.44 37.19 4.61
C LEU A 157 -33.17 37.21 3.78
N GLN A 158 -32.54 38.38 3.73
CA GLN A 158 -31.34 38.62 2.93
C GLN A 158 -30.11 38.73 3.82
N GLY A 159 -29.05 38.00 3.49
CA GLY A 159 -27.76 38.15 4.12
C GLY A 159 -26.75 38.77 3.18
N ASP A 160 -25.47 38.65 3.57
CA ASP A 160 -24.41 39.20 2.73
C ASP A 160 -23.19 38.28 2.68
N TRP A 161 -23.44 36.96 2.75
CA TRP A 161 -22.42 35.91 2.73
C TRP A 161 -21.67 35.79 4.06
N SER A 162 -21.80 36.77 4.96
CA SER A 162 -21.09 36.74 6.22
C SER A 162 -21.83 35.90 7.27
N ALA A 163 -21.05 35.28 8.15
CA ALA A 163 -21.64 34.53 9.26
C ALA A 163 -22.45 35.42 10.19
N ALA A 164 -22.03 36.68 10.39
CA ALA A 164 -22.83 37.63 11.15
C ALA A 164 -24.23 37.80 10.54
N SER A 165 -24.32 37.93 9.21
CA SER A 165 -25.63 38.11 8.57
C SER A 165 -26.49 36.86 8.71
N GLY A 166 -25.87 35.68 8.61
CA GLY A 166 -26.61 34.46 8.89
C GLY A 166 -27.12 34.42 10.31
N TYR A 167 -26.25 34.74 11.27
CA TYR A 167 -26.64 34.76 12.68
C TYR A 167 -27.77 35.77 12.94
N GLU A 168 -27.68 36.95 12.32
CA GLU A 168 -28.71 37.98 12.52
C GLU A 168 -30.02 37.58 11.86
N ALA A 169 -29.96 36.99 10.67
CA ALA A 169 -31.17 36.56 9.99
C ALA A 169 -31.87 35.47 10.77
N ALA A 170 -31.11 34.50 11.31
CA ALA A 170 -31.70 33.42 12.08
C ALA A 170 -32.35 33.93 13.35
N ARG A 171 -31.80 34.99 13.97
CA ARG A 171 -32.44 35.56 15.15
C ARG A 171 -33.77 36.21 14.79
N GLN A 172 -33.86 36.85 13.61
CA GLN A 172 -35.13 37.39 13.15
C GLN A 172 -36.15 36.28 12.95
N LEU A 173 -35.76 35.21 12.26
CA LEU A 173 -36.62 34.05 12.08
C LEU A 173 -37.07 33.43 13.41
N LEU A 174 -36.23 33.48 14.45
CA LEU A 174 -36.56 32.89 15.74
C LEU A 174 -37.48 33.75 16.59
N GLU A 175 -37.76 34.99 16.16
CA GLU A 175 -38.62 35.87 16.96
C GLU A 175 -40.02 35.30 17.07
N GLN A 176 -40.56 34.82 15.95
CA GLN A 176 -41.83 34.10 15.92
C GLN A 176 -41.62 32.86 15.06
N PRO A 177 -41.06 31.79 15.63
CA PRO A 177 -40.55 30.68 14.82
C PRO A 177 -41.69 29.95 14.11
N ASP A 178 -41.62 29.91 12.78
CA ASP A 178 -42.58 29.18 11.96
C ASP A 178 -41.86 28.40 10.88
N PHE A 179 -40.78 27.73 11.24
CA PHE A 179 -40.00 26.92 10.30
C PHE A 179 -39.50 25.68 11.03
N THR A 180 -39.23 24.63 10.26
CA THR A 180 -38.49 23.49 10.78
C THR A 180 -37.15 23.27 10.09
N ALA A 181 -36.84 24.02 9.03
CA ALA A 181 -35.56 23.85 8.34
C ALA A 181 -35.19 25.19 7.73
N ILE A 182 -33.88 25.48 7.74
CA ILE A 182 -33.33 26.72 7.18
C ILE A 182 -32.37 26.33 6.06
N PHE A 183 -32.56 26.94 4.89
CA PHE A 183 -31.59 26.86 3.80
C PHE A 183 -30.84 28.19 3.80
N ALA A 184 -29.58 28.16 4.25
CA ALA A 184 -28.67 29.30 4.15
C ALA A 184 -27.93 29.25 2.81
N ALA A 185 -27.94 30.38 2.07
CA ALA A 185 -27.45 30.43 0.69
C ALA A 185 -25.95 30.16 0.54
N ASN A 186 -25.19 30.10 1.64
CA ASN A 186 -23.82 29.61 1.63
C ASN A 186 -23.48 29.12 3.03
N ASP A 187 -22.27 28.55 3.18
CA ASP A 187 -21.86 27.91 4.42
C ASP A 187 -21.52 28.94 5.49
N GLN A 188 -20.86 30.04 5.12
CA GLN A 188 -20.55 31.09 6.08
C GLN A 188 -21.79 31.52 6.84
N MET A 189 -22.86 31.84 6.11
CA MET A 189 -24.10 32.23 6.76
C MET A 189 -24.70 31.07 7.56
N ALA A 190 -24.49 29.82 7.11
CA ALA A 190 -25.01 28.68 7.86
C ALA A 190 -24.34 28.56 9.22
N LEU A 191 -23.05 28.92 9.32
CA LEU A 191 -22.38 28.84 10.61
C LEU A 191 -23.04 29.77 11.62
N GLY A 192 -23.37 30.99 11.20
CA GLY A 192 -24.08 31.89 12.08
C GLY A 192 -25.46 31.38 12.45
N VAL A 193 -26.13 30.72 11.50
CA VAL A 193 -27.44 30.12 11.77
C VAL A 193 -27.31 29.07 12.86
N LEU A 194 -26.32 28.17 12.71
CA LEU A 194 -26.04 27.19 13.75
C LEU A 194 -25.79 27.86 15.10
N ARG A 195 -25.09 28.99 15.10
CA ARG A 195 -24.78 29.69 16.35
C ARG A 195 -26.05 30.17 17.03
N ALA A 196 -26.91 30.90 16.29
CA ALA A 196 -28.16 31.41 16.83
C ALA A 196 -29.06 30.29 17.33
N LEU A 197 -29.04 29.14 16.66
CA LEU A 197 -29.90 28.02 17.07
C LEU A 197 -29.44 27.43 18.38
N HIS A 198 -28.12 27.27 18.56
CA HIS A 198 -27.59 26.77 19.82
C HIS A 198 -27.90 27.71 20.97
N GLU A 199 -27.68 29.00 20.78
CA GLU A 199 -28.02 30.00 21.78
C GLU A 199 -29.45 29.84 22.29
N ARG A 200 -30.41 29.72 21.37
CA ARG A 200 -31.81 29.58 21.76
C ARG A 200 -32.13 28.20 22.33
N GLY A 201 -31.14 27.30 22.45
CA GLY A 201 -31.39 25.97 22.99
C GLY A 201 -32.00 25.00 22.00
N LEU A 202 -31.98 25.30 20.71
CA LEU A 202 -32.59 24.44 19.71
C LEU A 202 -31.56 23.47 19.17
N ARG A 203 -31.93 22.19 19.13
CA ARG A 203 -31.03 21.16 18.65
C ARG A 203 -31.09 21.06 17.12
N VAL A 204 -29.94 20.80 16.53
CA VAL A 204 -29.81 20.57 15.10
C VAL A 204 -29.25 19.16 14.92
N PRO A 205 -29.90 18.29 14.14
CA PRO A 205 -31.10 18.51 13.33
C PRO A 205 -32.42 18.19 14.01
N ASP A 206 -32.44 17.84 15.30
CA ASP A 206 -33.68 17.32 15.90
C ASP A 206 -34.77 18.38 15.96
N ASP A 207 -34.42 19.62 16.28
CA ASP A 207 -35.40 20.69 16.29
C ASP A 207 -35.48 21.44 14.97
N VAL A 208 -34.33 21.69 14.32
CA VAL A 208 -34.26 22.49 13.10
C VAL A 208 -33.17 21.90 12.20
N SER A 209 -33.50 21.65 10.94
CA SER A 209 -32.51 21.17 9.98
C SER A 209 -31.89 22.37 9.25
N VAL A 210 -30.59 22.29 8.98
CA VAL A 210 -29.83 23.36 8.34
C VAL A 210 -29.08 22.78 7.14
N VAL A 211 -29.20 23.44 5.99
CA VAL A 211 -28.44 23.12 4.78
C VAL A 211 -27.68 24.36 4.36
N GLY A 212 -26.41 24.19 4.01
CA GLY A 212 -25.62 25.29 3.49
C GLY A 212 -25.47 25.25 1.97
N PHE A 213 -24.36 25.81 1.49
CA PHE A 213 -24.03 25.85 0.08
C PHE A 213 -22.58 26.30 -0.06
N ASP A 214 -21.77 25.55 -0.82
CA ASP A 214 -20.37 25.79 -1.18
C ASP A 214 -19.52 24.56 -0.87
N ASP A 215 -19.77 23.94 0.28
CA ASP A 215 -18.87 22.92 0.85
C ASP A 215 -17.46 23.48 1.06
N ILE A 216 -17.36 24.49 1.92
CA ILE A 216 -16.06 25.02 2.36
C ILE A 216 -15.42 24.01 3.32
N PRO A 217 -14.09 24.00 3.45
CA PRO A 217 -13.44 22.95 4.26
C PRO A 217 -13.90 22.92 5.71
N GLU A 218 -14.29 24.07 6.25
CA GLU A 218 -14.73 24.11 7.64
C GLU A 218 -16.06 23.41 7.86
N SER A 219 -16.90 23.31 6.82
CA SER A 219 -18.27 22.86 7.00
C SER A 219 -18.34 21.44 7.56
N ALA A 220 -17.39 20.58 7.18
CA ALA A 220 -17.32 19.22 7.71
C ALA A 220 -16.98 19.17 9.19
N TYR A 221 -16.63 20.30 9.80
CA TYR A 221 -16.26 20.33 11.21
C TYR A 221 -17.12 21.32 11.99
N PHE A 222 -18.26 21.74 11.41
CA PHE A 222 -19.23 22.55 12.13
C PHE A 222 -19.90 21.72 13.21
N HIS A 223 -20.70 22.38 14.03
CA HIS A 223 -21.47 21.65 15.04
C HIS A 223 -22.95 21.76 14.71
N PRO A 224 -23.56 20.72 14.14
CA PRO A 224 -22.95 19.46 13.70
C PRO A 224 -22.40 19.60 12.28
N PRO A 225 -21.65 18.61 11.78
CA PRO A 225 -21.21 18.66 10.37
C PRO A 225 -22.34 18.98 9.42
N LEU A 226 -22.11 19.99 8.58
CA LEU A 226 -23.19 20.65 7.87
C LEU A 226 -23.45 20.00 6.51
N THR A 227 -24.71 19.68 6.24
CA THR A 227 -25.11 19.27 4.90
C THR A 227 -25.07 20.48 3.97
N THR A 228 -24.44 20.31 2.81
CA THR A 228 -24.15 21.44 1.94
C THR A 228 -24.08 20.95 0.49
N VAL A 229 -24.01 21.90 -0.42
CA VAL A 229 -23.91 21.65 -1.86
C VAL A 229 -22.51 22.02 -2.29
N ARG A 230 -21.79 21.05 -2.88
CA ARG A 230 -20.39 21.25 -3.19
C ARG A 230 -20.21 21.92 -4.54
N GLN A 231 -19.41 22.98 -4.56
CA GLN A 231 -18.93 23.59 -5.79
C GLN A 231 -17.44 23.30 -5.91
N ASP A 232 -17.02 22.97 -7.14
CA ASP A 232 -15.60 22.76 -7.44
C ASP A 232 -15.02 24.08 -7.90
N PHE A 233 -14.58 24.89 -6.93
CA PHE A 233 -14.10 26.23 -7.23
C PHE A 233 -12.78 26.19 -7.99
N GLU A 234 -11.88 25.29 -7.62
CA GLU A 234 -10.57 25.23 -8.27
C GLU A 234 -10.72 24.92 -9.76
N GLU A 235 -11.40 23.83 -10.10
CA GLU A 235 -11.61 23.46 -11.49
C GLU A 235 -12.36 24.54 -12.25
N LEU A 236 -13.24 25.29 -11.56
CA LEU A 236 -13.91 26.42 -12.18
C LEU A 236 -12.90 27.43 -12.70
N GLY A 237 -11.87 27.75 -11.89
CA GLY A 237 -10.89 28.72 -12.31
C GLY A 237 -9.97 28.20 -13.40
N ARG A 238 -9.64 26.91 -13.36
CA ARG A 238 -8.82 26.31 -14.41
C ARG A 238 -9.55 26.32 -15.74
N GLN A 239 -10.81 25.87 -15.75
CA GLN A 239 -11.60 25.90 -16.98
C GLN A 239 -11.73 27.31 -17.54
N ALA A 240 -11.80 28.31 -16.65
CA ALA A 240 -11.82 29.69 -17.12
C ALA A 240 -10.53 30.04 -17.86
N VAL A 241 -9.39 29.56 -17.36
CA VAL A 241 -8.13 29.81 -18.06
C VAL A 241 -8.10 29.06 -19.39
N GLU A 242 -8.62 27.82 -19.41
CA GLU A 242 -8.66 27.07 -20.65
C GLU A 242 -9.52 27.78 -21.70
N GLN A 243 -10.68 28.29 -21.29
CA GLN A 243 -11.54 29.04 -22.19
C GLN A 243 -10.82 30.28 -22.73
N LEU A 244 -10.12 31.00 -21.86
CA LEU A 244 -9.47 32.24 -22.28
C LEU A 244 -8.31 31.96 -23.22
N LEU A 245 -7.56 30.87 -23.01
CA LEU A 245 -6.45 30.56 -23.89
C LEU A 245 -6.94 30.23 -25.29
N GLU A 246 -8.01 29.43 -25.38
CA GLU A 246 -8.61 29.12 -26.66
C GLU A 246 -9.06 30.37 -27.41
N MET A 247 -9.50 31.40 -26.69
CA MET A 247 -9.89 32.65 -27.35
C MET A 247 -8.69 33.54 -27.67
N ILE A 248 -7.66 33.52 -26.81
CA ILE A 248 -6.46 34.31 -27.10
C ILE A 248 -5.82 33.86 -28.41
N GLU A 249 -5.95 32.58 -28.76
CA GLU A 249 -5.15 32.00 -29.83
C GLU A 249 -5.96 31.51 -31.03
N GLY A 250 -5.45 30.46 -31.68
CA GLY A 250 -5.99 29.96 -32.93
C GLY A 250 -7.35 29.30 -32.84
N GLU A 251 -8.17 29.77 -31.90
CA GLU A 251 -9.58 29.40 -31.81
C GLU A 251 -10.34 30.67 -31.42
N GLU A 252 -11.49 30.49 -30.76
CA GLU A 252 -12.31 31.52 -30.12
C GLU A 252 -13.67 30.98 -29.70
N PRO A 253 -14.42 30.30 -30.58
CA PRO A 253 -15.75 29.79 -30.18
C PRO A 253 -15.63 28.71 -29.13
N PRO A 254 -16.08 28.98 -27.90
CA PRO A 254 -15.89 28.04 -26.82
C PRO A 254 -17.18 27.31 -26.49
N PRO A 255 -17.12 26.21 -25.75
CA PRO A 255 -18.34 25.58 -25.27
C PRO A 255 -18.80 26.21 -23.97
N PRO A 256 -20.02 26.77 -23.93
CA PRO A 256 -20.55 27.29 -22.66
C PRO A 256 -20.63 26.21 -21.60
N ALA A 257 -19.78 26.31 -20.57
CA ALA A 257 -19.60 25.23 -19.62
C ALA A 257 -20.52 25.38 -18.42
N VAL A 258 -21.05 24.25 -17.95
CA VAL A 258 -21.86 24.18 -16.74
C VAL A 258 -21.34 23.00 -15.92
N LEU A 259 -20.70 23.30 -14.78
CA LEU A 259 -20.19 22.28 -13.87
C LEU A 259 -21.29 21.81 -12.92
N PRO A 260 -21.41 20.49 -12.72
CA PRO A 260 -22.54 19.96 -11.96
C PRO A 260 -22.32 20.12 -10.47
N PRO A 261 -23.36 20.52 -9.73
CA PRO A 261 -23.26 20.60 -8.28
C PRO A 261 -23.62 19.28 -7.60
N GLU A 262 -23.13 19.14 -6.38
CA GLU A 262 -23.19 17.86 -5.68
C GLU A 262 -23.62 18.09 -4.23
N LEU A 263 -24.63 17.35 -3.79
CA LEU A 263 -25.13 17.47 -2.43
C LEU A 263 -24.30 16.59 -1.50
N ILE A 264 -23.77 17.21 -0.44
CA ILE A 264 -22.92 16.52 0.54
C ILE A 264 -23.75 16.35 1.81
N VAL A 265 -24.33 15.17 2.00
CA VAL A 265 -25.21 14.94 3.13
C VAL A 265 -24.37 14.59 4.35
N ARG A 266 -24.53 15.36 5.42
CA ARG A 266 -23.73 15.11 6.62
C ARG A 266 -24.60 14.81 7.83
N GLU A 267 -24.72 15.74 8.77
CA GLU A 267 -25.40 15.43 10.03
C GLU A 267 -26.35 16.54 10.47
N SER A 268 -26.56 17.58 9.67
CA SER A 268 -27.37 18.71 10.10
C SER A 268 -28.79 18.66 9.55
N THR A 269 -29.24 17.54 9.00
CA THR A 269 -30.62 17.44 8.52
C THR A 269 -31.22 16.13 9.01
N ALA A 270 -32.54 16.15 9.20
CA ALA A 270 -33.29 15.02 9.72
C ALA A 270 -34.76 15.29 9.50
N PRO A 271 -35.60 14.25 9.51
CA PRO A 271 -37.05 14.50 9.41
C PRO A 271 -37.52 15.41 10.53
N PRO A 272 -38.48 16.28 10.26
CA PRO A 272 -38.95 17.18 11.32
C PRO A 272 -39.68 16.42 12.41
N GLU A 273 -39.75 17.03 13.59
CA GLU A 273 -40.60 16.54 14.66
C GLU A 273 -42.07 16.78 14.30
N ASN A 274 -42.94 15.83 14.67
CA ASN A 274 -44.33 15.83 14.23
C ASN A 274 -44.40 15.72 12.71
N LEU A 275 -43.69 14.71 12.20
CA LEU A 275 -43.49 14.52 10.76
C LEU A 275 -44.81 14.53 10.00
N TYR A 276 -45.80 13.77 10.48
CA TYR A 276 -47.04 13.59 9.74
C TYR A 276 -48.03 14.72 9.96
N PHE A 277 -47.67 15.76 10.70
CA PHE A 277 -48.53 16.93 10.87
C PHE A 277 -47.96 18.16 10.17
N GLN A 278 -46.91 18.00 9.38
CA GLN A 278 -46.37 19.11 8.60
C GLN A 278 -47.19 19.31 7.32
N THR B 6 9.12 -2.25 15.94
CA THR B 6 9.40 -2.53 17.34
C THR B 6 10.38 -3.71 17.47
N ILE B 7 10.66 -4.38 16.35
CA ILE B 7 11.79 -5.30 16.25
C ILE B 7 12.54 -4.96 14.98
N GLY B 8 13.85 -4.80 15.08
CA GLY B 8 14.68 -4.45 13.94
C GLY B 8 15.47 -5.67 13.48
N VAL B 9 15.53 -5.85 12.16
CA VAL B 9 16.33 -6.92 11.57
C VAL B 9 17.29 -6.30 10.57
N VAL B 10 18.53 -6.78 10.58
CA VAL B 10 19.56 -6.38 9.64
C VAL B 10 19.93 -7.59 8.81
N THR B 11 19.56 -7.57 7.53
CA THR B 11 19.73 -8.71 6.66
C THR B 11 20.62 -8.35 5.47
N THR B 12 20.99 -9.38 4.71
CA THR B 12 21.79 -9.22 3.50
C THR B 12 21.56 -10.45 2.62
N GLY B 13 22.00 -10.34 1.37
CA GLY B 13 21.80 -11.43 0.42
C GLY B 13 20.35 -11.80 0.21
N LEU B 14 19.45 -10.81 0.22
CA LEU B 14 18.03 -11.06 0.03
C LEU B 14 17.70 -11.60 -1.35
N SER B 15 18.63 -11.52 -2.30
CA SER B 15 18.42 -12.21 -3.56
C SER B 15 18.38 -13.72 -3.39
N PHE B 16 19.05 -14.25 -2.38
CA PHE B 16 19.12 -15.69 -2.20
C PHE B 16 17.96 -16.18 -1.36
N TYR B 17 17.60 -17.45 -1.55
CA TYR B 17 16.44 -18.03 -0.89
C TYR B 17 16.60 -18.06 0.62
N GLY B 18 17.78 -18.47 1.10
CA GLY B 18 18.05 -18.62 2.52
C GLY B 18 17.75 -17.39 3.36
N PRO B 19 18.46 -16.28 3.11
CA PRO B 19 18.19 -15.07 3.89
C PRO B 19 16.75 -14.57 3.77
N SER B 20 16.11 -14.70 2.61
CA SER B 20 14.75 -14.20 2.49
C SER B 20 13.75 -15.07 3.25
N GLN B 21 14.00 -16.39 3.28
CA GLN B 21 13.12 -17.27 4.05
C GLN B 21 13.36 -17.14 5.54
N ILE B 22 14.59 -16.81 5.94
CA ILE B 22 14.83 -16.44 7.34
C ILE B 22 14.03 -15.20 7.70
N LEU B 23 13.90 -14.27 6.75
CA LEU B 23 13.13 -13.05 6.99
C LEU B 23 11.64 -13.35 7.06
N VAL B 24 11.15 -14.30 6.25
CA VAL B 24 9.74 -14.66 6.33
C VAL B 24 9.43 -15.27 7.70
N GLY B 25 10.34 -16.13 8.19
CA GLY B 25 10.18 -16.66 9.53
C GLY B 25 10.22 -15.60 10.62
N ILE B 26 11.04 -14.56 10.44
CA ILE B 26 11.14 -13.52 11.45
C ILE B 26 9.88 -12.66 11.47
N GLU B 27 9.42 -12.23 10.29
CA GLU B 27 8.23 -11.39 10.20
C GLU B 27 7.01 -12.11 10.78
N ARG B 28 6.87 -13.41 10.47
CA ARG B 28 5.67 -14.14 10.88
C ARG B 28 5.66 -14.38 12.38
N ALA B 29 6.81 -14.74 12.95
CA ALA B 29 6.90 -14.89 14.39
C ALA B 29 6.70 -13.55 15.10
N ALA B 30 7.22 -12.47 14.51
CA ALA B 30 7.05 -11.14 15.12
C ALA B 30 5.59 -10.71 15.07
N ARG B 31 4.96 -10.86 13.89
CA ARG B 31 3.55 -10.50 13.75
C ARG B 31 2.67 -11.37 14.62
N GLU B 32 3.06 -12.63 14.84
CA GLU B 32 2.32 -13.51 15.74
C GLU B 32 2.36 -13.01 17.19
N HIS B 33 3.37 -12.22 17.56
CA HIS B 33 3.51 -11.69 18.91
C HIS B 33 3.17 -10.21 18.99
N GLY B 34 2.55 -9.63 17.96
CA GLY B 34 2.17 -8.23 17.95
C GLY B 34 3.27 -7.24 17.64
N TYR B 35 4.44 -7.71 17.24
CA TYR B 35 5.58 -6.84 16.97
C TYR B 35 5.63 -6.46 15.50
N SER B 36 5.89 -5.17 15.23
CA SER B 36 6.23 -4.74 13.88
C SER B 36 7.69 -5.06 13.58
N LEU B 37 8.07 -4.87 12.31
CA LEU B 37 9.40 -5.26 11.84
C LEU B 37 10.02 -4.14 11.04
N LEU B 38 11.15 -3.63 11.52
CA LEU B 38 11.94 -2.65 10.79
C LEU B 38 13.08 -3.38 10.10
N LEU B 39 13.21 -3.18 8.79
CA LEU B 39 14.13 -3.93 7.95
C LEU B 39 15.32 -3.07 7.55
N ALA B 40 16.51 -3.67 7.61
CA ALA B 40 17.73 -3.00 7.18
C ALA B 40 18.56 -3.98 6.35
N THR B 41 19.07 -3.54 5.22
CA THR B 41 19.94 -4.35 4.39
C THR B 41 21.34 -3.77 4.36
N VAL B 42 22.34 -4.65 4.24
CA VAL B 42 23.74 -4.28 4.12
C VAL B 42 24.33 -4.99 2.92
N HIS B 43 25.21 -4.32 2.20
CA HIS B 43 25.86 -4.89 1.03
C HIS B 43 27.29 -5.32 1.42
N GLU B 44 28.33 -4.99 0.65
CA GLU B 44 29.66 -5.52 0.93
C GLU B 44 30.25 -4.94 2.21
N ASP B 45 30.05 -3.64 2.45
CA ASP B 45 30.69 -2.95 3.57
C ASP B 45 30.38 -3.64 4.90
N PRO B 46 31.39 -4.13 5.63
CA PRO B 46 31.12 -4.84 6.90
C PRO B 46 30.76 -3.88 8.02
N ASP B 47 31.37 -2.70 8.05
CA ASP B 47 31.02 -1.70 9.07
C ASP B 47 29.63 -1.09 8.84
N GLU B 48 29.06 -1.27 7.65
CA GLU B 48 27.73 -0.74 7.37
C GLU B 48 26.65 -1.41 8.22
N VAL B 49 26.95 -2.55 8.84
CA VAL B 49 26.01 -3.19 9.75
C VAL B 49 25.84 -2.35 11.01
N GLU B 50 26.96 -1.92 11.60
CA GLU B 50 26.89 -1.11 12.81
C GLU B 50 26.13 0.19 12.58
N GLU B 51 26.23 0.76 11.38
CA GLU B 51 25.45 1.95 11.07
C GLU B 51 23.96 1.65 11.09
N ALA B 52 23.56 0.44 10.66
CA ALA B 52 22.17 0.06 10.71
C ALA B 52 21.71 -0.21 12.14
N ILE B 53 22.59 -0.82 12.96
CA ILE B 53 22.27 -1.05 14.36
C ILE B 53 22.02 0.28 15.07
N ASN B 54 22.79 1.31 14.70
CA ASN B 54 22.59 2.62 15.29
C ASN B 54 21.32 3.29 14.80
N THR B 55 20.92 3.04 13.55
CA THR B 55 19.66 3.61 13.10
C THR B 55 18.49 2.94 13.82
N LEU B 56 18.59 1.63 14.04
CA LEU B 56 17.54 0.94 14.79
C LEU B 56 17.60 1.28 16.28
N ARG B 57 18.79 1.57 16.82
CA ARG B 57 18.89 1.83 18.26
C ARG B 57 18.07 3.04 18.65
N GLU B 58 17.91 4.00 17.74
CA GLU B 58 17.07 5.17 18.02
C GLU B 58 15.62 4.85 17.71
N ASP B 62 12.86 -2.40 20.58
CA ASP B 62 12.71 -3.41 21.63
C ASP B 62 13.74 -4.53 21.49
N GLY B 63 14.00 -4.95 20.27
CA GLY B 63 15.00 -5.97 20.03
C GLY B 63 15.52 -5.89 18.62
N ILE B 64 16.70 -6.47 18.41
CA ILE B 64 17.36 -6.46 17.10
C ILE B 64 17.81 -7.87 16.79
N ILE B 65 17.68 -8.28 15.52
CA ILE B 65 18.15 -9.58 15.05
C ILE B 65 19.12 -9.35 13.89
N ILE B 66 20.29 -9.97 13.96
CA ILE B 66 21.31 -9.83 12.94
C ILE B 66 21.30 -11.09 12.08
N VAL B 67 21.01 -10.92 10.78
CA VAL B 67 21.11 -12.01 9.82
C VAL B 67 22.11 -11.62 8.75
N ALA B 68 23.36 -11.40 9.15
CA ALA B 68 24.38 -10.95 8.21
C ALA B 68 25.74 -11.25 8.81
N PRO B 69 26.74 -11.53 7.97
CA PRO B 69 28.10 -11.77 8.48
C PRO B 69 28.62 -10.55 9.24
N HIS B 70 29.24 -10.82 10.39
CA HIS B 70 29.78 -9.75 11.22
C HIS B 70 31.05 -10.19 11.95
N VAL B 84 22.04 -1.08 23.33
CA VAL B 84 21.20 -1.13 24.53
C VAL B 84 20.09 -2.20 24.42
N PRO B 85 19.33 -2.24 23.32
CA PRO B 85 18.35 -3.31 23.16
C PRO B 85 19.06 -4.66 23.00
N PRO B 86 18.40 -5.75 23.36
CA PRO B 86 19.03 -7.07 23.18
C PRO B 86 19.14 -7.41 21.70
N VAL B 87 20.22 -8.10 21.34
CA VAL B 87 20.51 -8.47 19.95
C VAL B 87 20.72 -9.98 19.86
N VAL B 88 20.11 -10.60 18.85
CA VAL B 88 20.32 -12.01 18.53
C VAL B 88 21.03 -12.07 17.18
N PHE B 89 21.99 -12.98 17.06
CA PHE B 89 22.77 -13.15 15.85
C PHE B 89 22.45 -14.50 15.22
N LEU B 90 22.71 -14.60 13.92
CA LEU B 90 22.62 -15.84 13.18
C LEU B 90 23.96 -16.14 12.53
N SER B 91 24.42 -17.38 12.67
CA SER B 91 25.64 -17.92 12.08
C SER B 91 26.90 -17.49 12.83
N ALA B 92 26.84 -16.38 13.57
CA ALA B 92 27.94 -16.04 14.46
C ALA B 92 28.07 -17.11 15.54
N GLN B 93 29.31 -17.37 15.96
CA GLN B 93 29.61 -18.42 16.93
C GLN B 93 30.36 -17.89 18.16
N PRO B 94 29.78 -16.93 18.89
CA PRO B 94 30.43 -16.48 20.12
C PRO B 94 29.54 -16.75 21.33
N PRO B 95 29.96 -17.66 22.23
CA PRO B 95 29.20 -17.86 23.48
C PRO B 95 28.94 -16.57 24.24
N GLY B 96 29.75 -15.54 24.00
CA GLY B 96 29.51 -14.22 24.56
C GLY B 96 28.43 -13.46 23.83
N VAL B 97 27.63 -14.16 23.03
CA VAL B 97 26.54 -13.57 22.25
C VAL B 97 25.44 -14.63 22.09
N PRO B 98 24.16 -14.28 22.31
CA PRO B 98 23.08 -15.25 22.09
C PRO B 98 22.83 -15.46 20.60
N THR B 99 22.88 -16.73 20.18
CA THR B 99 22.78 -17.08 18.77
C THR B 99 21.86 -18.29 18.59
N VAL B 100 21.35 -18.41 17.36
CA VAL B 100 20.63 -19.59 16.90
C VAL B 100 21.11 -19.90 15.50
N SER B 101 21.29 -21.17 15.18
CA SER B 101 21.99 -21.52 13.95
C SER B 101 21.73 -22.96 13.56
N VAL B 102 22.21 -23.31 12.37
CA VAL B 102 22.16 -24.65 11.81
C VAL B 102 23.56 -25.21 11.87
N ASP B 103 23.69 -26.49 12.22
CA ASP B 103 25.01 -27.11 12.29
C ASP B 103 25.61 -27.28 10.91
N GLN B 104 26.24 -26.21 10.40
CA GLN B 104 26.81 -26.23 9.06
C GLN B 104 27.87 -27.32 8.91
N TYR B 105 28.71 -27.48 9.94
CA TYR B 105 29.76 -28.50 9.93
C TYR B 105 29.20 -29.89 9.73
N ALA B 106 28.28 -30.31 10.62
CA ALA B 106 27.69 -31.63 10.50
C ALA B 106 26.91 -31.78 9.20
N GLY B 107 26.37 -30.67 8.67
CA GLY B 107 25.74 -30.73 7.36
C GLY B 107 26.71 -31.13 6.27
N ALA B 108 27.86 -30.44 6.20
CA ALA B 108 28.83 -30.76 5.16
C ALA B 108 29.45 -32.12 5.37
N ARG B 109 29.53 -32.58 6.62
CA ARG B 109 29.97 -33.94 6.86
C ARG B 109 28.96 -34.94 6.32
N LEU B 110 27.66 -34.64 6.46
CA LEU B 110 26.64 -35.54 5.94
C LEU B 110 26.71 -35.62 4.41
N ALA B 111 26.86 -34.47 3.76
CA ALA B 111 27.01 -34.43 2.31
C ALA B 111 28.23 -35.24 1.86
N THR B 112 29.36 -35.11 2.56
CA THR B 112 30.59 -35.76 2.11
C THR B 112 30.59 -37.24 2.44
N GLU B 113 29.99 -37.61 3.58
CA GLU B 113 29.91 -39.02 3.92
C GLU B 113 28.99 -39.78 2.98
N HIS B 114 27.93 -39.11 2.48
CA HIS B 114 27.06 -39.71 1.48
C HIS B 114 27.82 -40.06 0.20
N LEU B 115 28.71 -39.18 -0.22
CA LEU B 115 29.55 -39.47 -1.39
C LEU B 115 30.56 -40.57 -1.07
N LEU B 116 31.19 -40.53 0.10
CA LEU B 116 32.17 -41.56 0.45
C LEU B 116 31.50 -42.93 0.59
N ASP B 117 30.30 -42.96 1.17
CA ASP B 117 29.54 -44.21 1.29
C ASP B 117 29.24 -44.80 -0.08
N LEU B 118 28.96 -43.95 -1.07
CA LEU B 118 28.76 -44.43 -2.42
C LEU B 118 30.05 -44.94 -3.07
N GLY B 119 31.22 -44.74 -2.46
CA GLY B 119 32.48 -45.18 -3.01
C GLY B 119 33.35 -44.10 -3.62
N HIS B 120 32.93 -42.83 -3.58
CA HIS B 120 33.76 -41.75 -4.07
C HIS B 120 34.93 -41.51 -3.13
N ARG B 121 36.11 -41.28 -3.69
CA ARG B 121 37.29 -40.97 -2.90
C ARG B 121 37.95 -39.66 -3.29
N ARG B 122 37.73 -39.19 -4.52
CA ARG B 122 38.26 -37.91 -4.99
C ARG B 122 37.06 -36.95 -5.16
N ILE B 123 36.69 -36.29 -4.07
CA ILE B 123 35.54 -35.39 -4.03
C ILE B 123 36.06 -33.95 -4.00
N ALA B 124 35.66 -33.15 -4.98
CA ALA B 124 36.03 -31.74 -5.00
C ALA B 124 35.03 -30.91 -4.21
N LEU B 125 35.49 -29.73 -3.79
CA LEU B 125 34.69 -28.81 -3.01
C LEU B 125 34.69 -27.46 -3.69
N ILE B 126 33.50 -26.89 -3.84
CA ILE B 126 33.34 -25.51 -4.27
C ILE B 126 32.61 -24.82 -3.13
N THR B 127 33.30 -23.97 -2.42
CA THR B 127 32.74 -23.37 -1.23
C THR B 127 32.39 -21.92 -1.52
N GLY B 128 31.70 -21.32 -0.54
CA GLY B 128 31.43 -19.90 -0.57
C GLY B 128 32.67 -19.09 -0.23
N PRO B 129 32.49 -17.78 -0.14
CA PRO B 129 33.63 -16.90 0.16
C PRO B 129 34.13 -17.08 1.58
N GLN B 130 35.45 -16.88 1.75
CA GLN B 130 36.08 -17.10 3.05
C GLN B 130 35.45 -16.25 4.15
N ASP B 131 35.05 -15.01 3.81
CA ASP B 131 34.56 -14.07 4.81
C ASP B 131 33.25 -14.52 5.46
N TRP B 132 32.65 -15.61 4.98
CA TRP B 132 31.46 -16.18 5.59
C TRP B 132 31.86 -17.35 6.48
N LEU B 133 31.46 -17.29 7.75
CA LEU B 133 31.75 -18.39 8.67
C LEU B 133 31.08 -19.69 8.21
N GLU B 134 29.94 -19.58 7.49
CA GLU B 134 29.27 -20.77 6.98
C GLU B 134 30.13 -21.48 5.95
N ALA B 135 30.88 -20.72 5.15
CA ALA B 135 31.75 -21.36 4.15
C ALA B 135 32.94 -22.05 4.80
N ARG B 136 33.46 -21.49 5.90
CA ARG B 136 34.58 -22.12 6.60
C ARG B 136 34.14 -23.39 7.34
N GLU B 137 32.95 -23.38 7.93
CA GLU B 137 32.46 -24.57 8.62
C GLU B 137 32.19 -25.71 7.65
N ARG B 138 31.57 -25.42 6.49
CA ARG B 138 31.28 -26.48 5.55
C ARG B 138 32.57 -27.07 4.98
N LEU B 139 33.55 -26.21 4.71
CA LEU B 139 34.86 -26.70 4.31
C LEU B 139 35.44 -27.63 5.37
N GLN B 140 35.26 -27.30 6.65
CA GLN B 140 35.86 -28.11 7.70
C GLN B 140 35.11 -29.42 7.93
N GLY B 141 33.80 -29.46 7.66
CA GLY B 141 33.08 -30.73 7.76
C GLY B 141 33.41 -31.66 6.60
N TRP B 142 33.61 -31.10 5.41
CA TRP B 142 34.09 -31.89 4.28
C TRP B 142 35.54 -32.35 4.51
N ARG B 143 36.40 -31.46 5.00
CA ARG B 143 37.80 -31.84 5.20
C ARG B 143 37.97 -32.95 6.24
N GLU B 144 37.26 -32.86 7.37
CA GLU B 144 37.37 -33.90 8.41
C GLU B 144 36.70 -35.21 8.01
N ALA B 145 35.71 -35.17 7.11
CA ALA B 145 35.13 -36.40 6.58
C ALA B 145 36.11 -37.15 5.70
N LEU B 146 36.86 -36.42 4.87
CA LEU B 146 37.92 -37.06 4.09
C LEU B 146 39.05 -37.55 5.00
N ALA B 147 39.44 -36.75 6.00
CA ALA B 147 40.53 -37.17 6.87
C ALA B 147 40.18 -38.46 7.61
N GLU B 148 38.96 -38.56 8.15
CA GLU B 148 38.52 -39.81 8.75
C GLU B 148 38.59 -40.98 7.77
N ALA B 149 38.35 -40.73 6.49
CA ALA B 149 38.46 -41.77 5.47
C ALA B 149 39.90 -42.01 5.02
N GLY B 150 40.87 -41.29 5.58
CA GLY B 150 42.26 -41.45 5.18
C GLY B 150 42.62 -40.83 3.84
N LEU B 151 41.90 -39.79 3.42
CA LEU B 151 42.13 -39.16 2.15
C LEU B 151 42.61 -37.72 2.33
N PRO B 152 43.64 -37.30 1.61
CA PRO B 152 44.05 -35.89 1.66
C PRO B 152 43.02 -35.02 0.98
N PRO B 153 42.95 -33.73 1.34
CA PRO B 153 42.01 -32.82 0.69
C PRO B 153 42.52 -32.37 -0.66
N PRO B 154 41.67 -32.43 -1.72
CA PRO B 154 42.03 -31.80 -3.00
C PRO B 154 42.13 -30.29 -2.88
N ALA B 155 42.52 -29.61 -3.96
CA ALA B 155 42.51 -28.15 -3.93
C ALA B 155 41.07 -27.66 -3.90
N VAL B 156 40.82 -26.64 -3.09
CA VAL B 156 39.48 -26.11 -2.87
C VAL B 156 39.31 -24.86 -3.72
N LEU B 157 38.18 -24.78 -4.42
CA LEU B 157 37.85 -23.62 -5.23
C LEU B 157 36.77 -22.80 -4.52
N GLN B 158 36.84 -21.48 -4.66
CA GLN B 158 35.94 -20.57 -3.96
C GLN B 158 34.92 -19.96 -4.93
N GLY B 159 33.66 -19.98 -4.53
CA GLY B 159 32.61 -19.28 -5.22
C GLY B 159 32.12 -18.06 -4.46
N ASP B 160 30.98 -17.53 -4.89
CA ASP B 160 30.36 -16.45 -4.14
C ASP B 160 28.87 -16.70 -3.95
N TRP B 161 28.49 -17.98 -3.78
CA TRP B 161 27.11 -18.42 -3.57
C TRP B 161 26.27 -18.35 -4.85
N SER B 162 26.83 -17.77 -5.92
CA SER B 162 26.04 -17.53 -7.13
C SER B 162 26.25 -18.64 -8.15
N ALA B 163 25.23 -18.84 -9.00
CA ALA B 163 25.30 -19.86 -10.04
C ALA B 163 26.42 -19.60 -11.03
N ALA B 164 26.68 -18.33 -11.35
CA ALA B 164 27.81 -17.98 -12.20
C ALA B 164 29.12 -18.51 -11.63
N SER B 165 29.35 -18.31 -10.33
CA SER B 165 30.64 -18.68 -9.74
C SER B 165 30.79 -20.19 -9.68
N GLY B 166 29.69 -20.90 -9.41
CA GLY B 166 29.71 -22.35 -9.48
C GLY B 166 30.01 -22.85 -10.88
N TYR B 167 29.45 -22.16 -11.89
CA TYR B 167 29.74 -22.53 -13.27
C TYR B 167 31.22 -22.28 -13.60
N GLU B 168 31.77 -21.16 -13.14
CA GLU B 168 33.18 -20.88 -13.41
C GLU B 168 34.10 -21.83 -12.66
N ALA B 169 33.78 -22.14 -11.40
CA ALA B 169 34.62 -23.06 -10.64
C ALA B 169 34.61 -24.45 -11.25
N ALA B 170 33.43 -24.92 -11.72
CA ALA B 170 33.37 -26.24 -12.34
C ALA B 170 34.17 -26.29 -13.64
N ARG B 171 34.21 -25.19 -14.38
CA ARG B 171 35.03 -25.17 -15.58
C ARG B 171 36.52 -25.16 -15.27
N GLN B 172 36.93 -24.58 -14.14
CA GLN B 172 38.33 -24.64 -13.74
C GLN B 172 38.71 -26.04 -13.28
N LEU B 173 37.81 -26.71 -12.58
CA LEU B 173 38.03 -28.11 -12.23
C LEU B 173 38.13 -28.99 -13.46
N LEU B 174 37.37 -28.67 -14.52
CA LEU B 174 37.32 -29.51 -15.70
C LEU B 174 38.53 -29.36 -16.61
N GLU B 175 39.38 -28.35 -16.40
CA GLU B 175 40.56 -28.18 -17.24
C GLU B 175 41.42 -29.43 -17.20
N GLN B 176 41.67 -29.96 -16.00
CA GLN B 176 42.41 -31.21 -15.81
C GLN B 176 41.62 -32.06 -14.82
N PRO B 177 40.61 -32.81 -15.32
CA PRO B 177 39.60 -33.39 -14.42
C PRO B 177 40.13 -34.50 -13.53
N ASP B 178 40.18 -34.26 -12.22
CA ASP B 178 40.75 -35.19 -11.24
C ASP B 178 39.74 -35.53 -10.15
N PHE B 179 38.45 -35.60 -10.49
CA PHE B 179 37.40 -35.80 -9.50
C PHE B 179 36.32 -36.70 -10.08
N THR B 180 35.64 -37.45 -9.21
CA THR B 180 34.40 -38.09 -9.60
C THR B 180 33.18 -37.52 -8.90
N ALA B 181 33.35 -36.62 -7.93
CA ALA B 181 32.21 -35.98 -7.29
C ALA B 181 32.58 -34.54 -6.93
N ILE B 182 31.55 -33.68 -6.89
CA ILE B 182 31.71 -32.28 -6.55
C ILE B 182 30.72 -31.92 -5.46
N PHE B 183 31.23 -31.42 -4.35
CA PHE B 183 30.39 -30.91 -3.26
C PHE B 183 30.38 -29.38 -3.36
N ALA B 184 29.28 -28.83 -3.84
CA ALA B 184 29.11 -27.38 -3.93
C ALA B 184 28.41 -26.88 -2.68
N ALA B 185 28.95 -25.83 -2.07
CA ALA B 185 28.51 -25.38 -0.75
C ALA B 185 27.16 -24.69 -0.74
N ASN B 186 26.47 -24.60 -1.88
CA ASN B 186 25.07 -24.20 -1.87
C ASN B 186 24.43 -24.62 -3.19
N ASP B 187 23.10 -24.65 -3.18
CA ASP B 187 22.37 -25.14 -4.35
C ASP B 187 22.56 -24.24 -5.56
N GLN B 188 22.63 -22.93 -5.36
CA GLN B 188 22.86 -22.01 -6.48
C GLN B 188 24.16 -22.32 -7.20
N MET B 189 25.25 -22.45 -6.45
CA MET B 189 26.52 -22.78 -7.10
C MET B 189 26.46 -24.16 -7.74
N ALA B 190 25.73 -25.09 -7.13
CA ALA B 190 25.59 -26.43 -7.71
C ALA B 190 24.87 -26.40 -9.04
N LEU B 191 23.96 -25.43 -9.24
CA LEU B 191 23.27 -25.28 -10.51
C LEU B 191 24.24 -24.92 -11.63
N GLY B 192 25.19 -24.01 -11.37
CA GLY B 192 26.20 -23.71 -12.36
C GLY B 192 27.15 -24.87 -12.61
N VAL B 193 27.33 -25.72 -11.61
CA VAL B 193 28.13 -26.92 -11.80
C VAL B 193 27.46 -27.86 -12.78
N LEU B 194 26.18 -28.17 -12.55
CA LEU B 194 25.42 -29.01 -13.48
C LEU B 194 25.42 -28.44 -14.89
N ARG B 195 25.41 -27.11 -15.04
CA ARG B 195 25.47 -26.51 -16.36
C ARG B 195 26.82 -26.76 -17.02
N ALA B 196 27.91 -26.63 -16.26
CA ALA B 196 29.26 -26.79 -16.81
C ALA B 196 29.55 -28.24 -17.15
N LEU B 197 29.08 -29.17 -16.32
CA LEU B 197 29.24 -30.59 -16.61
C LEU B 197 28.49 -30.98 -17.88
N HIS B 198 27.27 -30.45 -18.07
CA HIS B 198 26.49 -30.86 -19.24
C HIS B 198 27.10 -30.32 -20.52
N GLU B 199 27.65 -29.11 -20.50
CA GLU B 199 28.33 -28.56 -21.67
C GLU B 199 29.47 -29.47 -22.13
N ARG B 200 30.22 -30.02 -21.19
CA ARG B 200 31.33 -30.91 -21.51
C ARG B 200 30.88 -32.31 -21.92
N GLY B 201 29.58 -32.57 -21.96
CA GLY B 201 29.10 -33.91 -22.27
C GLY B 201 29.16 -34.91 -21.14
N LEU B 202 29.47 -34.47 -19.92
CA LEU B 202 29.54 -35.40 -18.80
C LEU B 202 28.15 -35.59 -18.22
N ARG B 203 27.84 -36.79 -17.78
CA ARG B 203 26.52 -37.13 -17.26
C ARG B 203 26.54 -37.12 -15.73
N VAL B 204 25.45 -36.60 -15.16
CA VAL B 204 25.23 -36.59 -13.71
C VAL B 204 24.08 -37.54 -13.41
N PRO B 205 24.26 -38.57 -12.56
CA PRO B 205 25.49 -38.94 -11.85
C PRO B 205 26.36 -39.99 -12.54
N ASP B 206 26.12 -40.32 -13.82
CA ASP B 206 26.87 -41.39 -14.49
C ASP B 206 28.38 -41.14 -14.44
N ASP B 207 28.80 -39.92 -14.78
CA ASP B 207 30.22 -39.56 -14.80
C ASP B 207 30.66 -38.77 -13.58
N VAL B 208 29.83 -37.84 -13.10
CA VAL B 208 30.15 -37.02 -11.93
C VAL B 208 28.90 -36.92 -11.06
N SER B 209 29.04 -37.21 -9.77
CA SER B 209 28.00 -36.96 -8.79
C SER B 209 28.17 -35.57 -8.18
N VAL B 210 27.04 -34.93 -7.87
CA VAL B 210 27.04 -33.56 -7.37
C VAL B 210 26.08 -33.47 -6.19
N VAL B 211 26.52 -32.79 -5.12
CA VAL B 211 25.73 -32.55 -3.93
C VAL B 211 25.71 -31.06 -3.67
N GLY B 212 24.56 -30.55 -3.23
CA GLY B 212 24.45 -29.13 -2.91
C GLY B 212 24.28 -28.87 -1.44
N PHE B 213 23.59 -27.77 -1.12
CA PHE B 213 23.37 -27.35 0.26
C PHE B 213 22.34 -26.23 0.24
N ASP B 214 21.30 -26.33 1.11
CA ASP B 214 20.23 -25.37 1.39
C ASP B 214 18.86 -26.02 1.28
N ASP B 215 18.68 -26.86 0.25
CA ASP B 215 17.37 -27.38 -0.15
C ASP B 215 16.42 -26.23 -0.51
N ILE B 216 16.85 -25.42 -1.48
CA ILE B 216 16.00 -24.38 -2.06
C ILE B 216 14.93 -25.07 -2.89
N PRO B 217 13.74 -24.46 -3.05
CA PRO B 217 12.67 -25.16 -3.80
C PRO B 217 13.07 -25.57 -5.21
N GLU B 218 13.89 -24.77 -5.89
CA GLU B 218 14.30 -25.10 -7.26
C GLU B 218 15.07 -26.41 -7.32
N SER B 219 15.78 -26.75 -6.24
CA SER B 219 16.75 -27.84 -6.27
C SER B 219 16.10 -29.17 -6.60
N ALA B 220 14.81 -29.33 -6.28
CA ALA B 220 14.10 -30.56 -6.61
C ALA B 220 13.76 -30.64 -8.10
N TYR B 221 13.92 -29.54 -8.84
CA TYR B 221 13.58 -29.52 -10.26
C TYR B 221 14.78 -29.21 -11.14
N PHE B 222 16.00 -29.27 -10.61
CA PHE B 222 17.19 -29.19 -11.44
C PHE B 222 17.25 -30.40 -12.37
N HIS B 223 18.17 -30.35 -13.33
CA HIS B 223 18.45 -31.54 -14.12
C HIS B 223 19.82 -32.11 -13.75
N PRO B 224 19.90 -33.26 -13.07
CA PRO B 224 18.81 -34.03 -12.46
C PRO B 224 18.51 -33.49 -11.07
N PRO B 225 17.37 -33.86 -10.48
CA PRO B 225 17.04 -33.39 -9.13
C PRO B 225 18.21 -33.58 -8.17
N LEU B 226 18.52 -32.51 -7.44
CA LEU B 226 19.80 -32.38 -6.76
C LEU B 226 19.71 -32.92 -5.34
N THR B 227 20.64 -33.81 -5.00
CA THR B 227 20.85 -34.19 -3.61
C THR B 227 21.49 -33.03 -2.88
N THR B 228 20.99 -32.72 -1.69
CA THR B 228 21.41 -31.51 -1.00
C THR B 228 21.19 -31.68 0.50
N VAL B 229 21.54 -30.65 1.25
CA VAL B 229 21.38 -30.61 2.71
C VAL B 229 20.35 -29.54 3.04
N ARG B 230 19.31 -29.91 3.78
CA ARG B 230 18.21 -29.02 4.06
C ARG B 230 18.50 -28.17 5.29
N GLN B 231 18.39 -26.85 5.13
CA GLN B 231 18.31 -25.90 6.22
C GLN B 231 16.87 -25.42 6.35
N ASP B 232 16.35 -25.43 7.57
CA ASP B 232 14.98 -24.93 7.81
C ASP B 232 15.05 -23.44 8.12
N PHE B 233 15.19 -22.65 7.06
CA PHE B 233 15.36 -21.20 7.21
C PHE B 233 14.18 -20.55 7.92
N GLU B 234 12.96 -21.00 7.63
CA GLU B 234 11.79 -20.37 8.24
C GLU B 234 11.78 -20.60 9.75
N GLU B 235 11.99 -21.84 10.18
CA GLU B 235 12.08 -22.13 11.61
C GLU B 235 13.27 -21.41 12.25
N LEU B 236 14.37 -21.26 11.51
CA LEU B 236 15.55 -20.57 12.05
C LEU B 236 15.23 -19.12 12.38
N GLY B 237 14.45 -18.46 11.54
CA GLY B 237 14.05 -17.08 11.82
C GLY B 237 12.97 -17.01 12.87
N ARG B 238 12.15 -18.06 12.97
CA ARG B 238 11.11 -18.09 14.01
C ARG B 238 11.73 -18.18 15.39
N GLN B 239 12.72 -19.05 15.57
CA GLN B 239 13.36 -19.21 16.86
C GLN B 239 14.26 -18.03 17.20
N ALA B 240 14.71 -17.27 16.21
CA ALA B 240 15.41 -16.02 16.52
C ALA B 240 14.48 -15.02 17.19
N VAL B 241 13.21 -14.95 16.73
CA VAL B 241 12.24 -14.06 17.35
C VAL B 241 11.88 -14.56 18.75
N GLU B 242 11.62 -15.87 18.88
CA GLU B 242 11.24 -16.43 20.17
C GLU B 242 12.33 -16.22 21.21
N GLN B 243 13.60 -16.37 20.81
CA GLN B 243 14.71 -16.17 21.75
C GLN B 243 14.91 -14.69 22.03
N LEU B 244 14.73 -13.82 21.04
CA LEU B 244 14.84 -12.39 21.28
C LEU B 244 13.76 -11.89 22.22
N LEU B 245 12.52 -12.38 22.05
CA LEU B 245 11.42 -11.95 22.91
C LEU B 245 11.65 -12.38 24.35
N GLU B 246 12.34 -13.51 24.56
CA GLU B 246 12.64 -13.91 25.93
C GLU B 246 13.67 -12.98 26.57
N MET B 247 14.61 -12.48 25.77
CA MET B 247 15.55 -11.49 26.30
C MET B 247 14.87 -10.16 26.53
N ILE B 248 13.80 -9.85 25.79
CA ILE B 248 13.09 -8.59 25.97
C ILE B 248 12.26 -8.62 27.25
N GLU B 249 11.69 -9.78 27.58
CA GLU B 249 10.84 -9.94 28.75
C GLU B 249 11.62 -10.28 30.02
N GLY B 250 12.90 -9.91 30.08
CA GLY B 250 13.66 -9.99 31.29
C GLY B 250 14.45 -11.27 31.50
N GLU B 251 14.10 -12.35 30.81
CA GLU B 251 14.79 -13.62 31.03
C GLU B 251 16.25 -13.54 30.57
N GLU B 252 17.11 -14.26 31.28
CA GLU B 252 18.53 -14.29 30.95
C GLU B 252 18.73 -14.95 29.58
N PRO B 253 19.86 -14.70 28.93
CA PRO B 253 20.09 -15.27 27.59
C PRO B 253 19.93 -16.78 27.58
N PRO B 254 18.96 -17.30 26.84
CA PRO B 254 18.70 -18.74 26.84
C PRO B 254 19.84 -19.48 26.14
N PRO B 255 19.93 -20.79 26.31
CA PRO B 255 21.00 -21.56 25.66
C PRO B 255 20.91 -21.45 24.16
N PRO B 256 22.05 -21.42 23.47
CA PRO B 256 22.02 -21.35 22.00
C PRO B 256 21.44 -22.62 21.40
N ALA B 257 20.51 -22.45 20.47
CA ALA B 257 19.83 -23.58 19.82
C ALA B 257 20.47 -23.86 18.48
N VAL B 258 20.79 -25.12 18.22
CA VAL B 258 21.42 -25.55 16.98
C VAL B 258 20.47 -26.55 16.31
N LEU B 259 19.86 -26.12 15.21
CA LEU B 259 18.95 -27.00 14.49
C LEU B 259 19.75 -28.04 13.71
N PRO B 260 19.40 -29.32 13.78
CA PRO B 260 20.15 -30.36 13.06
C PRO B 260 19.80 -30.33 11.58
N PRO B 261 20.79 -30.54 10.70
CA PRO B 261 20.52 -30.54 9.27
C PRO B 261 20.12 -31.92 8.77
N GLU B 262 19.51 -31.93 7.58
CA GLU B 262 18.96 -33.14 6.98
C GLU B 262 19.46 -33.30 5.56
N LEU B 263 19.94 -34.50 5.23
CA LEU B 263 20.36 -34.80 3.87
C LEU B 263 19.15 -35.19 3.04
N ILE B 264 18.96 -34.50 1.91
CA ILE B 264 17.86 -34.78 0.99
C ILE B 264 18.48 -35.47 -0.22
N VAL B 265 18.39 -36.80 -0.27
CA VAL B 265 18.95 -37.58 -1.38
C VAL B 265 17.96 -37.58 -2.53
N ARG B 266 18.45 -37.28 -3.74
CA ARG B 266 17.59 -37.26 -4.90
C ARG B 266 18.18 -38.10 -6.01
N GLU B 267 18.68 -37.45 -7.07
CA GLU B 267 19.08 -38.17 -8.28
C GLU B 267 20.42 -37.71 -8.83
N SER B 268 21.16 -36.89 -8.10
CA SER B 268 22.44 -36.37 -8.57
C SER B 268 23.63 -37.11 -7.97
N THR B 269 23.41 -38.26 -7.36
CA THR B 269 24.50 -39.04 -6.79
C THR B 269 24.33 -40.50 -7.16
N ALA B 270 25.45 -41.19 -7.29
CA ALA B 270 25.53 -42.61 -7.60
C ALA B 270 26.99 -43.05 -7.42
N PRO B 271 27.23 -44.34 -7.21
CA PRO B 271 28.61 -44.86 -7.18
C PRO B 271 29.39 -44.42 -8.40
N PRO B 272 30.68 -44.13 -8.25
CA PRO B 272 31.49 -43.76 -9.42
C PRO B 272 31.76 -44.96 -10.31
N GLU B 273 32.11 -44.67 -11.56
CA GLU B 273 32.60 -45.73 -12.42
C GLU B 273 33.99 -46.15 -11.95
N ASN B 274 34.38 -47.36 -12.33
CA ASN B 274 35.62 -47.97 -11.85
C ASN B 274 35.64 -47.94 -10.32
N LEU B 275 34.50 -48.34 -9.73
CA LEU B 275 34.26 -48.21 -8.31
C LEU B 275 35.41 -48.76 -7.48
N TYR B 276 35.84 -49.98 -7.74
CA TYR B 276 36.85 -50.60 -6.90
C TYR B 276 38.27 -50.21 -7.30
N PHE B 277 38.43 -49.16 -8.12
CA PHE B 277 39.75 -48.64 -8.47
C PHE B 277 39.96 -47.22 -7.96
N GLN B 278 39.01 -46.69 -7.19
CA GLN B 278 39.15 -45.37 -6.59
C GLN B 278 40.10 -45.37 -5.39
N GLY B 279 40.79 -46.48 -5.13
CA GLY B 279 41.79 -46.53 -4.09
C GLY B 279 43.20 -46.72 -4.62
N HIS C 5 51.25 3.76 -6.28
CA HIS C 5 49.87 3.28 -6.33
C HIS C 5 49.12 3.84 -7.55
N THR C 6 49.74 3.73 -8.72
CA THR C 6 49.21 4.28 -9.96
C THR C 6 49.02 3.18 -10.99
N ILE C 7 47.93 3.28 -11.75
CA ILE C 7 47.64 2.40 -12.89
C ILE C 7 47.53 3.26 -14.13
N GLY C 8 48.11 2.79 -15.23
CA GLY C 8 48.07 3.49 -16.51
C GLY C 8 47.21 2.73 -17.50
N VAL C 9 46.40 3.46 -18.26
CA VAL C 9 45.54 2.87 -19.28
C VAL C 9 45.77 3.59 -20.60
N VAL C 10 46.00 2.82 -21.65
CA VAL C 10 46.13 3.34 -23.00
C VAL C 10 44.84 3.00 -23.75
N THR C 11 44.04 4.00 -24.05
CA THR C 11 42.75 3.77 -24.67
C THR C 11 42.67 4.50 -26.02
N THR C 12 41.54 4.34 -26.71
CA THR C 12 41.32 4.93 -28.03
C THR C 12 39.83 4.91 -28.36
N GLY C 13 39.45 5.79 -29.27
CA GLY C 13 38.06 5.90 -29.69
C GLY C 13 37.11 6.26 -28.57
N LEU C 14 37.54 7.13 -27.64
CA LEU C 14 36.72 7.54 -26.50
C LEU C 14 35.45 8.27 -26.91
N SER C 15 35.35 8.69 -28.18
CA SER C 15 34.11 9.28 -28.63
C SER C 15 32.99 8.27 -28.73
N PHE C 16 33.28 6.97 -28.60
CA PHE C 16 32.29 5.91 -28.65
C PHE C 16 31.95 5.46 -27.24
N TYR C 17 30.75 4.85 -27.12
CA TYR C 17 30.24 4.46 -25.81
C TYR C 17 31.05 3.28 -25.23
N GLY C 18 31.48 2.36 -26.09
CA GLY C 18 32.20 1.17 -25.67
C GLY C 18 33.49 1.46 -24.92
N PRO C 19 34.44 2.13 -25.57
CA PRO C 19 35.70 2.46 -24.87
C PRO C 19 35.50 3.36 -23.67
N SER C 20 34.52 4.26 -23.70
CA SER C 20 34.27 5.14 -22.55
C SER C 20 33.81 4.34 -21.34
N GLN C 21 32.86 3.42 -21.53
CA GLN C 21 32.34 2.66 -20.41
C GLN C 21 33.37 1.70 -19.85
N ILE C 22 34.27 1.20 -20.71
CA ILE C 22 35.35 0.37 -20.22
C ILE C 22 36.30 1.20 -19.37
N LEU C 23 36.58 2.42 -19.81
CA LEU C 23 37.46 3.32 -19.07
C LEU C 23 36.90 3.63 -17.68
N VAL C 24 35.60 3.86 -17.58
CA VAL C 24 34.96 4.11 -16.29
C VAL C 24 35.13 2.90 -15.37
N GLY C 25 34.90 1.70 -15.89
CA GLY C 25 35.08 0.50 -15.08
C GLY C 25 36.49 0.34 -14.56
N ILE C 26 37.48 0.68 -15.38
CA ILE C 26 38.87 0.60 -14.92
C ILE C 26 39.11 1.59 -13.80
N GLU C 27 38.61 2.82 -13.95
CA GLU C 27 38.82 3.83 -12.93
C GLU C 27 38.13 3.47 -11.63
N ARG C 28 36.89 2.98 -11.70
CA ARG C 28 36.15 2.67 -10.48
C ARG C 28 36.75 1.46 -9.76
N ALA C 29 37.15 0.42 -10.50
CA ALA C 29 37.81 -0.71 -9.87
C ALA C 29 39.20 -0.35 -9.37
N ALA C 30 39.81 0.71 -9.91
CA ALA C 30 41.09 1.18 -9.41
C ALA C 30 40.93 1.91 -8.07
N ARG C 31 40.02 2.89 -8.02
CA ARG C 31 39.75 3.60 -6.78
C ARG C 31 39.29 2.66 -5.69
N GLU C 32 38.65 1.56 -6.08
CA GLU C 32 38.20 0.59 -5.09
C GLU C 32 39.38 -0.16 -4.47
N HIS C 33 40.49 -0.33 -5.20
CA HIS C 33 41.73 -0.88 -4.65
C HIS C 33 42.78 0.18 -4.34
N GLY C 34 42.36 1.42 -4.08
CA GLY C 34 43.28 2.46 -3.70
C GLY C 34 44.27 2.90 -4.77
N TYR C 35 44.00 2.57 -6.04
CA TYR C 35 44.88 2.95 -7.14
C TYR C 35 44.34 4.19 -7.84
N SER C 36 45.24 5.07 -8.26
CA SER C 36 44.90 6.18 -9.12
C SER C 36 45.17 5.79 -10.57
N LEU C 37 44.48 6.47 -11.49
CA LEU C 37 44.42 6.06 -12.89
C LEU C 37 45.03 7.15 -13.77
N LEU C 38 46.13 6.83 -14.44
CA LEU C 38 46.71 7.71 -15.43
C LEU C 38 46.20 7.34 -16.81
N LEU C 39 45.76 8.33 -17.57
CA LEU C 39 45.09 8.10 -18.85
C LEU C 39 45.95 8.60 -20.01
N ALA C 40 46.07 7.78 -21.04
CA ALA C 40 46.70 8.17 -22.30
C ALA C 40 45.77 7.80 -23.44
N THR C 41 45.87 8.53 -24.54
CA THR C 41 44.97 8.35 -25.67
C THR C 41 45.76 8.27 -26.97
N VAL C 42 45.58 7.17 -27.70
CA VAL C 42 46.19 7.00 -29.01
C VAL C 42 45.12 7.16 -30.08
N HIS C 43 45.56 7.46 -31.29
CA HIS C 43 44.71 7.59 -32.45
C HIS C 43 45.08 6.48 -33.44
N GLU C 44 44.82 6.71 -34.73
CA GLU C 44 45.04 5.71 -35.77
C GLU C 44 46.50 5.61 -36.20
N ASP C 45 47.35 6.54 -35.76
CA ASP C 45 48.75 6.51 -36.17
C ASP C 45 49.40 5.23 -35.66
N PRO C 46 50.32 4.65 -36.42
CA PRO C 46 50.81 3.31 -36.11
C PRO C 46 51.76 3.30 -34.93
N ASP C 47 51.60 2.28 -34.08
CA ASP C 47 52.49 1.99 -32.96
C ASP C 47 52.64 3.17 -32.01
N GLU C 48 51.61 4.02 -31.93
CA GLU C 48 51.59 5.06 -30.92
C GLU C 48 51.42 4.49 -29.52
N VAL C 49 50.98 3.24 -29.41
CA VAL C 49 50.79 2.62 -28.10
C VAL C 49 52.13 2.41 -27.42
N GLU C 50 53.17 2.03 -28.17
CA GLU C 50 54.49 1.82 -27.59
C GLU C 50 55.07 3.12 -27.04
N GLU C 51 54.80 4.25 -27.72
CA GLU C 51 55.18 5.54 -27.17
C GLU C 51 54.42 5.84 -25.87
N ALA C 52 53.23 5.27 -25.71
CA ALA C 52 52.44 5.51 -24.50
C ALA C 52 52.89 4.61 -23.35
N ILE C 53 53.21 3.35 -23.66
CA ILE C 53 53.65 2.43 -22.61
C ILE C 53 54.98 2.90 -22.00
N ASN C 54 55.84 3.52 -22.81
CA ASN C 54 57.08 4.07 -22.27
C ASN C 54 56.82 5.26 -21.37
N THR C 55 55.89 6.14 -21.77
CA THR C 55 55.54 7.29 -20.94
C THR C 55 55.02 6.83 -19.57
N LEU C 56 54.19 5.79 -19.56
CA LEU C 56 53.68 5.26 -18.29
C LEU C 56 54.78 4.59 -17.49
N ARG C 57 55.63 3.80 -18.15
CA ARG C 57 56.74 3.15 -17.46
C ARG C 57 57.64 4.17 -16.77
N GLU C 58 57.86 5.32 -17.41
CA GLU C 58 58.67 6.36 -16.81
C GLU C 58 58.00 7.02 -15.61
N ARG C 59 56.68 6.93 -15.52
CA ARG C 59 55.95 7.43 -14.35
C ARG C 59 55.94 6.42 -13.20
N ARG C 60 56.73 5.35 -13.31
CA ARG C 60 56.78 4.30 -12.29
C ARG C 60 55.39 3.75 -12.01
N VAL C 61 54.60 3.58 -13.07
CA VAL C 61 53.26 3.04 -12.93
C VAL C 61 53.35 1.55 -12.61
N ASP C 62 52.44 1.09 -11.75
CA ASP C 62 52.46 -0.31 -11.32
C ASP C 62 52.07 -1.24 -12.46
N GLY C 63 50.86 -1.09 -12.99
CA GLY C 63 50.41 -1.91 -14.09
C GLY C 63 49.85 -1.04 -15.21
N ILE C 64 49.65 -1.67 -16.37
CA ILE C 64 49.13 -0.99 -17.54
C ILE C 64 48.03 -1.86 -18.16
N ILE C 65 46.94 -1.21 -18.60
CA ILE C 65 45.84 -1.86 -19.29
C ILE C 65 45.71 -1.23 -20.67
N ILE C 66 45.76 -2.06 -21.72
CA ILE C 66 45.73 -1.59 -23.09
C ILE C 66 44.34 -1.84 -23.67
N VAL C 67 43.57 -0.77 -23.84
CA VAL C 67 42.25 -0.87 -24.46
C VAL C 67 42.32 -0.28 -25.86
N ALA C 68 43.21 -0.82 -26.69
CA ALA C 68 43.46 -0.25 -28.01
C ALA C 68 44.02 -1.32 -28.91
N PRO C 69 43.74 -1.24 -30.21
CA PRO C 69 44.32 -2.23 -31.14
C PRO C 69 45.83 -2.23 -31.06
N HIS C 70 46.40 -3.41 -30.84
CA HIS C 70 47.84 -3.60 -30.75
C HIS C 70 48.20 -4.93 -31.39
N ASN C 71 49.15 -4.89 -32.33
CA ASN C 71 49.55 -6.11 -33.03
C ASN C 71 50.14 -7.13 -32.07
N SER C 72 50.87 -6.67 -31.06
CA SER C 72 51.53 -7.52 -30.07
C SER C 72 52.43 -8.57 -30.73
N GLY C 83 63.00 -6.16 -17.39
CA GLY C 83 61.95 -5.77 -16.47
C GLY C 83 60.93 -4.83 -17.10
N VAL C 84 59.65 -5.18 -16.96
CA VAL C 84 58.56 -4.42 -17.56
C VAL C 84 57.36 -4.49 -16.63
N PRO C 85 56.63 -3.40 -16.43
CA PRO C 85 55.43 -3.46 -15.58
C PRO C 85 54.39 -4.39 -16.18
N PRO C 86 53.64 -5.10 -15.35
CA PRO C 86 52.67 -6.07 -15.86
C PRO C 86 51.56 -5.40 -16.67
N VAL C 87 51.42 -5.82 -17.92
CA VAL C 87 50.50 -5.21 -18.86
C VAL C 87 49.37 -6.18 -19.16
N VAL C 88 48.15 -5.68 -19.18
CA VAL C 88 46.95 -6.43 -19.51
C VAL C 88 46.35 -5.87 -20.78
N PHE C 89 45.92 -6.77 -21.67
CA PHE C 89 45.38 -6.40 -22.97
C PHE C 89 43.90 -6.76 -23.03
N LEU C 90 43.07 -5.78 -23.38
CA LEU C 90 41.64 -6.03 -23.44
C LEU C 90 41.22 -6.84 -24.67
N SER C 91 42.06 -6.92 -25.70
CA SER C 91 41.83 -7.81 -26.82
C SER C 91 42.50 -9.16 -26.51
N ALA C 92 42.70 -10.02 -27.51
CA ALA C 92 43.35 -11.31 -27.36
C ALA C 92 44.72 -11.25 -28.04
N GLN C 93 45.73 -11.68 -27.27
CA GLN C 93 47.14 -11.59 -27.59
C GLN C 93 47.74 -13.00 -27.68
N PRO C 94 49.01 -13.16 -28.10
CA PRO C 94 49.63 -14.48 -28.32
C PRO C 94 49.54 -15.28 -27.04
N PRO C 95 49.69 -16.60 -27.16
CA PRO C 95 49.52 -17.43 -25.97
C PRO C 95 50.53 -17.12 -24.88
N GLY C 96 50.01 -16.77 -23.70
CA GLY C 96 50.84 -16.44 -22.56
C GLY C 96 50.63 -15.03 -22.05
N VAL C 97 49.83 -14.22 -22.72
CA VAL C 97 49.57 -12.85 -22.32
C VAL C 97 48.24 -12.81 -21.58
N PRO C 98 48.17 -12.19 -20.39
CA PRO C 98 46.90 -12.12 -19.65
C PRO C 98 45.92 -11.18 -20.35
N THR C 99 44.74 -11.72 -20.65
CA THR C 99 43.74 -10.98 -21.41
C THR C 99 42.37 -11.20 -20.80
N VAL C 100 41.58 -10.13 -20.76
CA VAL C 100 40.18 -10.18 -20.40
C VAL C 100 39.42 -9.62 -21.59
N SER C 101 38.34 -10.29 -22.00
CA SER C 101 37.60 -9.82 -23.16
C SER C 101 36.19 -10.41 -23.15
N VAL C 102 35.35 -9.82 -23.99
CA VAL C 102 34.03 -10.37 -24.30
C VAL C 102 34.18 -11.30 -25.50
N ASP C 103 33.49 -12.44 -25.46
CA ASP C 103 33.52 -13.38 -26.57
C ASP C 103 32.91 -12.77 -27.83
N GLN C 104 33.75 -12.16 -28.66
CA GLN C 104 33.26 -11.50 -29.86
C GLN C 104 32.66 -12.51 -30.84
N TYR C 105 33.33 -13.64 -31.01
CA TYR C 105 32.84 -14.70 -31.90
C TYR C 105 31.45 -15.18 -31.48
N ALA C 106 31.29 -15.54 -30.20
CA ALA C 106 30.01 -16.04 -29.71
C ALA C 106 28.87 -15.04 -29.94
N GLY C 107 29.10 -13.76 -29.60
CA GLY C 107 28.07 -12.76 -29.82
C GLY C 107 27.71 -12.62 -31.28
N ALA C 108 28.71 -12.65 -32.16
CA ALA C 108 28.44 -12.57 -33.59
C ALA C 108 27.71 -13.81 -34.07
N ARG C 109 28.06 -14.97 -33.53
CA ARG C 109 27.29 -16.18 -33.84
C ARG C 109 25.87 -16.12 -33.28
N LEU C 110 25.66 -15.46 -32.13
CA LEU C 110 24.30 -15.26 -31.62
C LEU C 110 23.47 -14.44 -32.59
N ALA C 111 24.07 -13.43 -33.21
CA ALA C 111 23.31 -12.50 -34.05
C ALA C 111 22.92 -13.15 -35.37
N THR C 112 23.91 -13.78 -36.03
CA THR C 112 23.67 -14.41 -37.32
C THR C 112 22.74 -15.62 -37.19
N GLU C 113 22.93 -16.43 -36.14
CA GLU C 113 22.02 -17.56 -35.93
C GLU C 113 20.61 -17.09 -35.62
N HIS C 114 20.45 -15.92 -35.01
CA HIS C 114 19.12 -15.35 -34.82
C HIS C 114 18.48 -15.02 -36.17
N LEU C 115 19.25 -14.40 -37.07
CA LEU C 115 18.75 -14.13 -38.41
C LEU C 115 18.48 -15.43 -39.18
N LEU C 116 19.35 -16.42 -39.03
CA LEU C 116 19.09 -17.69 -39.70
C LEU C 116 17.83 -18.35 -39.15
N ASP C 117 17.66 -18.35 -37.83
CA ASP C 117 16.45 -18.91 -37.24
C ASP C 117 15.19 -18.21 -37.74
N LEU C 118 15.29 -16.93 -38.09
CA LEU C 118 14.15 -16.19 -38.62
C LEU C 118 13.83 -16.54 -40.08
N GLY C 119 14.66 -17.32 -40.75
CA GLY C 119 14.46 -17.66 -42.15
C GLY C 119 15.39 -16.97 -43.11
N HIS C 120 16.15 -15.98 -42.67
CA HIS C 120 17.04 -15.24 -43.55
C HIS C 120 18.16 -16.14 -44.07
N ARG C 121 18.46 -15.99 -45.36
CA ARG C 121 19.55 -16.73 -45.98
C ARG C 121 20.54 -15.85 -46.73
N ARG C 122 20.28 -14.57 -46.90
CA ARG C 122 21.18 -13.63 -47.58
C ARG C 122 21.44 -12.50 -46.60
N ILE C 123 22.39 -12.72 -45.70
CA ILE C 123 22.66 -11.82 -44.58
C ILE C 123 23.96 -11.09 -44.87
N ALA C 124 23.87 -9.81 -45.22
CA ALA C 124 25.08 -9.03 -45.46
C ALA C 124 25.75 -8.69 -44.12
N LEU C 125 26.99 -8.22 -44.22
CA LEU C 125 27.77 -7.87 -43.05
C LEU C 125 28.52 -6.57 -43.32
N ILE C 126 28.40 -5.63 -42.38
CA ILE C 126 29.19 -4.40 -42.37
C ILE C 126 30.02 -4.44 -41.09
N THR C 127 31.31 -4.69 -41.22
CA THR C 127 32.13 -4.87 -40.05
C THR C 127 32.88 -3.57 -39.73
N GLY C 128 33.70 -3.62 -38.67
CA GLY C 128 34.56 -2.53 -38.32
C GLY C 128 35.89 -2.59 -39.05
N PRO C 129 36.87 -1.79 -38.60
CA PRO C 129 38.15 -1.77 -39.30
C PRO C 129 38.92 -3.07 -39.08
N GLN C 130 39.67 -3.46 -40.12
CA GLN C 130 40.34 -4.76 -40.11
C GLN C 130 41.47 -4.83 -39.09
N ASP C 131 42.00 -3.69 -38.65
CA ASP C 131 43.03 -3.74 -37.61
C ASP C 131 42.45 -3.95 -36.21
N TRP C 132 41.12 -3.94 -36.06
CA TRP C 132 40.49 -4.22 -34.78
C TRP C 132 40.14 -5.70 -34.67
N LEU C 133 40.63 -6.33 -33.61
CA LEU C 133 40.35 -7.75 -33.39
C LEU C 133 38.85 -8.04 -33.30
N GLU C 134 38.07 -7.08 -32.78
CA GLU C 134 36.62 -7.29 -32.67
C GLU C 134 35.96 -7.41 -34.05
N ALA C 135 36.34 -6.54 -34.99
CA ALA C 135 35.83 -6.65 -36.36
C ALA C 135 36.18 -7.99 -36.99
N ARG C 136 37.41 -8.48 -36.76
CA ARG C 136 37.82 -9.74 -37.36
C ARG C 136 37.07 -10.92 -36.74
N GLU C 137 37.02 -10.98 -35.41
CA GLU C 137 36.38 -12.12 -34.75
C GLU C 137 34.88 -12.13 -34.97
N ARG C 138 34.26 -10.95 -35.10
CA ARG C 138 32.82 -10.90 -35.39
C ARG C 138 32.54 -11.37 -36.81
N LEU C 139 33.40 -11.02 -37.77
CA LEU C 139 33.26 -11.55 -39.12
C LEU C 139 33.37 -13.07 -39.10
N GLN C 140 34.23 -13.62 -38.22
CA GLN C 140 34.45 -15.06 -38.24
C GLN C 140 33.27 -15.79 -37.64
N GLY C 141 32.62 -15.19 -36.65
CA GLY C 141 31.40 -15.78 -36.12
C GLY C 141 30.29 -15.76 -37.16
N TRP C 142 30.17 -14.65 -37.87
CA TRP C 142 29.17 -14.54 -38.93
C TRP C 142 29.46 -15.54 -40.05
N ARG C 143 30.71 -15.62 -40.50
CA ARG C 143 31.05 -16.51 -41.61
C ARG C 143 30.79 -17.98 -41.26
N GLU C 144 31.22 -18.40 -40.07
CA GLU C 144 31.09 -19.79 -39.69
C GLU C 144 29.65 -20.17 -39.35
N ALA C 145 28.86 -19.21 -38.86
CA ALA C 145 27.45 -19.49 -38.61
C ALA C 145 26.71 -19.74 -39.92
N LEU C 146 27.01 -18.94 -40.95
CA LEU C 146 26.47 -19.18 -42.28
C LEU C 146 26.94 -20.51 -42.84
N ALA C 147 28.24 -20.81 -42.67
CA ALA C 147 28.77 -22.07 -43.17
C ALA C 147 28.06 -23.26 -42.52
N GLU C 148 27.74 -23.15 -41.23
CA GLU C 148 27.04 -24.24 -40.57
C GLU C 148 25.70 -24.50 -41.24
N ALA C 149 25.09 -23.46 -41.78
CA ALA C 149 23.85 -23.58 -42.52
C ALA C 149 24.09 -23.84 -44.00
N GLY C 150 25.31 -24.18 -44.38
CA GLY C 150 25.60 -24.52 -45.76
C GLY C 150 25.70 -23.33 -46.69
N LEU C 151 25.91 -22.13 -46.16
CA LEU C 151 25.89 -20.92 -46.97
C LEU C 151 27.29 -20.34 -47.10
N PRO C 152 27.74 -20.04 -48.32
CA PRO C 152 29.02 -19.37 -48.47
C PRO C 152 28.90 -17.90 -48.09
N PRO C 153 30.00 -17.25 -47.74
CA PRO C 153 29.90 -15.87 -47.25
C PRO C 153 29.77 -14.89 -48.41
N PRO C 154 28.86 -13.91 -48.29
CA PRO C 154 28.84 -12.80 -49.26
C PRO C 154 30.08 -11.93 -49.15
N ALA C 155 30.19 -10.98 -50.08
CA ALA C 155 31.20 -9.94 -49.95
C ALA C 155 30.85 -9.00 -48.81
N VAL C 156 31.83 -8.64 -48.05
CA VAL C 156 31.65 -7.82 -46.86
C VAL C 156 32.03 -6.39 -47.19
N LEU C 157 31.41 -5.45 -46.48
CA LEU C 157 31.80 -4.04 -46.55
C LEU C 157 32.42 -3.63 -45.22
N GLN C 158 33.45 -2.80 -45.29
CA GLN C 158 34.20 -2.37 -44.11
C GLN C 158 33.83 -0.93 -43.78
N GLY C 159 33.32 -0.72 -42.58
CA GLY C 159 33.15 0.61 -42.00
C GLY C 159 34.29 0.97 -41.07
N ASP C 160 34.02 1.91 -40.16
CA ASP C 160 35.01 2.38 -39.19
C ASP C 160 34.34 2.68 -37.84
N TRP C 161 33.33 1.89 -37.48
CA TRP C 161 32.56 2.04 -36.25
C TRP C 161 31.66 3.28 -36.24
N SER C 162 31.81 4.19 -37.21
CA SER C 162 31.02 5.41 -37.22
C SER C 162 29.69 5.21 -37.95
N ALA C 163 28.69 5.98 -37.53
CA ALA C 163 27.39 5.96 -38.19
C ALA C 163 27.51 6.36 -39.65
N ALA C 164 28.35 7.36 -39.94
CA ALA C 164 28.63 7.74 -41.31
C ALA C 164 29.04 6.53 -42.15
N SER C 165 30.06 5.79 -41.72
CA SER C 165 30.51 4.64 -42.49
C SER C 165 29.42 3.58 -42.60
N GLY C 166 28.56 3.46 -41.60
CA GLY C 166 27.46 2.52 -41.71
C GLY C 166 26.48 2.93 -42.78
N TYR C 167 26.23 4.24 -42.90
CA TYR C 167 25.34 4.78 -43.92
C TYR C 167 25.92 4.60 -45.32
N GLU C 168 27.23 4.85 -45.50
CA GLU C 168 27.83 4.71 -46.82
C GLU C 168 27.92 3.24 -47.24
N ALA C 169 28.20 2.34 -46.30
CA ALA C 169 28.25 0.93 -46.66
C ALA C 169 26.88 0.40 -47.07
N ALA C 170 25.81 0.83 -46.39
CA ALA C 170 24.46 0.40 -46.77
C ALA C 170 24.07 0.94 -48.16
N ARG C 171 24.53 2.16 -48.49
CA ARG C 171 24.26 2.72 -49.80
C ARG C 171 24.93 1.92 -50.91
N GLN C 172 26.15 1.47 -50.66
CA GLN C 172 26.83 0.59 -51.59
C GLN C 172 26.12 -0.76 -51.68
N LEU C 173 25.57 -1.25 -50.56
CA LEU C 173 24.83 -2.51 -50.59
C LEU C 173 23.55 -2.37 -51.42
N LEU C 174 22.91 -1.22 -51.33
CA LEU C 174 21.60 -1.02 -51.97
C LEU C 174 21.70 -0.87 -53.46
N GLU C 175 22.91 -0.73 -54.01
CA GLU C 175 23.05 -0.68 -55.45
C GLU C 175 22.70 -2.03 -56.07
N GLN C 176 23.01 -3.13 -55.37
CA GLN C 176 22.60 -4.48 -55.80
C GLN C 176 21.97 -5.16 -54.60
N PRO C 177 20.72 -4.81 -54.27
CA PRO C 177 20.10 -5.34 -53.05
C PRO C 177 19.83 -6.84 -53.12
N ASP C 178 20.87 -7.65 -52.95
CA ASP C 178 20.71 -9.10 -52.88
C ASP C 178 20.84 -9.56 -51.43
N PHE C 179 19.95 -9.10 -50.56
CA PHE C 179 20.00 -9.46 -49.15
C PHE C 179 18.66 -9.13 -48.51
N THR C 180 18.36 -9.82 -47.42
CA THR C 180 17.18 -9.53 -46.62
C THR C 180 17.52 -9.09 -45.20
N ALA C 181 18.77 -9.21 -44.79
CA ALA C 181 19.19 -8.76 -43.46
C ALA C 181 20.61 -8.19 -43.55
N ILE C 182 20.88 -7.24 -42.67
CA ILE C 182 22.19 -6.60 -42.56
C ILE C 182 22.63 -6.70 -41.09
N PHE C 183 23.73 -7.41 -40.87
CA PHE C 183 24.39 -7.42 -39.57
C PHE C 183 25.47 -6.33 -39.59
N ALA C 184 25.26 -5.29 -38.80
CA ALA C 184 26.25 -4.23 -38.63
C ALA C 184 27.00 -4.47 -37.33
N ALA C 185 28.33 -4.49 -37.42
CA ALA C 185 29.15 -4.94 -36.31
C ALA C 185 29.14 -3.99 -35.12
N ASN C 186 28.46 -2.85 -35.21
CA ASN C 186 28.25 -2.04 -34.02
C ASN C 186 26.97 -1.22 -34.19
N ASP C 187 26.46 -0.75 -33.06
CA ASP C 187 25.20 -0.01 -33.02
C ASP C 187 25.31 1.31 -33.78
N GLN C 188 26.46 1.96 -33.75
CA GLN C 188 26.66 3.19 -34.52
C GLN C 188 26.47 2.93 -36.01
N MET C 189 27.24 1.99 -36.56
CA MET C 189 27.12 1.68 -37.98
C MET C 189 25.70 1.22 -38.31
N ALA C 190 25.01 0.64 -37.33
CA ALA C 190 23.64 0.20 -37.55
C ALA C 190 22.66 1.37 -37.61
N LEU C 191 22.90 2.43 -36.82
CA LEU C 191 22.09 3.65 -36.94
C LEU C 191 22.20 4.26 -38.33
N GLY C 192 23.40 4.24 -38.92
CA GLY C 192 23.56 4.77 -40.26
C GLY C 192 22.94 3.88 -41.31
N VAL C 193 22.95 2.57 -41.07
CA VAL C 193 22.26 1.64 -41.94
C VAL C 193 20.76 1.95 -41.97
N LEU C 194 20.17 2.22 -40.80
CA LEU C 194 18.75 2.58 -40.74
C LEU C 194 18.43 3.79 -41.60
N ARG C 195 19.32 4.79 -41.59
CA ARG C 195 19.08 5.99 -42.41
C ARG C 195 19.02 5.63 -43.90
N ALA C 196 20.01 4.87 -44.39
CA ALA C 196 20.01 4.51 -45.80
C ALA C 196 18.77 3.69 -46.15
N LEU C 197 18.31 2.84 -45.24
CA LEU C 197 17.13 2.01 -45.51
C LEU C 197 15.86 2.85 -45.53
N HIS C 198 15.74 3.81 -44.60
CA HIS C 198 14.56 4.66 -44.59
C HIS C 198 14.58 5.63 -45.77
N GLU C 199 15.76 6.10 -46.18
CA GLU C 199 15.83 7.01 -47.32
C GLU C 199 15.28 6.35 -48.58
N ARG C 200 15.60 5.08 -48.77
CA ARG C 200 15.16 4.34 -49.94
C ARG C 200 13.71 3.89 -49.87
N GLY C 201 13.03 4.15 -48.76
CA GLY C 201 11.68 3.66 -48.60
C GLY C 201 11.58 2.21 -48.20
N LEU C 202 12.67 1.61 -47.72
CA LEU C 202 12.66 0.22 -47.28
C LEU C 202 12.20 0.13 -45.83
N ARG C 203 11.25 -0.77 -45.57
CA ARG C 203 10.72 -0.95 -44.23
C ARG C 203 11.64 -1.84 -43.40
N VAL C 204 11.81 -1.47 -42.13
CA VAL C 204 12.57 -2.26 -41.16
C VAL C 204 11.65 -2.66 -40.02
N PRO C 205 11.40 -3.97 -39.78
CA PRO C 205 12.02 -5.13 -40.42
C PRO C 205 11.23 -5.75 -41.56
N ASP C 206 10.15 -5.12 -42.02
CA ASP C 206 9.28 -5.77 -43.02
C ASP C 206 10.02 -6.07 -44.31
N ASP C 207 10.89 -5.16 -44.76
CA ASP C 207 11.66 -5.39 -45.97
C ASP C 207 13.10 -5.82 -45.69
N VAL C 208 13.74 -5.27 -44.65
CA VAL C 208 15.14 -5.59 -44.35
C VAL C 208 15.31 -5.65 -42.84
N SER C 209 15.92 -6.72 -42.36
CA SER C 209 16.21 -6.84 -40.94
C SER C 209 17.61 -6.32 -40.65
N VAL C 210 17.75 -5.65 -39.50
CA VAL C 210 19.04 -5.10 -39.07
C VAL C 210 19.36 -5.59 -37.67
N VAL C 211 20.62 -6.01 -37.47
CA VAL C 211 21.14 -6.34 -36.14
C VAL C 211 22.41 -5.53 -35.90
N GLY C 212 22.52 -4.96 -34.70
CA GLY C 212 23.69 -4.24 -34.27
C GLY C 212 24.56 -5.04 -33.32
N PHE C 213 25.36 -4.32 -32.53
CA PHE C 213 26.34 -4.93 -31.63
C PHE C 213 26.85 -3.84 -30.71
N ASP C 214 26.73 -4.08 -29.39
CA ASP C 214 27.18 -3.26 -28.26
C ASP C 214 26.06 -3.05 -27.24
N ASP C 215 24.84 -2.82 -27.71
CA ASP C 215 23.71 -2.38 -26.87
C ASP C 215 24.03 -1.07 -26.15
N ILE C 216 24.41 -0.05 -26.91
CA ILE C 216 24.52 1.31 -26.39
C ILE C 216 23.14 1.74 -25.90
N PRO C 217 23.04 2.65 -24.91
CA PRO C 217 21.72 2.97 -24.34
C PRO C 217 20.71 3.48 -25.37
N GLU C 218 21.13 4.35 -26.28
CA GLU C 218 20.19 4.92 -27.24
C GLU C 218 19.72 3.93 -28.30
N SER C 219 20.29 2.73 -28.34
CA SER C 219 19.95 1.77 -29.39
C SER C 219 18.53 1.27 -29.26
N ALA C 220 17.98 1.29 -28.04
CA ALA C 220 16.57 0.94 -27.82
C ALA C 220 15.62 2.06 -28.24
N TYR C 221 16.14 3.20 -28.67
CA TYR C 221 15.32 4.32 -29.13
C TYR C 221 15.63 4.71 -30.57
N PHE C 222 16.34 3.86 -31.31
CA PHE C 222 16.38 3.99 -32.76
C PHE C 222 14.99 3.75 -33.34
N HIS C 223 14.83 4.11 -34.61
CA HIS C 223 13.61 3.77 -35.32
C HIS C 223 13.92 2.71 -36.35
N PRO C 224 13.53 1.45 -36.13
CA PRO C 224 12.84 0.92 -34.96
C PRO C 224 13.86 0.54 -33.87
N PRO C 225 13.40 0.22 -32.66
CA PRO C 225 14.33 -0.26 -31.64
C PRO C 225 15.18 -1.42 -32.14
N LEU C 226 16.49 -1.29 -31.96
CA LEU C 226 17.46 -2.13 -32.65
C LEU C 226 17.76 -3.41 -31.88
N THR C 227 17.60 -4.55 -32.55
CA THR C 227 18.10 -5.82 -32.03
C THR C 227 19.62 -5.82 -32.11
N THR C 228 20.27 -6.25 -31.03
CA THR C 228 21.70 -6.01 -30.88
C THR C 228 22.26 -7.01 -29.90
N VAL C 229 23.58 -7.02 -29.78
CA VAL C 229 24.31 -7.89 -28.86
C VAL C 229 24.90 -7.03 -27.76
N ARG C 230 24.58 -7.36 -26.51
CA ARG C 230 24.95 -6.55 -25.36
C ARG C 230 26.36 -6.92 -24.88
N GLN C 231 27.23 -5.91 -24.82
CA GLN C 231 28.57 -6.05 -24.24
C GLN C 231 28.58 -5.35 -22.89
N ASP C 232 29.05 -6.06 -21.86
CA ASP C 232 29.13 -5.50 -20.51
C ASP C 232 30.47 -4.77 -20.38
N PHE C 233 30.52 -3.58 -20.97
CA PHE C 233 31.74 -2.78 -20.96
C PHE C 233 32.17 -2.44 -19.54
N GLU C 234 31.23 -2.07 -18.68
CA GLU C 234 31.54 -1.72 -17.30
C GLU C 234 32.24 -2.87 -16.57
N GLU C 235 31.63 -4.06 -16.62
CA GLU C 235 32.24 -5.24 -16.01
C GLU C 235 33.55 -5.60 -16.71
N LEU C 236 33.65 -5.32 -18.00
CA LEU C 236 34.87 -5.61 -18.73
C LEU C 236 36.07 -4.90 -18.11
N GLY C 237 35.91 -3.61 -17.80
CA GLY C 237 37.03 -2.86 -17.25
C GLY C 237 37.30 -3.19 -15.79
N ARG C 238 36.22 -3.43 -15.03
CA ARG C 238 36.35 -3.93 -13.67
C ARG C 238 37.10 -5.26 -13.62
N GLN C 239 36.93 -6.09 -14.64
CA GLN C 239 37.66 -7.35 -14.72
C GLN C 239 39.11 -7.15 -15.15
N ALA C 240 39.40 -6.07 -15.88
CA ALA C 240 40.78 -5.82 -16.27
C ALA C 240 41.63 -5.38 -15.08
N VAL C 241 41.03 -4.66 -14.13
CA VAL C 241 41.75 -4.30 -12.92
C VAL C 241 41.97 -5.52 -12.05
N GLU C 242 40.93 -6.37 -11.91
CA GLU C 242 41.08 -7.60 -11.13
C GLU C 242 42.22 -8.45 -11.67
N GLN C 243 42.29 -8.63 -12.99
CA GLN C 243 43.37 -9.41 -13.59
C GLN C 243 44.71 -8.71 -13.43
N LEU C 244 44.71 -7.37 -13.40
CA LEU C 244 45.96 -6.63 -13.31
C LEU C 244 46.56 -6.70 -11.91
N LEU C 245 45.70 -6.69 -10.89
CA LEU C 245 46.17 -6.75 -9.51
C LEU C 245 46.55 -8.16 -9.09
N GLU C 246 45.98 -9.18 -9.72
CA GLU C 246 46.49 -10.55 -9.52
C GLU C 246 47.93 -10.67 -10.00
N MET C 247 48.31 -9.90 -11.04
CA MET C 247 49.70 -9.88 -11.48
C MET C 247 50.55 -8.97 -10.61
N ILE C 248 49.99 -7.85 -10.16
CA ILE C 248 50.76 -6.86 -9.42
C ILE C 248 51.13 -7.38 -8.05
N GLU C 249 50.19 -8.04 -7.36
CA GLU C 249 50.35 -8.40 -5.96
C GLU C 249 51.06 -9.73 -5.76
N GLY C 250 52.02 -10.06 -6.62
CA GLY C 250 52.93 -11.15 -6.36
C GLY C 250 52.42 -12.53 -6.68
N GLU C 251 51.29 -12.66 -7.37
CA GLU C 251 50.79 -13.97 -7.75
C GLU C 251 51.35 -14.39 -9.09
N GLU C 252 50.51 -14.40 -10.12
CA GLU C 252 50.91 -14.81 -11.47
C GLU C 252 49.79 -14.44 -12.42
N PRO C 253 50.07 -14.40 -13.72
CA PRO C 253 49.00 -14.16 -14.71
C PRO C 253 47.89 -15.19 -14.57
N PRO C 254 46.68 -14.75 -14.24
CA PRO C 254 45.58 -15.69 -14.06
C PRO C 254 45.06 -16.17 -15.41
N PRO C 255 44.18 -17.18 -15.41
CA PRO C 255 43.58 -17.63 -16.67
C PRO C 255 42.88 -16.48 -17.38
N PRO C 256 43.03 -16.39 -18.70
CA PRO C 256 42.33 -15.33 -19.44
C PRO C 256 40.83 -15.45 -19.29
N ALA C 257 40.18 -14.33 -18.99
CA ALA C 257 38.74 -14.33 -18.79
C ALA C 257 38.02 -14.05 -20.10
N VAL C 258 36.80 -14.57 -20.20
CA VAL C 258 35.93 -14.38 -21.36
C VAL C 258 34.54 -14.04 -20.85
N LEU C 259 34.08 -12.84 -21.14
CA LEU C 259 32.77 -12.42 -20.66
C LEU C 259 31.69 -12.78 -21.69
N PRO C 260 30.56 -13.32 -21.25
CA PRO C 260 29.56 -13.82 -22.19
C PRO C 260 28.63 -12.70 -22.64
N PRO C 261 28.58 -12.42 -23.93
CA PRO C 261 27.63 -11.41 -24.42
C PRO C 261 26.21 -11.93 -24.37
N GLU C 262 25.25 -11.01 -24.56
CA GLU C 262 23.83 -11.34 -24.53
C GLU C 262 23.13 -10.80 -25.76
N LEU C 263 22.28 -11.61 -26.37
CA LEU C 263 21.47 -11.18 -27.51
C LEU C 263 20.17 -10.54 -27.01
N ILE C 264 19.96 -9.28 -27.40
CA ILE C 264 18.81 -8.48 -27.02
C ILE C 264 17.95 -8.30 -28.27
N VAL C 265 16.81 -8.97 -28.32
CA VAL C 265 15.94 -8.94 -29.51
C VAL C 265 14.88 -7.87 -29.33
N ARG C 266 14.85 -6.89 -30.24
CA ARG C 266 13.92 -5.76 -30.14
C ARG C 266 13.01 -5.81 -31.35
N GLU C 267 12.94 -4.73 -32.14
CA GLU C 267 11.93 -4.62 -33.17
C GLU C 267 12.50 -4.54 -34.59
N SER C 268 13.80 -4.66 -34.77
CA SER C 268 14.38 -4.49 -36.09
C SER C 268 14.64 -5.81 -36.78
N THR C 269 14.15 -6.93 -36.22
CA THR C 269 14.31 -8.23 -36.85
C THR C 269 12.97 -8.93 -37.00
N ALA C 270 12.83 -9.70 -38.08
CA ALA C 270 11.60 -10.40 -38.41
C ALA C 270 11.93 -11.44 -39.47
N PRO C 271 11.01 -12.33 -39.81
CA PRO C 271 11.24 -13.20 -40.96
C PRO C 271 11.33 -12.39 -42.23
N PRO C 272 12.06 -12.87 -43.24
CA PRO C 272 12.27 -12.04 -44.44
C PRO C 272 10.97 -11.66 -45.15
N GLU C 273 10.04 -12.59 -45.28
CA GLU C 273 8.70 -12.28 -45.75
C GLU C 273 7.70 -12.79 -44.73
N ASN C 274 6.42 -12.49 -44.97
CA ASN C 274 5.38 -13.03 -44.11
C ASN C 274 5.41 -14.55 -44.16
N LEU C 275 5.42 -15.17 -42.97
CA LEU C 275 5.52 -16.62 -42.90
C LEU C 275 4.26 -17.33 -43.37
N TYR C 276 3.15 -16.62 -43.53
CA TYR C 276 1.87 -17.23 -43.89
C TYR C 276 1.36 -16.80 -45.26
N PHE C 277 1.34 -15.49 -45.54
CA PHE C 277 0.91 -14.96 -46.84
C PHE C 277 2.11 -15.01 -47.80
N GLN C 278 2.36 -16.19 -48.33
CA GLN C 278 3.44 -16.41 -49.28
C GLN C 278 3.09 -17.61 -50.14
N HIS D 5 -49.26 -1.54 14.24
CA HIS D 5 -50.20 -2.49 14.82
C HIS D 5 -49.48 -3.79 15.20
N THR D 6 -48.56 -4.23 14.35
CA THR D 6 -47.87 -5.50 14.57
C THR D 6 -46.39 -5.35 14.23
N ILE D 7 -45.57 -6.12 14.94
CA ILE D 7 -44.11 -6.14 14.76
C ILE D 7 -43.69 -7.57 14.45
N GLY D 8 -42.86 -7.73 13.42
CA GLY D 8 -42.35 -9.02 13.03
C GLY D 8 -40.94 -9.23 13.56
N VAL D 9 -40.67 -10.46 14.00
CA VAL D 9 -39.34 -10.81 14.48
C VAL D 9 -38.94 -12.14 13.85
N VAL D 10 -37.69 -12.20 13.40
CA VAL D 10 -37.08 -13.41 12.86
C VAL D 10 -35.95 -13.80 13.79
N THR D 11 -36.10 -14.94 14.46
CA THR D 11 -35.10 -15.43 15.40
C THR D 11 -34.68 -16.84 14.97
N THR D 12 -33.78 -17.42 15.76
CA THR D 12 -33.26 -18.75 15.48
C THR D 12 -34.09 -19.86 16.13
N GLY D 13 -33.49 -21.01 16.38
CA GLY D 13 -34.17 -22.16 16.94
C GLY D 13 -34.56 -22.07 18.41
N LEU D 14 -34.15 -21.00 19.10
CA LEU D 14 -34.60 -20.71 20.47
C LEU D 14 -34.32 -21.88 21.43
N SER D 15 -33.17 -22.53 21.27
CA SER D 15 -32.72 -23.53 22.22
C SER D 15 -31.60 -23.00 23.12
N PHE D 16 -31.45 -21.67 23.18
CA PHE D 16 -30.43 -21.01 23.98
C PHE D 16 -31.04 -19.83 24.71
N TYR D 17 -30.52 -19.56 25.90
CA TYR D 17 -31.08 -18.50 26.74
C TYR D 17 -30.99 -17.14 26.05
N GLY D 18 -29.84 -16.80 25.46
CA GLY D 18 -29.64 -15.52 24.82
C GLY D 18 -30.74 -15.13 23.85
N PRO D 19 -30.95 -15.96 22.82
CA PRO D 19 -32.03 -15.65 21.87
C PRO D 19 -33.40 -15.55 22.52
N SER D 20 -33.72 -16.45 23.46
CA SER D 20 -35.03 -16.46 24.09
C SER D 20 -35.26 -15.21 24.92
N GLN D 21 -34.24 -14.74 25.63
CA GLN D 21 -34.39 -13.58 26.49
C GLN D 21 -34.44 -12.29 25.68
N ILE D 22 -33.75 -12.25 24.54
CA ILE D 22 -33.93 -11.12 23.63
C ILE D 22 -35.38 -11.07 23.15
N LEU D 23 -35.95 -12.23 22.84
CA LEU D 23 -37.34 -12.28 22.39
C LEU D 23 -38.29 -11.85 23.52
N VAL D 24 -37.98 -12.22 24.76
CA VAL D 24 -38.79 -11.76 25.90
C VAL D 24 -38.78 -10.23 25.96
N GLY D 25 -37.60 -9.62 25.83
CA GLY D 25 -37.52 -8.16 25.82
C GLY D 25 -38.33 -7.54 24.69
N ILE D 26 -38.31 -8.17 23.51
CA ILE D 26 -39.05 -7.65 22.37
C ILE D 26 -40.55 -7.69 22.63
N GLU D 27 -41.04 -8.84 23.11
CA GLU D 27 -42.47 -9.00 23.33
C GLU D 27 -42.98 -8.05 24.41
N ARG D 28 -42.21 -7.86 25.48
CA ARG D 28 -42.64 -6.98 26.55
C ARG D 28 -42.65 -5.53 26.10
N ALA D 29 -41.63 -5.13 25.33
CA ALA D 29 -41.58 -3.75 24.86
C ALA D 29 -42.65 -3.47 23.80
N ALA D 30 -42.83 -4.40 22.85
CA ALA D 30 -43.89 -4.23 21.87
C ALA D 30 -45.26 -4.22 22.52
N ARG D 31 -45.47 -5.08 23.52
CA ARG D 31 -46.71 -5.05 24.28
C ARG D 31 -46.90 -3.70 24.97
N GLU D 32 -45.83 -3.17 25.56
CA GLU D 32 -45.92 -1.91 26.29
C GLU D 32 -46.34 -0.75 25.39
N HIS D 33 -46.19 -0.88 24.09
CA HIS D 33 -46.51 0.20 23.16
C HIS D 33 -47.68 -0.13 22.23
N GLY D 34 -48.43 -1.18 22.54
CA GLY D 34 -49.63 -1.48 21.77
C GLY D 34 -49.41 -2.26 20.50
N TYR D 35 -48.26 -2.93 20.37
CA TYR D 35 -47.96 -3.69 19.16
C TYR D 35 -48.04 -5.17 19.44
N SER D 36 -48.56 -5.91 18.46
CA SER D 36 -48.52 -7.36 18.50
C SER D 36 -47.21 -7.86 17.91
N LEU D 37 -46.87 -9.11 18.21
CA LEU D 37 -45.60 -9.69 17.81
C LEU D 37 -45.84 -10.91 16.93
N LEU D 38 -45.39 -10.82 15.68
CA LEU D 38 -45.43 -11.94 14.75
C LEU D 38 -44.07 -12.61 14.77
N LEU D 39 -44.05 -13.89 15.13
CA LEU D 39 -42.81 -14.63 15.34
C LEU D 39 -42.52 -15.55 14.17
N ALA D 40 -41.30 -15.45 13.64
CA ALA D 40 -40.79 -16.39 12.64
C ALA D 40 -39.46 -16.95 13.10
N THR D 41 -39.25 -18.24 12.89
CA THR D 41 -38.00 -18.90 13.24
C THR D 41 -37.27 -19.35 11.99
N VAL D 42 -35.94 -19.29 12.03
CA VAL D 42 -35.11 -19.74 10.92
C VAL D 42 -34.08 -20.74 11.43
N HIS D 43 -33.63 -21.61 10.51
CA HIS D 43 -32.65 -22.64 10.84
C HIS D 43 -31.26 -22.23 10.38
N GLU D 44 -30.68 -22.98 9.43
CA GLU D 44 -29.29 -22.81 9.06
C GLU D 44 -29.08 -22.16 7.70
N ASP D 45 -29.96 -22.39 6.73
CA ASP D 45 -29.81 -21.81 5.41
C ASP D 45 -29.74 -20.29 5.51
N PRO D 46 -28.68 -19.65 5.01
CA PRO D 46 -28.50 -18.21 5.25
C PRO D 46 -29.53 -17.35 4.54
N ASP D 47 -30.12 -17.81 3.44
CA ASP D 47 -31.15 -17.06 2.74
C ASP D 47 -32.55 -17.40 3.21
N GLU D 48 -32.69 -18.27 4.21
CA GLU D 48 -34.01 -18.58 4.75
C GLU D 48 -34.62 -17.38 5.46
N VAL D 49 -33.77 -16.47 5.98
CA VAL D 49 -34.27 -15.26 6.61
C VAL D 49 -35.00 -14.38 5.61
N GLU D 50 -34.46 -14.26 4.39
CA GLU D 50 -35.10 -13.45 3.36
C GLU D 50 -36.48 -13.99 3.01
N GLU D 51 -36.67 -15.31 3.13
CA GLU D 51 -38.00 -15.89 2.90
C GLU D 51 -38.98 -15.49 3.98
N ALA D 52 -38.52 -15.42 5.24
CA ALA D 52 -39.41 -15.03 6.33
C ALA D 52 -39.66 -13.53 6.34
N ILE D 53 -38.69 -12.73 5.88
CA ILE D 53 -38.88 -11.28 5.80
C ILE D 53 -40.01 -10.95 4.83
N ASN D 54 -40.09 -11.71 3.73
CA ASN D 54 -41.18 -11.49 2.78
C ASN D 54 -42.51 -11.96 3.36
N THR D 55 -42.50 -13.04 4.14
CA THR D 55 -43.72 -13.50 4.78
C THR D 55 -44.26 -12.44 5.73
N LEU D 56 -43.38 -11.81 6.52
CA LEU D 56 -43.80 -10.71 7.37
C LEU D 56 -44.23 -9.50 6.54
N ARG D 57 -43.59 -9.30 5.38
CA ARG D 57 -43.96 -8.20 4.50
C ARG D 57 -45.39 -8.36 3.97
N GLU D 58 -45.76 -9.58 3.59
CA GLU D 58 -47.10 -9.83 3.09
C GLU D 58 -48.18 -9.64 4.16
N ARG D 59 -47.82 -9.78 5.44
CA ARG D 59 -48.76 -9.58 6.53
C ARG D 59 -48.87 -8.11 6.94
N ARG D 60 -48.41 -7.19 6.10
CA ARG D 60 -48.52 -5.75 6.33
C ARG D 60 -47.97 -5.38 7.71
N VAL D 61 -46.84 -5.98 8.07
CA VAL D 61 -46.23 -5.68 9.35
C VAL D 61 -45.63 -4.29 9.31
N ASP D 62 -45.63 -3.61 10.45
CA ASP D 62 -45.11 -2.25 10.52
C ASP D 62 -43.59 -2.24 10.59
N GLY D 63 -43.01 -3.14 11.37
CA GLY D 63 -41.57 -3.22 11.50
C GLY D 63 -41.12 -4.65 11.68
N ILE D 64 -39.83 -4.88 11.42
CA ILE D 64 -39.22 -6.21 11.47
C ILE D 64 -37.94 -6.13 12.29
N ILE D 65 -37.75 -7.09 13.18
CA ILE D 65 -36.53 -7.22 13.97
C ILE D 65 -35.88 -8.55 13.63
N ILE D 66 -34.61 -8.53 13.25
CA ILE D 66 -33.89 -9.73 12.86
C ILE D 66 -32.95 -10.12 13.99
N VAL D 67 -33.34 -11.13 14.76
CA VAL D 67 -32.51 -11.66 15.84
C VAL D 67 -31.89 -12.96 15.34
N ALA D 68 -31.02 -12.85 14.34
CA ALA D 68 -30.39 -14.02 13.73
C ALA D 68 -29.27 -13.53 12.83
N PRO D 69 -28.30 -14.38 12.52
CA PRO D 69 -27.25 -13.98 11.57
C PRO D 69 -27.84 -13.73 10.18
N HIS D 70 -27.54 -12.56 9.63
CA HIS D 70 -27.96 -12.21 8.27
C HIS D 70 -26.76 -11.69 7.49
N ASN D 71 -26.66 -12.12 6.23
CA ASN D 71 -25.54 -11.76 5.36
C ASN D 71 -25.89 -10.49 4.60
N SER D 72 -25.60 -9.34 5.22
CA SER D 72 -25.85 -8.03 4.62
C SER D 72 -27.30 -7.85 4.17
N ALA D 82 -35.28 -2.50 1.01
CA ALA D 82 -35.97 -1.33 0.47
C ALA D 82 -36.47 -0.44 1.59
N GLY D 83 -36.74 -1.03 2.74
CA GLY D 83 -37.34 -0.32 3.84
C GLY D 83 -38.86 -0.33 3.85
N VAL D 84 -39.48 -1.21 3.06
CA VAL D 84 -40.94 -1.30 3.05
C VAL D 84 -41.47 -1.54 4.47
N PRO D 85 -40.95 -2.50 5.24
CA PRO D 85 -40.97 -2.35 6.69
C PRO D 85 -39.63 -1.86 7.19
N PRO D 86 -39.61 -0.88 8.08
CA PRO D 86 -38.37 -0.55 8.82
C PRO D 86 -37.83 -1.79 9.52
N VAL D 87 -36.51 -1.93 9.54
CA VAL D 87 -35.87 -3.14 10.04
C VAL D 87 -34.75 -2.78 11.01
N VAL D 88 -34.68 -3.50 12.12
CA VAL D 88 -33.62 -3.36 13.11
C VAL D 88 -32.95 -4.71 13.28
N PHE D 89 -31.65 -4.77 13.03
CA PHE D 89 -30.86 -5.98 13.23
C PHE D 89 -30.31 -6.02 14.66
N LEU D 90 -30.17 -7.24 15.18
CA LEU D 90 -29.68 -7.43 16.55
C LEU D 90 -28.21 -7.79 16.62
N SER D 91 -27.61 -8.24 15.53
CA SER D 91 -26.23 -8.70 15.55
C SER D 91 -25.57 -8.64 14.18
N ALA D 92 -25.08 -7.46 13.80
CA ALA D 92 -24.39 -7.27 12.54
C ALA D 92 -23.64 -5.94 12.58
N GLN D 93 -22.56 -5.85 11.82
CA GLN D 93 -21.89 -4.58 11.64
C GLN D 93 -22.86 -3.58 11.00
N PRO D 94 -22.65 -2.28 11.22
CA PRO D 94 -23.65 -1.29 10.78
C PRO D 94 -23.18 -0.51 9.58
N PRO D 95 -23.56 -0.93 8.37
CA PRO D 95 -23.28 -0.10 7.18
C PRO D 95 -24.43 0.88 6.93
N GLY D 96 -24.58 1.84 7.85
CA GLY D 96 -25.74 2.72 7.87
C GLY D 96 -27.02 2.07 8.34
N VAL D 97 -27.07 0.74 8.42
CA VAL D 97 -28.26 0.01 8.87
C VAL D 97 -28.34 0.08 10.39
N PRO D 98 -29.50 0.35 10.97
CA PRO D 98 -29.60 0.43 12.43
C PRO D 98 -29.27 -0.89 13.10
N THR D 99 -28.54 -0.83 14.21
CA THR D 99 -28.13 -2.03 14.92
C THR D 99 -28.14 -1.76 16.42
N VAL D 100 -28.47 -2.81 17.17
CA VAL D 100 -28.40 -2.81 18.63
C VAL D 100 -27.67 -4.07 19.04
N SER D 101 -26.56 -3.92 19.76
CA SER D 101 -25.75 -5.07 20.13
C SER D 101 -24.90 -4.74 21.36
N VAL D 102 -24.35 -5.78 21.95
CA VAL D 102 -23.36 -5.66 23.02
C VAL D 102 -21.98 -5.55 22.38
N ASP D 103 -21.10 -4.76 22.98
CA ASP D 103 -19.74 -4.70 22.47
C ASP D 103 -19.08 -6.06 22.62
N GLN D 104 -19.13 -6.88 21.54
CA GLN D 104 -18.60 -8.23 21.62
C GLN D 104 -17.08 -8.24 21.74
N TYR D 105 -16.41 -7.29 21.09
CA TYR D 105 -14.96 -7.23 21.15
C TYR D 105 -14.49 -6.82 22.54
N ALA D 106 -15.08 -5.76 23.11
CA ALA D 106 -14.71 -5.36 24.45
C ALA D 106 -15.01 -6.45 25.47
N GLY D 107 -16.07 -7.24 25.22
CA GLY D 107 -16.39 -8.33 26.12
C GLY D 107 -15.30 -9.39 26.15
N ALA D 108 -14.83 -9.80 24.98
CA ALA D 108 -13.79 -10.82 24.95
C ALA D 108 -12.49 -10.29 25.53
N ARG D 109 -12.17 -9.01 25.29
CA ARG D 109 -10.99 -8.40 25.88
C ARG D 109 -11.05 -8.44 27.41
N LEU D 110 -12.22 -8.19 27.98
CA LEU D 110 -12.37 -8.29 29.43
C LEU D 110 -12.02 -9.70 29.89
N ALA D 111 -12.57 -10.72 29.23
CA ALA D 111 -12.36 -12.10 29.67
C ALA D 111 -10.90 -12.49 29.53
N THR D 112 -10.29 -12.16 28.40
CA THR D 112 -8.89 -12.53 28.19
C THR D 112 -7.98 -11.71 29.11
N GLU D 113 -8.24 -10.41 29.25
CA GLU D 113 -7.42 -9.58 30.14
C GLU D 113 -7.56 -10.02 31.59
N HIS D 114 -8.73 -10.51 32.00
CA HIS D 114 -8.90 -10.99 33.36
C HIS D 114 -8.00 -12.19 33.63
N LEU D 115 -7.90 -13.10 32.66
CA LEU D 115 -7.00 -14.25 32.81
C LEU D 115 -5.54 -13.83 32.73
N LEU D 116 -5.22 -12.95 31.79
CA LEU D 116 -3.85 -12.43 31.67
C LEU D 116 -3.39 -11.74 32.95
N ASP D 117 -4.26 -10.93 33.55
CA ASP D 117 -3.90 -10.24 34.78
C ASP D 117 -3.64 -11.20 35.93
N LEU D 118 -4.20 -12.42 35.86
CA LEU D 118 -4.02 -13.41 36.91
C LEU D 118 -2.72 -14.19 36.78
N GLY D 119 -1.95 -13.94 35.70
CA GLY D 119 -0.70 -14.62 35.43
C GLY D 119 -0.75 -15.63 34.31
N HIS D 120 -1.92 -15.88 33.72
CA HIS D 120 -2.05 -16.87 32.67
C HIS D 120 -1.41 -16.38 31.38
N ARG D 121 -0.57 -17.23 30.78
CA ARG D 121 0.03 -16.94 29.49
C ARG D 121 -0.39 -17.91 28.40
N ARG D 122 -0.82 -19.12 28.73
CA ARG D 122 -1.31 -20.10 27.76
C ARG D 122 -2.82 -20.20 27.98
N ILE D 123 -3.58 -19.39 27.23
CA ILE D 123 -5.03 -19.34 27.34
C ILE D 123 -5.61 -19.87 26.03
N ALA D 124 -6.24 -21.05 26.09
CA ALA D 124 -6.86 -21.61 24.90
C ALA D 124 -8.27 -21.06 24.71
N LEU D 125 -8.67 -20.90 23.45
CA LEU D 125 -10.00 -20.43 23.10
C LEU D 125 -10.80 -21.56 22.47
N ILE D 126 -12.03 -21.74 22.93
CA ILE D 126 -13.01 -22.58 22.25
C ILE D 126 -14.03 -21.61 21.66
N THR D 127 -13.93 -21.40 20.35
CA THR D 127 -14.65 -20.33 19.68
C THR D 127 -16.01 -20.81 19.20
N GLY D 128 -16.88 -19.85 18.88
CA GLY D 128 -18.17 -20.15 18.31
C GLY D 128 -18.10 -20.38 16.81
N PRO D 129 -19.26 -20.63 16.20
CA PRO D 129 -19.30 -20.81 14.74
C PRO D 129 -18.92 -19.53 14.01
N GLN D 130 -18.09 -19.68 12.97
CA GLN D 130 -17.53 -18.53 12.26
C GLN D 130 -18.59 -17.69 11.55
N ASP D 131 -19.74 -18.27 11.21
CA ASP D 131 -20.74 -17.48 10.51
C ASP D 131 -21.47 -16.50 11.42
N TRP D 132 -21.33 -16.64 12.73
CA TRP D 132 -21.88 -15.68 13.68
C TRP D 132 -20.89 -14.54 13.88
N LEU D 133 -21.37 -13.30 13.80
CA LEU D 133 -20.50 -12.16 14.05
C LEU D 133 -20.05 -12.12 15.51
N GLU D 134 -20.91 -12.53 16.44
CA GLU D 134 -20.54 -12.57 17.85
C GLU D 134 -19.30 -13.43 18.07
N ALA D 135 -19.21 -14.56 17.36
CA ALA D 135 -18.10 -15.47 17.56
C ALA D 135 -16.82 -14.90 16.97
N ARG D 136 -16.92 -14.27 15.78
CA ARG D 136 -15.75 -13.73 15.12
C ARG D 136 -15.17 -12.55 15.89
N GLU D 137 -16.03 -11.69 16.42
CA GLU D 137 -15.55 -10.50 17.13
C GLU D 137 -14.99 -10.86 18.50
N ARG D 138 -15.46 -11.97 19.10
CA ARG D 138 -14.87 -12.41 20.34
C ARG D 138 -13.48 -13.01 20.10
N LEU D 139 -13.34 -13.78 19.02
CA LEU D 139 -12.02 -14.30 18.68
C LEU D 139 -11.03 -13.17 18.41
N GLN D 140 -11.51 -12.07 17.82
CA GLN D 140 -10.62 -10.94 17.57
C GLN D 140 -10.16 -10.28 18.87
N GLY D 141 -11.05 -10.18 19.86
CA GLY D 141 -10.66 -9.61 21.14
C GLY D 141 -9.64 -10.47 21.86
N TRP D 142 -9.86 -11.79 21.86
CA TRP D 142 -8.88 -12.69 22.45
C TRP D 142 -7.57 -12.64 21.70
N ARG D 143 -7.63 -12.54 20.37
CA ARG D 143 -6.40 -12.53 19.58
C ARG D 143 -5.59 -11.26 19.85
N GLU D 144 -6.26 -10.11 19.91
CA GLU D 144 -5.56 -8.83 20.08
C GLU D 144 -5.19 -8.56 21.54
N ALA D 145 -5.90 -9.16 22.50
CA ALA D 145 -5.46 -9.07 23.88
C ALA D 145 -4.11 -9.76 24.09
N LEU D 146 -3.94 -10.94 23.49
CA LEU D 146 -2.66 -11.63 23.58
C LEU D 146 -1.59 -10.93 22.77
N ALA D 147 -1.95 -10.35 21.63
CA ALA D 147 -0.97 -9.64 20.82
C ALA D 147 -0.50 -8.38 21.54
N GLU D 148 -1.42 -7.68 22.20
CA GLU D 148 -1.02 -6.53 23.00
C GLU D 148 -0.10 -6.94 24.13
N ALA D 149 -0.30 -8.12 24.71
CA ALA D 149 0.59 -8.68 25.71
C ALA D 149 1.87 -9.27 25.15
N GLY D 150 2.00 -9.33 23.81
CA GLY D 150 3.19 -9.91 23.21
C GLY D 150 3.30 -11.40 23.31
N LEU D 151 2.19 -12.08 23.53
CA LEU D 151 2.17 -13.52 23.70
C LEU D 151 1.68 -14.22 22.43
N PRO D 152 2.18 -15.41 22.15
CA PRO D 152 1.69 -16.18 20.99
C PRO D 152 0.33 -16.78 21.27
N PRO D 153 -0.60 -16.71 20.32
CA PRO D 153 -1.96 -17.21 20.55
C PRO D 153 -1.97 -18.74 20.54
N PRO D 154 -2.47 -19.36 21.60
CA PRO D 154 -2.50 -20.82 21.64
C PRO D 154 -3.53 -21.43 20.71
N ALA D 155 -3.93 -22.67 21.01
CA ALA D 155 -4.83 -23.41 20.13
C ALA D 155 -6.20 -22.76 20.10
N VAL D 156 -6.85 -22.84 18.94
CA VAL D 156 -8.22 -22.39 18.76
C VAL D 156 -9.01 -23.59 18.25
N LEU D 157 -9.95 -24.06 19.06
CA LEU D 157 -10.87 -25.10 18.65
C LEU D 157 -12.26 -24.50 18.49
N GLN D 158 -13.04 -25.06 17.57
CA GLN D 158 -14.32 -24.50 17.18
C GLN D 158 -15.46 -25.28 17.80
N GLY D 159 -16.42 -24.55 18.37
CA GLY D 159 -17.68 -25.11 18.83
C GLY D 159 -18.83 -24.59 18.01
N ASP D 160 -20.05 -24.91 18.49
CA ASP D 160 -21.26 -24.50 17.80
C ASP D 160 -22.28 -23.95 18.78
N TRP D 161 -21.78 -23.34 19.87
CA TRP D 161 -22.51 -22.78 21.00
C TRP D 161 -22.99 -23.85 21.97
N SER D 162 -22.95 -25.13 21.62
CA SER D 162 -23.60 -26.14 22.43
C SER D 162 -22.62 -26.74 23.45
N ALA D 163 -23.19 -27.29 24.53
CA ALA D 163 -22.35 -27.88 25.57
C ALA D 163 -21.59 -29.09 25.04
N ALA D 164 -22.17 -29.81 24.07
CA ALA D 164 -21.48 -30.95 23.49
C ALA D 164 -20.22 -30.51 22.76
N SER D 165 -20.31 -29.43 21.98
CA SER D 165 -19.17 -28.96 21.20
C SER D 165 -18.02 -28.51 22.10
N GLY D 166 -18.34 -27.88 23.24
CA GLY D 166 -17.29 -27.49 24.17
C GLY D 166 -16.62 -28.67 24.82
N TYR D 167 -17.40 -29.71 25.14
CA TYR D 167 -16.84 -30.93 25.72
C TYR D 167 -15.88 -31.60 24.74
N GLU D 168 -16.28 -31.72 23.47
CA GLU D 168 -15.42 -32.32 22.46
C GLU D 168 -14.15 -31.50 22.26
N ALA D 169 -14.28 -30.16 22.31
CA ALA D 169 -13.12 -29.29 22.16
C ALA D 169 -12.18 -29.42 23.36
N ALA D 170 -12.70 -29.50 24.58
CA ALA D 170 -11.86 -29.65 25.75
C ALA D 170 -11.19 -31.03 25.77
N ARG D 171 -11.88 -32.06 25.31
CA ARG D 171 -11.25 -33.38 25.26
C ARG D 171 -10.06 -33.38 24.32
N GLN D 172 -10.19 -32.70 23.18
CA GLN D 172 -9.09 -32.61 22.23
C GLN D 172 -7.96 -31.75 22.78
N LEU D 173 -8.30 -30.61 23.39
CA LEU D 173 -7.29 -29.75 24.00
C LEU D 173 -6.49 -30.51 25.05
N LEU D 174 -7.11 -31.48 25.72
CA LEU D 174 -6.45 -32.26 26.75
C LEU D 174 -5.51 -33.32 26.18
N GLU D 175 -5.52 -33.57 24.87
CA GLU D 175 -4.57 -34.51 24.29
C GLU D 175 -3.14 -33.98 24.40
N GLN D 176 -2.96 -32.67 24.31
CA GLN D 176 -1.66 -32.03 24.52
C GLN D 176 -1.89 -30.82 25.43
N PRO D 177 -2.03 -31.04 26.74
CA PRO D 177 -2.39 -29.94 27.64
C PRO D 177 -1.27 -28.94 27.85
N ASP D 178 -1.11 -28.01 26.91
CA ASP D 178 -0.13 -26.94 27.00
C ASP D 178 -0.78 -25.62 27.40
N PHE D 179 -1.87 -25.66 28.16
CA PHE D 179 -2.62 -24.47 28.53
C PHE D 179 -2.89 -24.47 30.03
N THR D 180 -3.07 -23.27 30.58
CA THR D 180 -3.48 -23.11 31.96
C THR D 180 -4.90 -22.59 32.10
N ALA D 181 -5.51 -22.09 31.03
CA ALA D 181 -6.87 -21.58 31.10
C ALA D 181 -7.55 -21.70 29.75
N ILE D 182 -8.87 -21.86 29.80
CA ILE D 182 -9.71 -21.99 28.61
C ILE D 182 -10.76 -20.89 28.66
N PHE D 183 -10.90 -20.17 27.55
CA PHE D 183 -11.95 -19.18 27.38
C PHE D 183 -12.93 -19.75 26.35
N ALA D 184 -14.08 -20.20 26.83
CA ALA D 184 -15.15 -20.71 25.98
C ALA D 184 -16.06 -19.55 25.58
N ALA D 185 -16.43 -19.53 24.29
CA ALA D 185 -17.12 -18.39 23.72
C ALA D 185 -18.53 -18.18 24.27
N ASN D 186 -19.14 -19.18 24.92
CA ASN D 186 -20.40 -18.96 25.61
C ASN D 186 -20.51 -19.90 26.80
N ASP D 187 -21.43 -19.56 27.72
CA ASP D 187 -21.55 -20.33 28.97
C ASP D 187 -21.97 -21.77 28.71
N GLN D 188 -22.69 -22.02 27.61
CA GLN D 188 -23.09 -23.38 27.26
C GLN D 188 -21.88 -24.26 26.93
N MET D 189 -20.92 -23.72 26.17
CA MET D 189 -19.72 -24.49 25.85
C MET D 189 -18.78 -24.58 27.04
N ALA D 190 -18.77 -23.57 27.92
CA ALA D 190 -17.97 -23.66 29.15
C ALA D 190 -18.45 -24.80 30.04
N LEU D 191 -19.76 -25.02 30.11
CA LEU D 191 -20.27 -26.14 30.89
C LEU D 191 -19.72 -27.47 30.38
N GLY D 192 -19.61 -27.63 29.06
CA GLY D 192 -19.01 -28.83 28.51
C GLY D 192 -17.53 -28.93 28.80
N VAL D 193 -16.85 -27.79 28.96
CA VAL D 193 -15.45 -27.82 29.36
C VAL D 193 -15.32 -28.32 30.80
N LEU D 194 -16.09 -27.73 31.73
CA LEU D 194 -16.01 -28.13 33.13
C LEU D 194 -16.28 -29.62 33.31
N ARG D 195 -17.17 -30.19 32.49
CA ARG D 195 -17.41 -31.62 32.54
C ARG D 195 -16.17 -32.39 32.09
N ALA D 196 -15.52 -31.93 31.04
CA ALA D 196 -14.35 -32.63 30.52
C ALA D 196 -13.16 -32.47 31.45
N LEU D 197 -13.12 -31.37 32.20
CA LEU D 197 -12.03 -31.16 33.14
C LEU D 197 -12.22 -31.99 34.40
N HIS D 198 -13.44 -32.09 34.91
CA HIS D 198 -13.66 -32.87 36.13
C HIS D 198 -13.54 -34.37 35.87
N GLU D 199 -13.89 -34.82 34.66
CA GLU D 199 -13.84 -36.24 34.33
C GLU D 199 -12.41 -36.74 34.05
N ARG D 200 -11.46 -35.84 33.84
CA ARG D 200 -10.05 -36.19 33.77
C ARG D 200 -9.33 -35.98 35.11
N GLY D 201 -10.02 -35.44 36.11
CA GLY D 201 -9.43 -35.22 37.42
C GLY D 201 -8.80 -33.87 37.62
N LEU D 202 -8.84 -32.98 36.63
CA LEU D 202 -8.24 -31.66 36.74
C LEU D 202 -9.13 -30.74 37.59
N ARG D 203 -8.52 -30.05 38.54
CA ARG D 203 -9.26 -29.17 39.44
C ARG D 203 -9.45 -27.80 38.80
N VAL D 204 -10.64 -27.24 38.96
CA VAL D 204 -10.98 -25.89 38.50
C VAL D 204 -11.19 -25.02 39.72
N PRO D 205 -10.49 -23.89 39.84
CA PRO D 205 -9.49 -23.33 38.92
C PRO D 205 -8.04 -23.71 39.23
N ASP D 206 -7.81 -24.60 40.20
CA ASP D 206 -6.46 -24.83 40.69
C ASP D 206 -5.54 -25.35 39.59
N ASP D 207 -6.07 -26.17 38.68
CA ASP D 207 -5.32 -26.67 37.54
C ASP D 207 -5.61 -25.91 36.27
N VAL D 208 -6.88 -25.60 36.00
CA VAL D 208 -7.27 -24.90 34.78
C VAL D 208 -8.33 -23.88 35.15
N SER D 209 -8.14 -22.64 34.71
CA SER D 209 -9.18 -21.61 34.82
C SER D 209 -10.10 -21.65 33.60
N VAL D 210 -11.36 -21.30 33.82
CA VAL D 210 -12.38 -21.30 32.78
C VAL D 210 -13.18 -20.01 32.87
N VAL D 211 -13.30 -19.31 31.74
CA VAL D 211 -14.14 -18.13 31.59
C VAL D 211 -15.07 -18.38 30.42
N GLY D 212 -16.31 -17.93 30.55
CA GLY D 212 -17.29 -18.08 29.50
C GLY D 212 -17.83 -16.76 29.02
N PHE D 213 -19.09 -16.72 28.60
CA PHE D 213 -19.69 -15.54 28.01
C PHE D 213 -21.20 -15.75 27.93
N ASP D 214 -21.98 -14.75 28.38
CA ASP D 214 -23.44 -14.65 28.35
C ASP D 214 -23.98 -14.25 29.72
N ASP D 215 -23.51 -14.91 30.77
CA ASP D 215 -24.12 -14.84 32.11
C ASP D 215 -25.57 -15.34 32.08
N ILE D 216 -25.73 -16.57 31.60
CA ILE D 216 -27.02 -17.25 31.68
C ILE D 216 -27.28 -17.53 33.14
N PRO D 217 -28.54 -17.66 33.58
CA PRO D 217 -28.81 -17.84 35.02
C PRO D 217 -28.19 -19.09 35.62
N GLU D 218 -27.96 -20.14 34.83
CA GLU D 218 -27.36 -21.37 35.34
C GLU D 218 -25.87 -21.21 35.65
N SER D 219 -25.18 -20.28 34.98
CA SER D 219 -23.72 -20.18 35.10
C SER D 219 -23.28 -19.97 36.54
N ALA D 220 -24.04 -19.19 37.31
CA ALA D 220 -23.79 -19.03 38.74
C ALA D 220 -23.90 -20.34 39.52
N TYR D 221 -24.50 -21.39 38.95
CA TYR D 221 -24.67 -22.66 39.67
C TYR D 221 -24.01 -23.83 38.97
N PHE D 222 -23.03 -23.56 38.10
CA PHE D 222 -22.10 -24.58 37.61
C PHE D 222 -21.18 -25.01 38.75
N HIS D 223 -20.32 -25.98 38.46
CA HIS D 223 -19.30 -26.42 39.42
C HIS D 223 -17.91 -26.20 38.85
N PRO D 224 -17.20 -25.14 39.27
CA PRO D 224 -17.60 -24.12 40.23
C PRO D 224 -18.37 -23.01 39.53
N PRO D 225 -19.09 -22.14 40.25
CA PRO D 225 -19.83 -21.05 39.59
C PRO D 225 -18.94 -20.30 38.61
N LEU D 226 -19.43 -20.18 37.37
CA LEU D 226 -18.60 -19.80 36.24
C LEU D 226 -18.36 -18.30 36.19
N THR D 227 -17.12 -17.90 35.97
CA THR D 227 -16.79 -16.52 35.66
C THR D 227 -17.10 -16.27 34.18
N THR D 228 -17.90 -15.24 33.90
CA THR D 228 -18.42 -15.06 32.55
C THR D 228 -18.53 -13.57 32.25
N VAL D 229 -19.07 -13.26 31.07
CA VAL D 229 -19.28 -11.90 30.61
C VAL D 229 -20.78 -11.72 30.39
N ARG D 230 -21.37 -10.75 31.07
CA ARG D 230 -22.81 -10.59 31.05
C ARG D 230 -23.26 -9.84 29.81
N GLN D 231 -24.38 -10.30 29.24
CA GLN D 231 -25.10 -9.62 28.18
C GLN D 231 -26.52 -9.38 28.67
N ASP D 232 -26.92 -8.11 28.74
CA ASP D 232 -28.29 -7.77 29.13
C ASP D 232 -29.21 -8.07 27.95
N PHE D 233 -29.45 -9.37 27.73
CA PHE D 233 -30.25 -9.82 26.60
C PHE D 233 -31.62 -9.15 26.58
N GLU D 234 -32.27 -9.05 27.75
CA GLU D 234 -33.60 -8.46 27.79
C GLU D 234 -33.55 -6.99 27.38
N GLU D 235 -32.53 -6.26 27.85
CA GLU D 235 -32.39 -4.86 27.47
C GLU D 235 -32.09 -4.71 25.99
N LEU D 236 -31.45 -5.71 25.37
CA LEU D 236 -31.23 -5.66 23.93
C LEU D 236 -32.56 -5.70 23.17
N GLY D 237 -33.44 -6.62 23.56
CA GLY D 237 -34.71 -6.73 22.88
C GLY D 237 -35.57 -5.51 23.06
N ARG D 238 -35.56 -4.93 24.27
CA ARG D 238 -36.35 -3.75 24.54
C ARG D 238 -35.84 -2.56 23.75
N GLN D 239 -34.52 -2.37 23.71
CA GLN D 239 -33.94 -1.29 22.91
C GLN D 239 -34.12 -1.50 21.43
N ALA D 240 -34.27 -2.75 20.97
CA ALA D 240 -34.57 -2.97 19.57
C ALA D 240 -35.98 -2.50 19.21
N VAL D 241 -36.93 -2.64 20.15
CA VAL D 241 -38.29 -2.15 19.92
C VAL D 241 -38.30 -0.62 19.92
N GLU D 242 -37.56 0.00 20.85
CA GLU D 242 -37.52 1.45 20.89
C GLU D 242 -36.95 2.01 19.59
N GLN D 243 -35.90 1.37 19.06
CA GLN D 243 -35.29 1.84 17.82
C GLN D 243 -36.21 1.61 16.64
N LEU D 244 -36.92 0.47 16.62
CA LEU D 244 -37.84 0.20 15.54
C LEU D 244 -38.98 1.21 15.52
N LEU D 245 -39.58 1.47 16.69
CA LEU D 245 -40.72 2.36 16.76
C LEU D 245 -40.38 3.75 16.22
N GLU D 246 -39.21 4.29 16.58
CA GLU D 246 -38.84 5.61 16.07
C GLU D 246 -38.73 5.61 14.55
N MET D 247 -38.36 4.47 13.96
CA MET D 247 -38.36 4.36 12.51
C MET D 247 -39.78 4.20 11.96
N ILE D 248 -40.67 3.53 12.69
CA ILE D 248 -42.06 3.42 12.27
C ILE D 248 -42.68 4.80 12.14
N GLU D 249 -42.43 5.67 13.13
CA GLU D 249 -42.98 7.02 13.13
C GLU D 249 -42.14 7.98 12.29
N GLY D 250 -41.17 7.47 11.54
CA GLY D 250 -40.50 8.27 10.52
C GLY D 250 -39.42 9.20 11.01
N GLU D 251 -38.69 8.83 12.06
CA GLU D 251 -37.65 9.69 12.60
C GLU D 251 -36.28 9.44 11.97
N GLU D 252 -36.12 8.34 11.22
CA GLU D 252 -34.88 7.87 10.62
C GLU D 252 -33.90 7.40 11.72
N PRO D 253 -33.06 6.41 11.43
CA PRO D 253 -32.33 5.72 12.49
C PRO D 253 -31.37 6.65 13.22
N PRO D 254 -31.50 6.75 14.53
CA PRO D 254 -30.46 7.41 15.34
C PRO D 254 -29.20 6.55 15.37
N PRO D 255 -28.13 7.00 16.01
CA PRO D 255 -26.90 6.20 16.08
C PRO D 255 -27.16 4.83 16.70
N PRO D 256 -26.29 3.85 16.43
CA PRO D 256 -26.51 2.51 16.97
C PRO D 256 -26.09 2.42 18.43
N ALA D 257 -27.00 1.94 19.28
CA ALA D 257 -26.71 1.77 20.70
C ALA D 257 -25.85 0.54 20.91
N VAL D 258 -24.66 0.73 21.45
CA VAL D 258 -23.74 -0.36 21.75
C VAL D 258 -23.68 -0.49 23.27
N LEU D 259 -24.23 -1.58 23.78
CA LEU D 259 -24.34 -1.79 25.22
C LEU D 259 -23.05 -2.39 25.76
N PRO D 260 -22.53 -1.87 26.87
CA PRO D 260 -21.27 -2.38 27.41
C PRO D 260 -21.47 -3.74 28.07
N PRO D 261 -20.54 -4.67 27.86
CA PRO D 261 -20.58 -5.93 28.61
C PRO D 261 -19.99 -5.74 29.99
N GLU D 262 -20.31 -6.70 30.87
CA GLU D 262 -19.87 -6.65 32.26
C GLU D 262 -19.26 -7.98 32.64
N LEU D 263 -18.06 -7.95 33.20
CA LEU D 263 -17.40 -9.15 33.68
C LEU D 263 -17.95 -9.54 35.04
N ILE D 264 -18.41 -10.78 35.17
CA ILE D 264 -18.92 -11.33 36.42
C ILE D 264 -17.92 -12.37 36.92
N VAL D 265 -17.18 -12.01 37.96
CA VAL D 265 -16.16 -12.88 38.53
C VAL D 265 -16.80 -13.78 39.59
N ARG D 266 -16.55 -15.08 39.49
CA ARG D 266 -17.10 -16.03 40.44
C ARG D 266 -15.99 -16.89 41.02
N GLU D 267 -15.96 -18.19 40.69
CA GLU D 267 -15.04 -19.11 41.34
C GLU D 267 -14.31 -20.03 40.36
N SER D 268 -14.37 -19.76 39.05
CA SER D 268 -13.74 -20.62 38.06
C SER D 268 -12.38 -20.09 37.60
N THR D 269 -11.90 -19.00 38.18
CA THR D 269 -10.65 -18.36 37.77
C THR D 269 -9.71 -18.18 38.97
N ALA D 270 -8.41 -18.27 38.69
CA ALA D 270 -7.38 -18.22 39.73
C ALA D 270 -6.02 -18.12 39.03
N PRO D 271 -4.96 -17.73 39.76
CA PRO D 271 -3.64 -17.68 39.14
C PRO D 271 -3.17 -19.07 38.77
N PRO D 272 -2.32 -19.20 37.77
CA PRO D 272 -1.74 -20.52 37.46
C PRO D 272 -0.82 -21.00 38.58
N GLU D 273 -0.52 -22.29 38.55
CA GLU D 273 0.37 -22.90 39.55
C GLU D 273 1.79 -23.05 39.04
N SER E 4 55.83 16.00 -10.49
CA SER E 4 55.50 17.22 -11.22
C SER E 4 54.94 16.90 -12.61
N HIS E 5 54.45 17.93 -13.30
CA HIS E 5 53.90 17.79 -14.65
C HIS E 5 52.76 16.77 -14.66
N THR E 6 51.70 17.09 -13.90
CA THR E 6 50.57 16.18 -13.76
C THR E 6 49.29 16.99 -13.62
N ILE E 7 48.27 16.62 -14.39
CA ILE E 7 46.97 17.30 -14.40
C ILE E 7 45.91 16.29 -13.98
N GLY E 8 44.97 16.74 -13.14
CA GLY E 8 43.87 15.93 -12.68
C GLY E 8 42.56 16.44 -13.26
N VAL E 9 41.64 15.52 -13.54
CA VAL E 9 40.36 15.85 -14.14
C VAL E 9 39.27 14.99 -13.49
N VAL E 10 38.10 15.59 -13.26
CA VAL E 10 36.93 14.93 -12.69
C VAL E 10 35.81 14.96 -13.74
N THR E 11 35.36 13.77 -14.16
CA THR E 11 34.39 13.64 -15.23
C THR E 11 33.05 13.12 -14.69
N THR E 12 32.15 12.77 -15.62
CA THR E 12 30.74 12.55 -15.31
C THR E 12 30.26 11.14 -15.65
N GLY E 13 31.14 10.14 -15.63
CA GLY E 13 30.74 8.80 -15.99
C GLY E 13 30.85 8.45 -17.45
N LEU E 14 31.05 9.44 -18.33
CA LEU E 14 31.47 9.22 -19.72
C LEU E 14 30.51 8.33 -20.49
N SER E 15 29.21 8.62 -20.36
CA SER E 15 28.22 7.93 -21.17
C SER E 15 27.74 8.76 -22.34
N PHE E 16 27.87 10.08 -22.27
CA PHE E 16 27.45 10.98 -23.33
C PHE E 16 28.66 11.44 -24.14
N TYR E 17 28.39 11.85 -25.38
CA TYR E 17 29.47 12.22 -26.29
C TYR E 17 30.20 13.49 -25.84
N GLY E 18 29.46 14.46 -25.30
CA GLY E 18 30.01 15.73 -24.89
C GLY E 18 31.13 15.61 -23.86
N PRO E 19 30.83 15.07 -22.68
CA PRO E 19 31.88 14.95 -21.66
C PRO E 19 33.04 14.08 -22.11
N SER E 20 32.81 13.13 -23.01
CA SER E 20 33.90 12.26 -23.47
C SER E 20 34.84 12.98 -24.43
N GLN E 21 34.33 13.89 -25.25
CA GLN E 21 35.18 14.63 -26.17
C GLN E 21 35.92 15.76 -25.49
N ILE E 22 35.29 16.39 -24.49
CA ILE E 22 36.02 17.34 -23.66
C ILE E 22 37.22 16.67 -23.03
N LEU E 23 37.06 15.41 -22.62
CA LEU E 23 38.17 14.66 -22.03
C LEU E 23 39.24 14.37 -23.07
N VAL E 24 38.84 14.07 -24.32
CA VAL E 24 39.82 13.84 -25.37
C VAL E 24 40.60 15.12 -25.67
N GLY E 25 39.94 16.27 -25.57
CA GLY E 25 40.64 17.53 -25.73
C GLY E 25 41.65 17.78 -24.62
N ILE E 26 41.25 17.49 -23.38
CA ILE E 26 42.14 17.67 -22.24
C ILE E 26 43.39 16.82 -22.38
N GLU E 27 43.19 15.50 -22.61
CA GLU E 27 44.32 14.58 -22.69
C GLU E 27 45.25 14.94 -23.84
N ARG E 28 44.68 15.29 -25.00
CA ARG E 28 45.52 15.70 -26.12
C ARG E 28 46.24 17.01 -25.82
N ALA E 29 45.54 17.97 -25.21
CA ALA E 29 46.18 19.23 -24.83
C ALA E 29 47.25 19.00 -23.76
N ALA E 30 46.95 18.15 -22.77
CA ALA E 30 47.94 17.88 -21.73
C ALA E 30 49.15 17.14 -22.29
N ARG E 31 48.96 16.28 -23.30
CA ARG E 31 50.07 15.54 -23.88
C ARG E 31 50.98 16.43 -24.71
N GLU E 32 50.43 17.45 -25.39
CA GLU E 32 51.27 18.36 -26.15
C GLU E 32 52.22 19.15 -25.25
N HIS E 33 51.82 19.40 -24.00
CA HIS E 33 52.61 20.19 -23.07
C HIS E 33 53.34 19.33 -22.04
N GLY E 34 53.46 18.03 -22.28
CA GLY E 34 54.22 17.17 -21.39
C GLY E 34 53.64 16.98 -20.00
N TYR E 35 52.32 16.95 -19.87
CA TYR E 35 51.66 16.70 -18.59
C TYR E 35 50.95 15.36 -18.65
N SER E 36 51.05 14.59 -17.58
CA SER E 36 50.30 13.35 -17.45
C SER E 36 48.94 13.64 -16.82
N LEU E 37 47.96 12.80 -17.14
CA LEU E 37 46.57 13.07 -16.81
C LEU E 37 46.05 12.01 -15.85
N LEU E 38 45.70 12.43 -14.64
CA LEU E 38 45.03 11.55 -13.68
C LEU E 38 43.52 11.72 -13.81
N LEU E 39 42.83 10.62 -14.09
CA LEU E 39 41.39 10.66 -14.38
C LEU E 39 40.61 10.12 -13.19
N ALA E 40 39.60 10.88 -12.76
CA ALA E 40 38.70 10.46 -11.69
C ALA E 40 37.26 10.63 -12.17
N THR E 41 36.43 9.62 -11.92
CA THR E 41 35.02 9.63 -12.31
C THR E 41 34.17 9.65 -11.05
N VAL E 42 33.28 10.65 -10.97
CA VAL E 42 32.24 10.67 -9.94
C VAL E 42 31.06 11.44 -10.49
N HIS E 43 29.86 10.84 -10.40
CA HIS E 43 28.68 11.41 -11.03
C HIS E 43 27.41 10.89 -10.37
N GLU E 44 27.52 9.80 -9.60
CA GLU E 44 26.34 9.09 -9.12
C GLU E 44 25.55 9.91 -8.11
N ASP E 45 26.21 10.81 -7.38
CA ASP E 45 25.59 11.55 -6.30
C ASP E 45 26.46 12.77 -5.99
N PRO E 46 25.87 13.88 -5.55
CA PRO E 46 26.69 15.02 -5.10
C PRO E 46 27.36 14.76 -3.76
N ASP E 47 28.24 13.77 -3.70
CA ASP E 47 29.03 13.53 -2.49
C ASP E 47 30.51 13.44 -2.83
N GLU E 48 30.91 12.39 -3.55
CA GLU E 48 32.32 12.14 -3.85
C GLU E 48 32.87 13.09 -4.90
N VAL E 49 32.18 14.21 -5.14
CA VAL E 49 32.71 15.24 -6.01
C VAL E 49 33.97 15.84 -5.42
N GLU E 50 34.03 15.97 -4.09
CA GLU E 50 35.18 16.55 -3.41
C GLU E 50 36.12 15.53 -2.81
N GLU E 51 35.64 14.32 -2.50
CA GLU E 51 36.54 13.28 -2.02
C GLU E 51 37.57 12.91 -3.07
N ALA E 52 37.21 13.04 -4.36
CA ALA E 52 38.18 12.87 -5.42
C ALA E 52 39.12 14.07 -5.56
N ILE E 53 38.71 15.25 -5.06
CA ILE E 53 39.57 16.42 -5.20
C ILE E 53 40.66 16.43 -4.14
N ASN E 54 40.41 15.86 -2.95
CA ASN E 54 41.48 15.71 -1.97
C ASN E 54 42.28 14.44 -2.18
N THR E 55 41.80 13.54 -3.04
CA THR E 55 42.63 12.43 -3.50
C THR E 55 43.67 12.90 -4.51
N LEU E 56 43.26 13.76 -5.45
CA LEU E 56 44.23 14.41 -6.33
C LEU E 56 45.20 15.26 -5.52
N ARG E 57 44.69 16.04 -4.55
CA ARG E 57 45.58 16.83 -3.69
C ARG E 57 46.61 15.96 -2.99
N GLU E 58 46.24 14.73 -2.63
CA GLU E 58 47.21 13.80 -2.07
C GLU E 58 48.25 13.37 -3.10
N ARG E 59 47.89 13.38 -4.39
CA ARG E 59 48.76 12.92 -5.45
C ARG E 59 49.61 14.04 -6.06
N ARG E 60 49.62 15.22 -5.43
CA ARG E 60 50.48 16.33 -5.82
C ARG E 60 50.29 16.71 -7.29
N VAL E 61 49.03 17.05 -7.62
CA VAL E 61 48.66 17.46 -8.97
C VAL E 61 48.92 18.94 -9.14
N ASP E 62 49.42 19.32 -10.32
CA ASP E 62 49.69 20.72 -10.59
C ASP E 62 48.43 21.52 -10.86
N GLY E 63 47.37 20.86 -11.33
CA GLY E 63 46.10 21.53 -11.58
C GLY E 63 44.96 20.56 -11.80
N ILE E 64 43.75 20.96 -11.41
CA ILE E 64 42.57 20.11 -11.48
C ILE E 64 41.55 20.76 -12.42
N ILE E 65 40.86 19.94 -13.21
CA ILE E 65 39.78 20.38 -14.09
C ILE E 65 38.52 19.65 -13.69
N ILE E 66 37.45 20.39 -13.41
CA ILE E 66 36.17 19.83 -12.97
C ILE E 66 35.16 19.99 -14.09
N VAL E 67 34.98 18.93 -14.89
CA VAL E 67 33.97 18.90 -15.94
C VAL E 67 32.82 18.09 -15.37
N ALA E 68 31.92 18.75 -14.67
CA ALA E 68 30.83 18.07 -13.98
C ALA E 68 29.79 19.10 -13.59
N PRO E 69 28.59 18.66 -13.16
CA PRO E 69 27.65 19.59 -12.53
C PRO E 69 28.02 19.85 -11.07
N HIS E 70 27.15 20.56 -10.35
CA HIS E 70 27.36 20.91 -8.94
C HIS E 70 28.67 21.67 -8.74
N ASN E 71 28.85 22.72 -9.54
CA ASN E 71 30.08 23.49 -9.53
C ASN E 71 29.91 24.74 -8.67
N SER E 72 30.68 25.79 -8.95
CA SER E 72 30.62 27.04 -8.22
C SER E 72 30.95 26.85 -6.74
N GLU E 73 31.96 26.01 -6.47
CA GLU E 73 32.45 25.80 -5.11
C GLU E 73 33.51 26.86 -4.79
N GLU E 74 34.29 26.66 -3.73
CA GLU E 74 35.28 27.62 -3.28
C GLU E 74 36.67 27.10 -3.62
N GLU E 75 37.12 27.38 -4.85
CA GLU E 75 38.46 27.02 -5.33
C GLU E 75 39.04 28.21 -6.10
N ALA E 76 39.28 29.29 -5.38
CA ALA E 76 39.88 30.49 -5.94
C ALA E 76 41.40 30.45 -5.74
N GLN E 77 42.05 31.60 -5.84
CA GLN E 77 43.50 31.66 -5.62
C GLN E 77 43.87 31.42 -4.16
N LEU E 78 42.94 31.69 -3.22
CA LEU E 78 43.19 31.33 -1.84
C LEU E 78 43.06 29.82 -1.64
N ALA E 79 42.12 29.19 -2.34
CA ALA E 79 41.99 27.74 -2.39
C ALA E 79 42.76 27.14 -3.55
N GLN E 80 43.83 27.79 -4.00
CA GLN E 80 44.68 27.28 -5.08
C GLN E 80 45.67 26.26 -4.52
N GLU E 81 45.17 25.31 -3.73
CA GLU E 81 45.99 24.16 -3.35
C GLU E 81 46.57 23.50 -4.58
N ALA E 82 45.80 23.44 -5.66
CA ALA E 82 46.29 22.98 -6.94
C ALA E 82 45.94 24.00 -8.04
N GLY E 83 44.82 24.68 -7.89
CA GLY E 83 44.32 25.52 -8.97
C GLY E 83 43.30 24.81 -9.81
N VAL E 84 42.06 25.29 -9.79
CA VAL E 84 40.93 24.51 -10.29
C VAL E 84 40.00 25.34 -11.17
N PRO E 85 39.97 25.12 -12.48
CA PRO E 85 38.84 25.61 -13.30
C PRO E 85 37.78 24.53 -13.47
N PRO E 86 36.58 24.74 -12.94
CA PRO E 86 35.44 23.91 -13.35
C PRO E 86 34.90 24.35 -14.71
N VAL E 87 34.56 23.37 -15.53
CA VAL E 87 34.05 23.63 -16.88
C VAL E 87 32.55 23.92 -16.78
N VAL E 88 32.12 24.99 -17.44
CA VAL E 88 30.74 25.48 -17.36
C VAL E 88 30.33 25.69 -15.90
N PRO E 95 31.07 32.36 -11.22
CA PRO E 95 31.27 33.79 -11.46
C PRO E 95 32.63 34.29 -10.96
N GLY E 96 33.33 35.05 -11.80
CA GLY E 96 34.67 35.51 -11.44
C GLY E 96 35.67 34.39 -11.25
N VAL E 97 35.50 33.27 -11.94
CA VAL E 97 36.34 32.09 -11.74
C VAL E 97 36.75 31.55 -13.10
N PRO E 98 37.88 30.82 -13.16
CA PRO E 98 38.28 30.16 -14.42
C PRO E 98 37.27 29.11 -14.85
N THR E 99 36.57 29.38 -15.96
CA THR E 99 35.45 28.58 -16.42
C THR E 99 35.37 28.70 -17.94
N VAL E 100 35.91 27.73 -18.66
CA VAL E 100 35.74 27.65 -20.09
C VAL E 100 34.36 27.10 -20.40
N SER E 101 33.68 27.69 -21.38
CA SER E 101 32.27 27.38 -21.57
C SER E 101 31.82 27.86 -22.94
N VAL E 102 30.77 27.23 -23.46
CA VAL E 102 30.10 27.65 -24.68
C VAL E 102 28.92 28.54 -24.30
N ASP E 103 28.71 29.60 -25.08
CA ASP E 103 27.55 30.48 -24.90
C ASP E 103 26.26 29.68 -25.09
N GLN E 104 25.61 29.32 -23.98
CA GLN E 104 24.39 28.52 -24.06
C GLN E 104 23.18 29.37 -24.46
N TYR E 105 23.11 30.61 -23.99
CA TYR E 105 22.03 31.51 -24.38
C TYR E 105 22.05 31.75 -25.89
N ALA E 106 23.21 32.09 -26.44
CA ALA E 106 23.31 32.30 -27.88
C ALA E 106 22.91 31.04 -28.65
N GLY E 107 23.36 29.88 -28.18
CA GLY E 107 23.00 28.63 -28.86
C GLY E 107 21.51 28.42 -28.94
N ALA E 108 20.82 28.53 -27.80
CA ALA E 108 19.37 28.43 -27.80
C ALA E 108 18.74 29.51 -28.67
N ARG E 109 19.32 30.72 -28.65
CA ARG E 109 18.79 31.81 -29.47
C ARG E 109 18.85 31.46 -30.95
N LEU E 110 19.93 30.81 -31.38
CA LEU E 110 20.03 30.36 -32.76
C LEU E 110 18.91 29.39 -33.12
N ALA E 111 18.64 28.42 -32.23
CA ALA E 111 17.55 27.48 -32.49
C ALA E 111 16.21 28.19 -32.52
N THR E 112 16.04 29.20 -31.67
CA THR E 112 14.78 29.94 -31.61
C THR E 112 14.54 30.71 -32.91
N GLU E 113 15.51 31.53 -33.32
CA GLU E 113 15.33 32.33 -34.53
C GLU E 113 15.12 31.44 -35.75
N HIS E 114 15.78 30.28 -35.79
CA HIS E 114 15.60 29.37 -36.91
C HIS E 114 14.16 28.87 -36.99
N LEU E 115 13.61 28.46 -35.85
CA LEU E 115 12.22 28.00 -35.84
C LEU E 115 11.27 29.16 -36.13
N LEU E 116 11.57 30.35 -35.62
CA LEU E 116 10.66 31.48 -35.80
C LEU E 116 10.69 32.00 -37.24
N ASP E 117 11.87 32.06 -37.86
CA ASP E 117 11.96 32.49 -39.25
C ASP E 117 11.31 31.50 -40.21
N LEU E 118 11.15 30.23 -39.81
CA LEU E 118 10.44 29.24 -40.61
C LEU E 118 8.93 29.39 -40.52
N GLY E 119 8.42 30.30 -39.69
CA GLY E 119 7.00 30.52 -39.57
C GLY E 119 6.32 29.76 -38.45
N HIS E 120 7.09 29.08 -37.60
CA HIS E 120 6.51 28.30 -36.51
C HIS E 120 5.92 29.23 -35.46
N ARG E 121 4.70 28.91 -35.01
CA ARG E 121 4.03 29.70 -33.99
C ARG E 121 3.93 28.98 -32.65
N ARG E 122 3.50 27.73 -32.65
CA ARG E 122 3.36 26.95 -31.42
C ARG E 122 4.57 26.02 -31.32
N ILE E 123 5.40 26.25 -30.30
CA ILE E 123 6.64 25.51 -30.11
C ILE E 123 6.51 24.66 -28.84
N ALA E 124 7.07 23.46 -28.90
CA ALA E 124 7.24 22.60 -27.73
C ALA E 124 8.72 22.53 -27.37
N LEU E 125 8.99 22.46 -26.07
CA LEU E 125 10.35 22.52 -25.54
C LEU E 125 10.56 21.37 -24.57
N ILE E 126 11.56 20.55 -24.84
CA ILE E 126 11.97 19.46 -23.96
C ILE E 126 13.35 19.83 -23.41
N THR E 127 13.39 20.18 -22.13
CA THR E 127 14.56 20.75 -21.50
C THR E 127 15.39 19.68 -20.81
N GLY E 128 16.67 20.00 -20.59
CA GLY E 128 17.54 19.17 -19.78
C GLY E 128 17.23 19.31 -18.31
N PRO E 129 17.95 18.52 -17.50
CA PRO E 129 17.77 18.61 -16.04
C PRO E 129 18.05 20.02 -15.54
N GLN E 130 17.01 20.66 -14.99
CA GLN E 130 17.10 22.05 -14.60
C GLN E 130 18.03 22.28 -13.41
N ASP E 131 18.45 21.22 -12.71
CA ASP E 131 19.47 21.41 -11.70
C ASP E 131 20.81 21.78 -12.32
N TRP E 132 20.96 21.56 -13.63
CA TRP E 132 22.14 21.98 -14.37
C TRP E 132 21.95 23.41 -14.89
N LEU E 133 23.07 24.12 -15.02
CA LEU E 133 23.02 25.50 -15.49
C LEU E 133 22.93 25.58 -17.02
N GLU E 134 23.52 24.62 -17.73
CA GLU E 134 23.38 24.59 -19.19
C GLU E 134 21.92 24.42 -19.59
N ALA E 135 21.17 23.60 -18.85
CA ALA E 135 19.78 23.35 -19.20
C ALA E 135 18.91 24.59 -18.96
N ARG E 136 19.19 25.33 -17.89
CA ARG E 136 18.44 26.57 -17.65
C ARG E 136 18.77 27.63 -18.70
N GLU E 137 20.04 27.70 -19.09
CA GLU E 137 20.46 28.69 -20.09
C GLU E 137 19.90 28.41 -21.47
N ARG E 138 19.55 27.15 -21.79
CA ARG E 138 18.97 26.82 -23.07
C ARG E 138 17.47 27.04 -23.12
N LEU E 139 16.86 27.41 -22.01
CA LEU E 139 15.42 27.63 -21.92
C LEU E 139 15.04 29.05 -21.54
N GLN E 140 15.91 29.79 -20.85
CA GLN E 140 15.51 31.05 -20.24
C GLN E 140 15.09 32.10 -21.25
N GLY E 141 15.58 32.02 -22.48
CA GLY E 141 15.31 33.05 -23.47
C GLY E 141 14.09 32.83 -24.35
N TRP E 142 13.52 31.63 -24.33
CA TRP E 142 12.51 31.25 -25.31
C TRP E 142 11.20 32.02 -25.11
N ARG E 143 10.73 32.13 -23.86
CA ARG E 143 9.44 32.77 -23.61
C ARG E 143 9.43 34.20 -24.11
N GLU E 144 10.46 34.99 -23.76
CA GLU E 144 10.51 36.38 -24.17
C GLU E 144 10.60 36.50 -25.69
N ALA E 145 11.36 35.60 -26.33
CA ALA E 145 11.43 35.60 -27.79
C ALA E 145 10.07 35.31 -28.41
N LEU E 146 9.31 34.39 -27.81
CA LEU E 146 7.98 34.08 -28.30
C LEU E 146 7.01 35.22 -28.01
N ALA E 147 7.16 35.90 -26.87
CA ALA E 147 6.31 37.02 -26.54
C ALA E 147 6.54 38.19 -27.50
N GLU E 148 7.80 38.59 -27.69
CA GLU E 148 8.10 39.70 -28.59
C GLU E 148 7.68 39.40 -30.02
N ALA E 149 7.67 38.12 -30.41
CA ALA E 149 7.22 37.71 -31.73
C ALA E 149 5.70 37.66 -31.86
N GLY E 150 4.98 37.72 -30.74
CA GLY E 150 3.54 37.62 -30.78
C GLY E 150 3.00 36.21 -30.73
N LEU E 151 3.73 35.28 -30.12
CA LEU E 151 3.39 33.87 -30.10
C LEU E 151 3.00 33.41 -28.69
N PRO E 152 2.19 32.35 -28.57
CA PRO E 152 1.79 31.88 -27.24
C PRO E 152 2.97 31.33 -26.47
N PRO E 153 2.86 31.20 -25.15
CA PRO E 153 3.94 30.59 -24.38
C PRO E 153 4.12 29.14 -24.78
N PRO E 154 5.35 28.62 -24.67
CA PRO E 154 5.61 27.26 -25.14
C PRO E 154 5.20 26.19 -24.14
N ALA E 155 5.13 24.95 -24.64
CA ALA E 155 4.97 23.79 -23.77
C ALA E 155 6.35 23.29 -23.37
N VAL E 156 6.52 23.04 -22.07
CA VAL E 156 7.84 22.74 -21.52
C VAL E 156 7.75 21.50 -20.65
N LEU E 157 8.44 20.43 -21.07
CA LEU E 157 8.64 19.27 -20.23
C LEU E 157 10.15 19.07 -20.02
N GLN E 158 10.51 18.32 -18.99
CA GLN E 158 11.90 18.19 -18.57
C GLN E 158 12.41 16.77 -18.76
N GLY E 159 13.66 16.64 -19.20
CA GLY E 159 14.30 15.34 -19.31
C GLY E 159 15.53 15.25 -18.42
N ASP E 160 16.40 14.28 -18.69
CA ASP E 160 17.64 14.10 -17.94
C ASP E 160 18.80 13.78 -18.88
N TRP E 161 18.77 14.35 -20.08
CA TRP E 161 19.75 14.22 -21.16
C TRP E 161 19.63 12.89 -21.92
N SER E 162 18.87 11.91 -21.43
CA SER E 162 18.84 10.59 -22.05
C SER E 162 17.82 10.51 -23.18
N ALA E 163 18.07 9.60 -24.13
CA ALA E 163 17.11 9.39 -25.21
C ALA E 163 15.79 8.87 -24.70
N ALA E 164 15.83 8.06 -23.64
CA ALA E 164 14.60 7.57 -23.02
C ALA E 164 13.73 8.74 -22.56
N SER E 165 14.32 9.71 -21.87
CA SER E 165 13.55 10.85 -21.38
C SER E 165 12.95 11.65 -22.53
N GLY E 166 13.68 11.79 -23.64
CA GLY E 166 13.13 12.48 -24.79
C GLY E 166 11.94 11.76 -25.38
N TYR E 167 12.02 10.43 -25.44
CA TYR E 167 10.90 9.61 -25.90
C TYR E 167 9.68 9.75 -24.99
N GLU E 168 9.89 9.69 -23.67
CA GLU E 168 8.76 9.79 -22.73
C GLU E 168 8.11 11.15 -22.80
N ALA E 169 8.91 12.22 -22.77
CA ALA E 169 8.37 13.58 -22.77
C ALA E 169 7.65 13.88 -24.08
N ALA E 170 8.25 13.49 -25.21
CA ALA E 170 7.60 13.68 -26.50
C ALA E 170 6.22 13.03 -26.54
N ARG E 171 6.07 11.86 -25.91
CA ARG E 171 4.77 11.20 -25.88
C ARG E 171 3.80 11.91 -24.96
N GLN E 172 4.30 12.48 -23.87
CA GLN E 172 3.44 13.29 -23.01
C GLN E 172 2.92 14.51 -23.77
N LEU E 173 3.76 15.08 -24.64
CA LEU E 173 3.34 16.23 -25.43
C LEU E 173 2.40 15.83 -26.56
N LEU E 174 2.60 14.66 -27.16
CA LEU E 174 1.75 14.21 -28.25
C LEU E 174 0.33 13.92 -27.81
N GLU E 175 0.06 13.92 -26.50
CA GLU E 175 -1.32 13.95 -26.05
C GLU E 175 -1.99 15.27 -26.39
N GLN E 176 -1.21 16.32 -26.63
CA GLN E 176 -1.71 17.60 -27.13
C GLN E 176 -0.92 17.97 -28.37
N PRO E 177 -1.34 17.45 -29.56
CA PRO E 177 -0.58 17.67 -30.79
C PRO E 177 -0.87 19.01 -31.48
N ASP E 178 -0.78 20.10 -30.71
CA ASP E 178 -1.00 21.43 -31.24
C ASP E 178 0.29 22.14 -31.64
N PHE E 179 1.44 21.65 -31.21
CA PHE E 179 2.72 22.25 -31.56
C PHE E 179 3.15 21.82 -32.95
N THR E 180 3.96 22.66 -33.59
CA THR E 180 4.53 22.35 -34.88
C THR E 180 6.05 22.15 -34.84
N ALA E 181 6.69 22.37 -33.69
CA ALA E 181 8.13 22.25 -33.57
C ALA E 181 8.49 21.86 -32.15
N ILE E 182 9.57 21.10 -32.02
CA ILE E 182 10.07 20.65 -30.73
C ILE E 182 11.56 20.95 -30.67
N PHE E 183 11.97 21.73 -29.68
CA PHE E 183 13.38 21.97 -29.39
C PHE E 183 13.77 21.10 -28.21
N ALA E 184 14.49 20.01 -28.49
CA ALA E 184 15.08 19.18 -27.46
C ALA E 184 16.43 19.75 -27.05
N ALA E 185 16.67 19.81 -25.73
CA ALA E 185 17.86 20.45 -25.18
C ALA E 185 19.17 19.73 -25.50
N ASN E 186 19.13 18.50 -26.03
CA ASN E 186 20.34 17.87 -26.53
C ASN E 186 19.96 16.84 -27.60
N ASP E 187 20.97 16.26 -28.24
CA ASP E 187 20.74 15.40 -29.40
C ASP E 187 20.26 14.01 -28.98
N GLN E 188 20.65 13.53 -27.80
CA GLN E 188 20.11 12.27 -27.30
C GLN E 188 18.61 12.35 -27.09
N MET E 189 18.15 13.39 -26.39
CA MET E 189 16.71 13.52 -26.17
C MET E 189 15.97 13.72 -27.49
N ALA E 190 16.59 14.40 -28.46
CA ALA E 190 15.98 14.57 -29.78
C ALA E 190 15.85 13.24 -30.50
N LEU E 191 16.81 12.33 -30.29
CA LEU E 191 16.69 10.99 -30.87
C LEU E 191 15.44 10.29 -30.37
N GLY E 192 15.21 10.31 -29.05
CA GLY E 192 13.98 9.77 -28.51
C GLY E 192 12.74 10.49 -28.99
N VAL E 193 12.85 11.80 -29.23
CA VAL E 193 11.73 12.55 -29.80
C VAL E 193 11.39 12.02 -31.20
N LEU E 194 12.42 11.70 -31.99
CA LEU E 194 12.16 11.16 -33.32
C LEU E 194 11.52 9.78 -33.27
N ARG E 195 11.72 9.04 -32.18
CA ARG E 195 11.06 7.75 -32.06
C ARG E 195 9.58 7.91 -31.79
N ALA E 196 9.23 8.77 -30.84
CA ALA E 196 7.83 9.01 -30.54
C ALA E 196 7.08 9.64 -31.71
N LEU E 197 7.78 10.34 -32.60
CA LEU E 197 7.17 10.96 -33.77
C LEU E 197 7.08 10.01 -34.97
N HIS E 198 8.07 9.13 -35.18
CA HIS E 198 7.97 8.18 -36.28
C HIS E 198 6.90 7.13 -36.00
N GLU E 199 6.89 6.57 -34.79
CA GLU E 199 5.67 5.99 -34.27
C GLU E 199 4.64 7.10 -34.11
N ARG E 200 3.36 6.71 -34.10
CA ARG E 200 2.23 7.64 -34.21
C ARG E 200 2.18 8.29 -35.59
N GLY E 201 2.92 7.79 -36.56
CA GLY E 201 2.77 8.17 -37.95
C GLY E 201 3.03 9.63 -38.26
N LEU E 202 3.67 10.37 -37.36
CA LEU E 202 3.96 11.78 -37.62
C LEU E 202 5.24 11.91 -38.43
N ARG E 203 5.23 12.84 -39.39
CA ARG E 203 6.36 13.02 -40.30
C ARG E 203 7.27 14.15 -39.80
N VAL E 204 8.55 14.05 -40.15
CA VAL E 204 9.55 15.06 -39.80
C VAL E 204 10.31 15.42 -41.08
N PRO E 205 10.36 16.70 -41.46
CA PRO E 205 9.80 17.88 -40.80
C PRO E 205 8.41 18.27 -41.30
N ASP E 206 7.79 17.49 -42.18
CA ASP E 206 6.55 17.93 -42.84
C ASP E 206 5.41 18.09 -41.84
N ASP E 207 5.43 17.34 -40.74
CA ASP E 207 4.44 17.52 -39.69
C ASP E 207 4.98 18.29 -38.50
N VAL E 208 6.10 17.86 -37.94
CA VAL E 208 6.71 18.49 -36.78
C VAL E 208 8.19 18.71 -37.06
N SER E 209 8.67 19.92 -36.80
CA SER E 209 10.08 20.25 -36.89
C SER E 209 10.79 19.88 -35.58
N VAL E 210 12.03 19.42 -35.70
CA VAL E 210 12.81 18.98 -34.55
C VAL E 210 14.16 19.68 -34.59
N VAL E 211 14.58 20.22 -33.45
CA VAL E 211 15.88 20.87 -33.29
C VAL E 211 16.54 20.31 -32.04
N GLY E 212 17.82 19.93 -32.18
CA GLY E 212 18.59 19.43 -31.08
C GLY E 212 19.67 20.40 -30.63
N PHE E 213 20.64 19.85 -29.89
CA PHE E 213 21.75 20.63 -29.34
C PHE E 213 22.89 19.66 -29.12
N ASP E 214 24.10 20.08 -29.50
CA ASP E 214 25.41 19.45 -29.28
C ASP E 214 26.13 19.21 -30.61
N ASP E 215 25.39 18.71 -31.60
CA ASP E 215 25.95 18.17 -32.85
C ASP E 215 26.89 17.00 -32.55
N ILE E 216 26.32 15.95 -31.99
CA ILE E 216 27.05 14.70 -31.86
C ILE E 216 27.20 14.14 -33.27
N PRO E 217 28.23 13.34 -33.54
CA PRO E 217 28.44 12.86 -34.93
C PRO E 217 27.25 12.12 -35.50
N GLU E 218 26.52 11.35 -34.70
CA GLU E 218 25.41 10.54 -35.20
C GLU E 218 24.20 11.36 -35.62
N SER E 219 24.08 12.62 -35.16
CA SER E 219 22.89 13.40 -35.49
C SER E 219 22.77 13.61 -36.99
N ALA E 220 23.90 13.66 -37.70
CA ALA E 220 23.84 13.74 -39.16
C ALA E 220 23.28 12.48 -39.80
N TYR E 221 23.02 11.43 -39.00
CA TYR E 221 22.53 10.16 -39.50
C TYR E 221 21.34 9.65 -38.68
N PHE E 222 20.69 10.54 -37.93
CA PHE E 222 19.37 10.24 -37.39
C PHE E 222 18.38 10.08 -38.55
N HIS E 223 17.20 9.51 -38.26
CA HIS E 223 16.29 9.08 -39.32
C HIS E 223 16.07 10.23 -40.30
N PRO E 224 15.59 11.40 -39.88
CA PRO E 224 15.91 12.60 -40.63
C PRO E 224 17.13 13.28 -40.04
N PRO E 225 18.19 13.51 -40.84
CA PRO E 225 19.38 14.21 -40.33
C PRO E 225 19.02 15.45 -39.54
N LEU E 226 19.46 15.50 -38.27
CA LEU E 226 18.93 16.43 -37.30
C LEU E 226 19.58 17.79 -37.43
N THR E 227 18.77 18.83 -37.43
CA THR E 227 19.27 20.20 -37.31
C THR E 227 19.59 20.48 -35.86
N THR E 228 20.82 20.90 -35.59
CA THR E 228 21.29 20.99 -34.22
C THR E 228 22.25 22.18 -34.08
N VAL E 229 22.59 22.49 -32.84
CA VAL E 229 23.53 23.56 -32.50
C VAL E 229 24.83 22.91 -32.08
N ARG E 230 25.92 23.26 -32.77
CA ARG E 230 27.19 22.59 -32.55
C ARG E 230 27.94 23.15 -31.35
N GLN E 231 28.49 22.25 -30.55
CA GLN E 231 29.39 22.59 -29.45
C GLN E 231 30.72 21.89 -29.71
N ASP E 232 31.78 22.67 -29.88
CA ASP E 232 33.12 22.10 -30.07
C ASP E 232 33.64 21.62 -28.72
N PHE E 233 33.24 20.41 -28.32
CA PHE E 233 33.62 19.86 -27.03
C PHE E 233 35.14 19.68 -26.91
N GLU E 234 35.81 19.30 -28.01
CA GLU E 234 37.25 19.08 -27.97
C GLU E 234 38.00 20.37 -27.64
N GLU E 235 37.63 21.47 -28.30
CA GLU E 235 38.28 22.74 -28.01
C GLU E 235 37.99 23.22 -26.59
N LEU E 236 36.81 22.88 -26.04
CA LEU E 236 36.56 23.17 -24.63
C LEU E 236 37.62 22.51 -23.76
N GLY E 237 38.03 21.30 -24.12
CA GLY E 237 39.06 20.62 -23.37
C GLY E 237 40.44 21.23 -23.58
N ARG E 238 40.81 21.53 -24.82
CA ARG E 238 42.10 22.15 -25.09
C ARG E 238 42.22 23.51 -24.39
N GLN E 239 41.15 24.29 -24.42
CA GLN E 239 41.21 25.63 -23.82
C GLN E 239 41.18 25.57 -22.29
N ALA E 240 40.55 24.54 -21.73
CA ALA E 240 40.62 24.36 -20.28
C ALA E 240 42.04 24.06 -19.83
N VAL E 241 42.77 23.26 -20.62
CA VAL E 241 44.15 22.95 -20.28
C VAL E 241 45.04 24.17 -20.47
N GLU E 242 44.90 24.86 -21.61
CA GLU E 242 45.73 26.02 -21.89
C GLU E 242 45.60 27.06 -20.78
N GLN E 243 44.41 27.19 -20.22
CA GLN E 243 44.20 28.14 -19.13
C GLN E 243 44.82 27.63 -17.83
N LEU E 244 44.52 26.38 -17.47
CA LEU E 244 45.09 25.80 -16.26
C LEU E 244 46.60 25.90 -16.24
N LEU E 245 47.25 25.78 -17.41
CA LEU E 245 48.69 25.93 -17.48
C LEU E 245 49.12 27.36 -17.14
N GLU E 246 48.38 28.35 -17.62
CA GLU E 246 48.70 29.73 -17.32
C GLU E 246 48.64 30.00 -15.81
N MET E 247 47.64 29.43 -15.14
CA MET E 247 47.55 29.59 -13.68
C MET E 247 48.67 28.83 -12.98
N ILE E 248 49.01 27.64 -13.47
CA ILE E 248 50.11 26.87 -12.88
C ILE E 248 51.43 27.62 -13.05
N GLU E 249 51.62 28.30 -14.18
CA GLU E 249 52.81 29.11 -14.43
C GLU E 249 52.78 30.46 -13.72
N GLY E 250 51.85 30.66 -12.80
CA GLY E 250 51.81 31.86 -11.99
C GLY E 250 51.22 33.08 -12.65
N GLU E 251 50.88 33.02 -13.95
CA GLU E 251 50.23 34.13 -14.60
C GLU E 251 48.85 34.35 -13.98
N GLU E 252 48.27 35.51 -14.27
CA GLU E 252 46.92 35.81 -13.82
C GLU E 252 45.94 34.75 -14.33
N PRO E 253 44.82 34.56 -13.65
CA PRO E 253 43.73 33.80 -14.24
C PRO E 253 42.67 34.72 -14.82
N PRO E 254 42.90 35.30 -15.99
CA PRO E 254 41.96 36.28 -16.53
C PRO E 254 40.67 35.59 -16.95
N PRO E 255 39.55 36.31 -16.99
CA PRO E 255 38.26 35.70 -17.27
C PRO E 255 38.28 34.92 -18.58
N PRO E 256 37.90 33.65 -18.53
CA PRO E 256 37.82 32.86 -19.77
C PRO E 256 36.79 33.44 -20.72
N ALA E 257 37.03 33.20 -22.01
CA ALA E 257 36.14 33.69 -23.06
C ALA E 257 35.07 32.65 -23.38
N VAL E 258 33.87 33.15 -23.67
CA VAL E 258 32.81 32.28 -24.15
C VAL E 258 33.19 31.74 -25.52
N LEU E 259 32.70 30.54 -25.83
CA LEU E 259 32.95 29.94 -27.13
C LEU E 259 31.66 29.99 -27.94
N PRO E 260 31.66 30.59 -29.12
CA PRO E 260 30.41 30.80 -29.84
C PRO E 260 29.91 29.51 -30.44
N PRO E 261 28.63 29.20 -30.28
CA PRO E 261 28.04 28.03 -30.92
C PRO E 261 27.61 28.33 -32.35
N GLU E 262 27.47 27.25 -33.13
CA GLU E 262 27.11 27.35 -34.54
C GLU E 262 25.88 26.48 -34.81
N LEU E 263 24.92 27.02 -35.54
CA LEU E 263 23.74 26.26 -35.91
C LEU E 263 24.05 25.39 -37.11
N ILE E 264 23.76 24.09 -37.01
CA ILE E 264 23.97 23.13 -38.08
C ILE E 264 22.62 22.75 -38.66
N VAL E 265 22.30 23.28 -39.84
CA VAL E 265 21.01 23.07 -40.46
C VAL E 265 21.07 21.83 -41.35
N ARG E 266 20.17 20.89 -41.10
CA ARG E 266 20.14 19.65 -41.86
C ARG E 266 18.75 19.42 -42.47
N GLU E 267 18.05 18.38 -42.03
CA GLU E 267 16.84 17.94 -42.72
C GLU E 267 15.66 17.72 -41.77
N SER E 268 15.72 18.22 -40.55
CA SER E 268 14.64 17.97 -39.60
C SER E 268 13.78 19.19 -39.35
N THR E 269 14.03 20.29 -40.07
CA THR E 269 13.29 21.53 -39.93
C THR E 269 12.71 21.98 -41.27
N ALA E 270 11.53 22.60 -41.21
CA ALA E 270 10.83 23.12 -42.37
C ALA E 270 9.64 23.95 -41.88
N PRO E 271 9.08 24.81 -42.73
CA PRO E 271 7.92 25.60 -42.31
C PRO E 271 6.74 24.71 -41.99
N PRO E 272 5.83 25.17 -41.12
CA PRO E 272 4.76 24.29 -40.62
C PRO E 272 3.50 24.25 -41.48
N GLU E 273 3.22 25.32 -42.21
CA GLU E 273 1.96 25.44 -42.97
C GLU E 273 1.79 24.31 -43.97
N SER F 4 6.84 9.50 10.74
CA SER F 4 8.04 10.13 11.28
C SER F 4 9.29 9.54 10.64
N HIS F 5 9.51 9.90 9.38
CA HIS F 5 10.66 9.41 8.60
C HIS F 5 10.68 7.88 8.54
N THR F 6 9.49 7.27 8.47
CA THR F 6 9.34 5.85 8.25
C THR F 6 8.42 5.63 7.05
N ILE F 7 8.67 4.54 6.33
CA ILE F 7 7.89 4.15 5.16
C ILE F 7 7.45 2.71 5.35
N GLY F 8 6.18 2.43 5.11
CA GLY F 8 5.64 1.08 5.21
C GLY F 8 5.59 0.40 3.86
N VAL F 9 5.87 -0.90 3.86
CA VAL F 9 5.74 -1.72 2.65
C VAL F 9 5.02 -3.00 3.01
N VAL F 10 4.06 -3.39 2.18
CA VAL F 10 3.32 -4.63 2.33
C VAL F 10 3.56 -5.46 1.07
N THR F 11 4.08 -6.67 1.25
CA THR F 11 4.46 -7.49 0.12
C THR F 11 4.11 -8.94 0.40
N THR F 12 4.35 -9.79 -0.59
CA THR F 12 4.03 -11.20 -0.51
C THR F 12 4.99 -11.97 -1.40
N GLY F 13 4.97 -13.30 -1.26
CA GLY F 13 5.82 -14.16 -2.04
C GLY F 13 7.29 -13.80 -1.93
N LEU F 14 7.78 -13.64 -0.70
CA LEU F 14 9.14 -13.18 -0.46
C LEU F 14 10.19 -14.25 -0.76
N SER F 15 9.79 -15.50 -0.93
CA SER F 15 10.75 -16.54 -1.31
C SER F 15 11.08 -16.51 -2.79
N PHE F 16 10.37 -15.72 -3.58
CA PHE F 16 10.66 -15.56 -5.00
C PHE F 16 11.61 -14.37 -5.21
N TYR F 17 12.37 -14.44 -6.31
CA TYR F 17 13.40 -13.45 -6.60
C TYR F 17 12.80 -12.06 -6.80
N GLY F 18 11.73 -11.97 -7.60
CA GLY F 18 11.11 -10.72 -7.97
C GLY F 18 10.69 -9.86 -6.80
N PRO F 19 9.82 -10.39 -5.95
CA PRO F 19 9.43 -9.62 -4.75
C PRO F 19 10.60 -9.27 -3.83
N SER F 20 11.63 -10.11 -3.77
CA SER F 20 12.77 -9.79 -2.90
C SER F 20 13.56 -8.61 -3.44
N GLN F 21 13.84 -8.62 -4.74
CA GLN F 21 14.60 -7.52 -5.35
C GLN F 21 13.81 -6.23 -5.32
N ILE F 22 12.49 -6.29 -5.48
CA ILE F 22 11.66 -5.10 -5.32
C ILE F 22 11.82 -4.56 -3.90
N LEU F 23 11.75 -5.44 -2.91
CA LEU F 23 11.96 -5.04 -1.52
C LEU F 23 13.35 -4.46 -1.32
N VAL F 24 14.36 -5.06 -1.94
CA VAL F 24 15.74 -4.56 -1.82
C VAL F 24 15.85 -3.14 -2.37
N GLY F 25 15.23 -2.89 -3.53
CA GLY F 25 15.24 -1.55 -4.09
C GLY F 25 14.46 -0.53 -3.27
N ILE F 26 13.36 -0.96 -2.65
CA ILE F 26 12.59 -0.06 -1.79
C ILE F 26 13.39 0.31 -0.55
N GLU F 27 14.01 -0.69 0.09
CA GLU F 27 14.76 -0.43 1.31
C GLU F 27 15.96 0.46 1.04
N ARG F 28 16.68 0.20 -0.04
CA ARG F 28 17.86 1.00 -0.37
C ARG F 28 17.47 2.44 -0.67
N ALA F 29 16.42 2.64 -1.46
CA ALA F 29 16.01 4.00 -1.80
C ALA F 29 15.50 4.75 -0.58
N ALA F 30 14.87 4.06 0.36
CA ALA F 30 14.47 4.70 1.61
C ALA F 30 15.68 5.02 2.48
N ARG F 31 16.69 4.16 2.47
CA ARG F 31 17.88 4.40 3.28
C ARG F 31 18.66 5.62 2.77
N GLU F 32 18.80 5.75 1.45
CA GLU F 32 19.51 6.88 0.89
C GLU F 32 18.81 8.20 1.16
N HIS F 33 17.52 8.17 1.51
CA HIS F 33 16.77 9.38 1.81
C HIS F 33 16.37 9.46 3.28
N GLY F 34 17.13 8.80 4.16
CA GLY F 34 16.89 8.90 5.59
C GLY F 34 15.58 8.31 6.08
N TYR F 35 14.98 7.40 5.31
CA TYR F 35 13.70 6.81 5.65
C TYR F 35 13.89 5.37 6.11
N SER F 36 13.25 5.02 7.21
CA SER F 36 13.25 3.64 7.68
C SER F 36 12.11 2.89 7.01
N LEU F 37 12.09 1.56 7.20
CA LEU F 37 11.18 0.69 6.47
C LEU F 37 10.47 -0.23 7.45
N LEU F 38 9.14 -0.11 7.53
CA LEU F 38 8.33 -1.07 8.24
C LEU F 38 7.86 -2.12 7.23
N LEU F 39 8.04 -3.39 7.56
CA LEU F 39 7.79 -4.48 6.62
C LEU F 39 6.67 -5.36 7.16
N ALA F 40 5.58 -5.46 6.40
CA ALA F 40 4.49 -6.37 6.69
C ALA F 40 4.33 -7.33 5.52
N THR F 41 4.04 -8.59 5.83
CA THR F 41 3.93 -9.63 4.82
C THR F 41 2.56 -10.29 4.91
N VAL F 42 1.90 -10.48 3.75
CA VAL F 42 0.61 -11.15 3.68
C VAL F 42 0.76 -12.44 2.90
N HIS F 43 -0.22 -13.32 3.07
CA HIS F 43 -0.29 -14.60 2.36
C HIS F 43 -1.53 -14.57 1.47
N GLU F 44 -2.44 -15.54 1.55
CA GLU F 44 -3.72 -15.40 0.89
C GLU F 44 -4.44 -14.16 1.43
N ASP F 45 -5.41 -13.68 0.67
CA ASP F 45 -6.03 -12.38 0.93
C ASP F 45 -7.50 -12.54 1.28
N PRO F 46 -7.83 -12.84 2.53
CA PRO F 46 -9.17 -12.57 3.05
C PRO F 46 -9.26 -11.13 3.58
N ASP F 47 -9.03 -10.17 2.68
CA ASP F 47 -8.79 -8.77 3.03
C ASP F 47 -7.59 -8.64 3.98
N GLU F 48 -6.59 -9.51 3.80
CA GLU F 48 -5.39 -9.47 4.64
C GLU F 48 -4.53 -8.25 4.35
N VAL F 49 -4.73 -7.60 3.21
CA VAL F 49 -3.94 -6.41 2.88
C VAL F 49 -4.42 -5.22 3.70
N GLU F 50 -5.71 -4.88 3.60
CA GLU F 50 -6.27 -3.76 4.35
C GLU F 50 -5.96 -3.86 5.83
N GLU F 51 -6.03 -5.07 6.40
CA GLU F 51 -5.64 -5.26 7.79
C GLU F 51 -4.20 -4.85 8.01
N ALA F 52 -3.31 -5.18 7.07
CA ALA F 52 -1.92 -4.73 7.17
C ALA F 52 -1.82 -3.23 7.02
N ILE F 53 -2.50 -2.65 6.02
CA ILE F 53 -2.42 -1.20 5.80
C ILE F 53 -2.85 -0.44 7.05
N ASN F 54 -3.91 -0.91 7.73
CA ASN F 54 -4.34 -0.25 8.95
C ASN F 54 -3.28 -0.37 10.04
N THR F 55 -2.58 -1.51 10.08
CA THR F 55 -1.51 -1.67 11.05
C THR F 55 -0.42 -0.62 10.85
N LEU F 56 -0.09 -0.33 9.58
CA LEU F 56 0.93 0.66 9.29
C LEU F 56 0.38 2.07 9.45
N ARG F 57 -0.92 2.27 9.29
CA ARG F 57 -1.51 3.58 9.51
C ARG F 57 -1.49 3.95 10.99
N GLU F 58 -1.66 2.97 11.87
CA GLU F 58 -1.64 3.25 13.31
C GLU F 58 -0.22 3.55 13.79
N ARG F 59 0.79 2.92 13.19
CA ARG F 59 2.18 3.22 13.50
C ARG F 59 2.64 4.54 12.90
N ARG F 60 1.77 5.23 12.17
CA ARG F 60 2.03 6.58 11.65
C ARG F 60 3.26 6.60 10.73
N VAL F 61 3.19 5.79 9.67
CA VAL F 61 4.21 5.83 8.63
C VAL F 61 3.90 6.99 7.68
N ASP F 62 4.94 7.58 7.12
CA ASP F 62 4.75 8.72 6.22
C ASP F 62 4.18 8.30 4.87
N GLY F 63 4.40 7.06 4.45
CA GLY F 63 3.91 6.57 3.18
C GLY F 63 4.01 5.07 3.04
N ILE F 64 3.10 4.45 2.28
CA ILE F 64 3.04 3.01 2.14
C ILE F 64 3.23 2.62 0.69
N ILE F 65 3.74 1.42 0.47
CA ILE F 65 3.91 0.86 -0.86
C ILE F 65 3.39 -0.57 -0.84
N ILE F 66 2.39 -0.85 -1.67
CA ILE F 66 1.73 -2.16 -1.68
C ILE F 66 2.30 -2.95 -2.85
N VAL F 67 3.15 -3.93 -2.54
CA VAL F 67 3.68 -4.83 -3.57
C VAL F 67 3.03 -6.19 -3.38
N ALA F 68 1.72 -6.23 -3.56
CA ALA F 68 0.96 -7.47 -3.42
C ALA F 68 -0.31 -7.33 -4.24
N PRO F 69 -0.96 -8.46 -4.59
CA PRO F 69 -2.26 -8.41 -5.26
C PRO F 69 -3.28 -7.52 -4.55
N GLY F 83 -5.13 9.02 5.09
CA GLY F 83 -4.52 10.15 4.39
C GLY F 83 -3.05 9.92 4.07
N VAL F 84 -2.51 8.84 4.61
CA VAL F 84 -1.12 8.47 4.33
C VAL F 84 -0.99 8.11 2.84
N PRO F 85 0.00 8.63 2.14
CA PRO F 85 0.12 8.36 0.69
C PRO F 85 0.56 6.94 0.42
N PRO F 86 -0.20 6.18 -0.42
CA PRO F 86 0.23 4.82 -0.77
C PRO F 86 0.48 4.67 -2.27
N VAL F 87 1.64 4.09 -2.63
CA VAL F 87 2.02 3.98 -4.04
C VAL F 87 1.24 2.88 -4.74
N VAL F 88 0.96 1.76 -4.03
CA VAL F 88 0.18 0.63 -4.56
C VAL F 88 0.73 0.19 -5.91
N PHE F 89 1.85 -0.54 -5.89
CA PHE F 89 2.50 -1.07 -7.10
C PHE F 89 1.54 -1.68 -8.12
N THR F 99 1.80 5.42 -9.61
CA THR F 99 2.14 4.00 -9.60
C THR F 99 3.33 3.69 -10.52
N VAL F 100 4.02 2.59 -10.23
CA VAL F 100 5.18 2.16 -11.02
C VAL F 100 4.99 0.69 -11.35
N SER F 101 5.27 0.32 -12.60
CA SER F 101 5.11 -1.07 -13.02
C SER F 101 5.99 -1.32 -14.23
N VAL F 102 6.08 -2.60 -14.60
CA VAL F 102 6.69 -3.03 -15.84
C VAL F 102 5.58 -3.35 -16.83
N ASP F 103 5.81 -3.06 -18.11
CA ASP F 103 4.85 -3.39 -19.17
C ASP F 103 4.80 -4.90 -19.35
N GLN F 104 3.99 -5.55 -18.52
CA GLN F 104 3.88 -7.01 -18.56
C GLN F 104 3.27 -7.47 -19.87
N TYR F 105 2.26 -6.73 -20.36
CA TYR F 105 1.61 -7.07 -21.62
C TYR F 105 2.58 -7.02 -22.79
N ALA F 106 3.33 -5.93 -22.91
CA ALA F 106 4.33 -5.83 -23.97
C ALA F 106 5.38 -6.94 -23.86
N GLY F 107 5.78 -7.29 -22.63
CA GLY F 107 6.77 -8.34 -22.48
C GLY F 107 6.28 -9.69 -22.99
N ALA F 108 5.12 -10.12 -22.51
CA ALA F 108 4.57 -11.40 -22.97
C ALA F 108 4.26 -11.36 -24.47
N ARG F 109 3.88 -10.19 -24.99
CA ARG F 109 3.65 -10.08 -26.42
C ARG F 109 4.94 -10.29 -27.22
N LEU F 110 6.05 -9.76 -26.70
CA LEU F 110 7.34 -9.99 -27.33
C LEU F 110 7.74 -11.46 -27.26
N ALA F 111 7.44 -12.12 -26.12
CA ALA F 111 7.79 -13.52 -25.97
C ALA F 111 7.01 -14.39 -26.94
N THR F 112 5.73 -14.09 -27.14
CA THR F 112 4.92 -14.89 -28.06
C THR F 112 5.24 -14.57 -29.52
N GLU F 113 5.44 -13.29 -29.84
CA GLU F 113 5.78 -12.91 -31.20
C GLU F 113 7.12 -13.51 -31.63
N HIS F 114 8.05 -13.67 -30.71
CA HIS F 114 9.33 -14.27 -31.06
C HIS F 114 9.16 -15.74 -31.41
N LEU F 115 8.32 -16.45 -30.65
CA LEU F 115 8.06 -17.86 -30.93
C LEU F 115 7.36 -18.03 -32.27
N LEU F 116 6.42 -17.12 -32.60
CA LEU F 116 5.80 -17.13 -33.92
C LEU F 116 6.83 -16.91 -35.01
N ASP F 117 7.73 -15.92 -34.83
CA ASP F 117 8.75 -15.62 -35.82
C ASP F 117 9.64 -16.82 -36.08
N LEU F 118 9.76 -17.72 -35.11
CA LEU F 118 10.54 -18.94 -35.26
C LEU F 118 9.76 -20.06 -35.93
N GLY F 119 8.52 -19.81 -36.35
CA GLY F 119 7.71 -20.84 -37.01
C GLY F 119 6.76 -21.61 -36.12
N HIS F 120 6.78 -21.39 -34.81
CA HIS F 120 5.83 -22.06 -33.92
C HIS F 120 4.41 -21.56 -34.18
N ARG F 121 3.44 -22.49 -34.23
CA ARG F 121 2.03 -22.15 -34.36
C ARG F 121 1.17 -22.67 -33.23
N ARG F 122 1.60 -23.72 -32.55
CA ARG F 122 0.89 -24.28 -31.39
C ARG F 122 1.73 -24.00 -30.15
N ILE F 123 1.33 -22.97 -29.40
CA ILE F 123 2.08 -22.48 -28.25
C ILE F 123 1.20 -22.61 -27.01
N ALA F 124 1.60 -23.50 -26.10
CA ALA F 124 0.92 -23.63 -24.84
C ALA F 124 1.32 -22.50 -23.90
N LEU F 125 0.44 -22.19 -22.95
CA LEU F 125 0.72 -21.19 -21.92
C LEU F 125 0.39 -21.76 -20.55
N ILE F 126 1.37 -21.71 -19.66
CA ILE F 126 1.19 -22.04 -18.24
C ILE F 126 1.16 -20.71 -17.49
N THR F 127 -0.03 -20.25 -17.15
CA THR F 127 -0.22 -18.92 -16.58
C THR F 127 -0.05 -18.92 -15.06
N GLY F 128 0.11 -17.73 -14.51
CA GLY F 128 0.28 -17.58 -13.08
C GLY F 128 -1.04 -17.47 -12.35
N PRO F 129 -0.98 -17.30 -11.03
CA PRO F 129 -2.21 -17.09 -10.25
C PRO F 129 -3.00 -15.89 -10.76
N GLN F 130 -4.21 -16.16 -11.25
CA GLN F 130 -4.96 -15.12 -11.94
C GLN F 130 -5.37 -13.96 -11.03
N ASP F 131 -5.04 -13.98 -9.74
CA ASP F 131 -5.30 -12.83 -8.90
C ASP F 131 -4.14 -11.83 -8.92
N TRP F 132 -2.98 -12.22 -9.43
CA TRP F 132 -1.89 -11.29 -9.69
C TRP F 132 -2.12 -10.60 -11.02
N LEU F 133 -2.01 -9.27 -11.02
CA LEU F 133 -2.24 -8.52 -12.25
C LEU F 133 -1.24 -8.92 -13.33
N GLU F 134 0.01 -9.16 -12.93
CA GLU F 134 1.03 -9.60 -13.88
C GLU F 134 0.60 -10.87 -14.61
N ALA F 135 -0.03 -11.80 -13.88
CA ALA F 135 -0.43 -13.05 -14.50
C ALA F 135 -1.53 -12.82 -15.54
N ARG F 136 -2.50 -11.95 -15.26
CA ARG F 136 -3.55 -11.66 -16.22
C ARG F 136 -3.01 -10.93 -17.45
N GLU F 137 -2.10 -9.98 -17.27
CA GLU F 137 -1.58 -9.22 -18.40
C GLU F 137 -0.70 -10.09 -19.30
N ARG F 138 0.04 -11.02 -18.71
CA ARG F 138 0.84 -11.91 -19.56
C ARG F 138 -0.06 -12.89 -20.32
N LEU F 139 -1.16 -13.31 -19.72
CA LEU F 139 -2.12 -14.13 -20.44
C LEU F 139 -2.75 -13.35 -21.59
N GLN F 140 -3.06 -12.07 -21.34
CA GLN F 140 -3.67 -11.22 -22.35
C GLN F 140 -2.71 -10.96 -23.50
N GLY F 141 -1.43 -10.76 -23.20
CA GLY F 141 -0.46 -10.50 -24.26
C GLY F 141 -0.20 -11.72 -25.12
N TRP F 142 -0.18 -12.91 -24.51
CA TRP F 142 -0.03 -14.14 -25.27
C TRP F 142 -1.22 -14.38 -26.19
N ARG F 143 -2.44 -14.21 -25.65
CA ARG F 143 -3.65 -14.42 -26.43
C ARG F 143 -3.72 -13.46 -27.61
N GLU F 144 -3.41 -12.18 -27.39
CA GLU F 144 -3.59 -11.18 -28.44
C GLU F 144 -2.50 -11.27 -29.50
N ALA F 145 -1.30 -11.74 -29.15
CA ALA F 145 -0.29 -12.03 -30.16
C ALA F 145 -0.74 -13.18 -31.06
N LEU F 146 -1.33 -14.22 -30.46
CA LEU F 146 -1.88 -15.32 -31.25
C LEU F 146 -3.06 -14.87 -32.11
N ALA F 147 -4.00 -14.13 -31.51
CA ALA F 147 -5.24 -13.78 -32.21
C ALA F 147 -4.98 -12.93 -33.43
N GLU F 148 -4.00 -12.03 -33.36
CA GLU F 148 -3.74 -11.12 -34.47
C GLU F 148 -3.09 -11.84 -35.66
N ALA F 149 -2.37 -12.94 -35.43
CA ALA F 149 -1.92 -13.76 -36.55
C ALA F 149 -3.03 -14.55 -37.21
N GLY F 150 -4.20 -14.67 -36.58
CA GLY F 150 -5.27 -15.52 -37.07
C GLY F 150 -5.35 -16.89 -36.45
N LEU F 151 -4.64 -17.15 -35.34
CA LEU F 151 -4.50 -18.40 -34.62
C LEU F 151 -5.40 -18.44 -33.40
N PRO F 152 -5.97 -19.59 -33.08
CA PRO F 152 -6.84 -19.71 -31.91
C PRO F 152 -6.04 -20.03 -30.66
N PRO F 153 -6.28 -19.34 -29.55
CA PRO F 153 -5.54 -19.65 -28.31
C PRO F 153 -6.00 -20.97 -27.71
N PRO F 154 -5.08 -21.87 -27.38
CA PRO F 154 -5.45 -23.13 -26.73
C PRO F 154 -5.86 -22.89 -25.28
N ALA F 155 -6.40 -23.94 -24.68
CA ALA F 155 -6.68 -23.93 -23.25
C ALA F 155 -5.36 -23.85 -22.46
N VAL F 156 -5.38 -23.05 -21.39
CA VAL F 156 -4.18 -22.77 -20.62
C VAL F 156 -4.28 -23.49 -19.28
N LEU F 157 -3.12 -23.79 -18.71
CA LEU F 157 -3.03 -24.40 -17.39
C LEU F 157 -2.48 -23.38 -16.41
N GLN F 158 -3.03 -23.36 -15.19
CA GLN F 158 -2.72 -22.33 -14.21
C GLN F 158 -1.75 -22.87 -13.14
N GLY F 159 -0.63 -22.16 -12.96
CA GLY F 159 0.31 -22.44 -11.90
C GLY F 159 0.22 -21.44 -10.77
N ASP F 160 1.21 -21.51 -9.87
CA ASP F 160 1.26 -20.61 -8.71
C ASP F 160 2.66 -20.05 -8.49
N TRP F 161 3.37 -19.77 -9.60
CA TRP F 161 4.72 -19.20 -9.61
C TRP F 161 5.79 -20.21 -9.23
N SER F 162 5.40 -21.36 -8.66
CA SER F 162 6.36 -22.33 -8.17
C SER F 162 6.83 -23.27 -9.27
N ALA F 163 8.09 -23.74 -9.13
CA ALA F 163 8.64 -24.73 -10.05
C ALA F 163 7.82 -26.01 -10.05
N ALA F 164 7.27 -26.40 -8.91
CA ALA F 164 6.46 -27.60 -8.82
C ALA F 164 5.21 -27.48 -9.68
N SER F 165 4.55 -26.31 -9.67
CA SER F 165 3.33 -26.13 -10.45
C SER F 165 3.62 -26.14 -11.95
N GLY F 166 4.77 -25.61 -12.37
CA GLY F 166 5.14 -25.69 -13.77
C GLY F 166 5.44 -27.11 -14.20
N TYR F 167 6.10 -27.88 -13.33
CA TYR F 167 6.37 -29.29 -13.62
C TYR F 167 5.08 -30.10 -13.76
N GLU F 168 4.09 -29.83 -12.90
CA GLU F 168 2.84 -30.59 -12.95
C GLU F 168 1.98 -30.17 -14.14
N ALA F 169 1.96 -28.87 -14.45
CA ALA F 169 1.19 -28.43 -15.61
C ALA F 169 1.78 -28.98 -16.90
N ALA F 170 3.11 -29.04 -17.01
CA ALA F 170 3.72 -29.62 -18.20
C ALA F 170 3.44 -31.12 -18.31
N ARG F 171 3.32 -31.81 -17.16
CA ARG F 171 2.97 -33.23 -17.21
C ARG F 171 1.53 -33.42 -17.66
N GLN F 172 0.65 -32.46 -17.36
CA GLN F 172 -0.70 -32.52 -17.91
C GLN F 172 -0.71 -32.21 -19.41
N LEU F 173 0.10 -31.24 -19.84
CA LEU F 173 0.21 -30.93 -21.26
C LEU F 173 0.81 -32.09 -22.06
N LEU F 174 1.71 -32.85 -21.46
CA LEU F 174 2.40 -33.91 -22.20
C LEU F 174 1.56 -35.17 -22.37
N GLU F 175 0.34 -35.20 -21.84
CA GLU F 175 -0.53 -36.35 -22.08
C GLU F 175 -1.11 -36.34 -23.48
N GLN F 176 -1.34 -35.17 -24.06
CA GLN F 176 -1.76 -35.04 -25.45
C GLN F 176 -0.94 -33.92 -26.07
N PRO F 177 0.32 -34.20 -26.41
CA PRO F 177 1.24 -33.13 -26.82
C PRO F 177 0.89 -32.49 -28.15
N ASP F 178 -0.01 -31.49 -28.13
CA ASP F 178 -0.36 -30.75 -29.34
C ASP F 178 0.26 -29.36 -29.30
N PHE F 179 1.59 -29.31 -29.29
CA PHE F 179 2.29 -28.04 -29.12
C PHE F 179 3.76 -28.26 -29.42
N THR F 180 4.42 -27.21 -29.90
CA THR F 180 5.85 -27.21 -30.10
C THR F 180 6.58 -26.22 -29.19
N ALA F 181 5.84 -25.47 -28.36
CA ALA F 181 6.43 -24.43 -27.52
C ALA F 181 5.57 -24.24 -26.28
N ILE F 182 6.23 -24.03 -25.14
CA ILE F 182 5.56 -23.76 -23.88
C ILE F 182 6.02 -22.40 -23.38
N PHE F 183 5.07 -21.55 -23.05
CA PHE F 183 5.33 -20.24 -22.48
C PHE F 183 4.90 -20.33 -21.03
N ALA F 184 5.88 -20.38 -20.12
CA ALA F 184 5.61 -20.33 -18.69
C ALA F 184 5.63 -18.88 -18.23
N ALA F 185 4.67 -18.50 -17.41
CA ALA F 185 4.55 -17.11 -17.01
C ALA F 185 5.66 -16.65 -16.06
N ASN F 186 6.56 -17.54 -15.61
CA ASN F 186 7.76 -17.08 -14.90
C ASN F 186 8.86 -18.13 -14.97
N ASP F 187 10.10 -17.67 -14.75
CA ASP F 187 11.26 -18.57 -14.87
C ASP F 187 11.19 -19.75 -13.91
N GLN F 188 10.63 -19.53 -12.72
CA GLN F 188 10.53 -20.61 -11.75
C GLN F 188 9.66 -21.75 -12.28
N MET F 189 8.46 -21.42 -12.77
CA MET F 189 7.63 -22.45 -13.39
C MET F 189 8.32 -23.04 -14.61
N ALA F 190 9.00 -22.20 -15.40
CA ALA F 190 9.73 -22.68 -16.58
C ALA F 190 10.76 -23.75 -16.23
N LEU F 191 11.43 -23.62 -15.08
CA LEU F 191 12.39 -24.65 -14.68
C LEU F 191 11.69 -26.00 -14.54
N GLY F 192 10.52 -26.01 -13.91
CA GLY F 192 9.79 -27.25 -13.76
C GLY F 192 9.34 -27.82 -15.08
N VAL F 193 9.05 -26.95 -16.04
CA VAL F 193 8.69 -27.39 -17.38
C VAL F 193 9.86 -28.14 -18.02
N LEU F 194 11.07 -27.58 -17.89
CA LEU F 194 12.26 -28.23 -18.46
C LEU F 194 12.47 -29.60 -17.83
N ARG F 195 12.20 -29.72 -16.53
CA ARG F 195 12.32 -31.01 -15.86
C ARG F 195 11.35 -32.03 -16.47
N ALA F 196 10.07 -31.65 -16.64
CA ALA F 196 9.11 -32.56 -17.25
C ALA F 196 9.48 -32.91 -18.69
N LEU F 197 10.00 -31.95 -19.45
CA LEU F 197 10.44 -32.22 -20.81
C LEU F 197 11.67 -33.12 -20.87
N HIS F 198 12.52 -33.11 -19.83
CA HIS F 198 13.70 -33.98 -19.81
C HIS F 198 13.37 -35.40 -19.35
N GLU F 199 12.40 -35.55 -18.45
CA GLU F 199 11.97 -36.88 -18.03
C GLU F 199 11.35 -37.65 -19.18
N ARG F 200 10.49 -36.99 -19.97
CA ARG F 200 9.80 -37.62 -21.08
C ARG F 200 10.74 -37.92 -22.24
N GLY F 201 11.85 -37.20 -22.36
CA GLY F 201 12.82 -37.44 -23.40
C GLY F 201 12.76 -36.47 -24.55
N LEU F 202 12.07 -35.35 -24.40
CA LEU F 202 11.96 -34.38 -25.49
C LEU F 202 13.09 -33.37 -25.36
N ARG F 203 13.84 -33.19 -26.45
CA ARG F 203 14.94 -32.24 -26.44
C ARG F 203 14.42 -30.81 -26.42
N VAL F 204 15.06 -29.99 -25.61
CA VAL F 204 14.84 -28.53 -25.58
C VAL F 204 16.07 -27.88 -26.19
N PRO F 205 15.95 -27.19 -27.32
CA PRO F 205 14.71 -26.77 -27.99
C PRO F 205 14.34 -27.60 -29.22
N ASP F 206 15.12 -28.63 -29.57
CA ASP F 206 14.93 -29.33 -30.84
C ASP F 206 13.52 -29.90 -30.97
N ASP F 207 12.93 -30.37 -29.87
CA ASP F 207 11.54 -30.83 -29.89
C ASP F 207 10.57 -29.74 -29.42
N VAL F 208 10.79 -29.20 -28.23
CA VAL F 208 9.91 -28.22 -27.62
C VAL F 208 10.71 -26.99 -27.18
N SER F 209 10.23 -25.81 -27.55
CA SER F 209 10.82 -24.55 -27.10
C SER F 209 10.12 -24.05 -25.84
N VAL F 210 10.90 -23.46 -24.92
CA VAL F 210 10.38 -22.98 -23.64
C VAL F 210 10.83 -21.53 -23.43
N VAL F 211 9.89 -20.68 -23.03
CA VAL F 211 10.17 -19.30 -22.66
C VAL F 211 9.71 -19.08 -21.22
N GLY F 212 10.49 -18.34 -20.43
CA GLY F 212 10.10 -17.94 -19.11
C GLY F 212 9.86 -16.44 -19.01
N PHE F 213 9.97 -15.92 -17.80
CA PHE F 213 9.68 -14.53 -17.50
C PHE F 213 10.27 -14.21 -16.13
N ASP F 214 11.04 -13.11 -16.07
CA ASP F 214 11.68 -12.53 -14.89
C ASP F 214 13.17 -12.26 -15.16
N ASP F 215 13.84 -13.21 -15.80
CA ASP F 215 15.31 -13.27 -15.86
C ASP F 215 15.90 -13.31 -14.46
N ILE F 216 15.58 -14.37 -13.72
CA ILE F 216 16.20 -14.59 -12.43
C ILE F 216 17.65 -14.98 -12.70
N PRO F 217 18.58 -14.72 -11.78
CA PRO F 217 20.00 -15.05 -12.07
C PRO F 217 20.22 -16.51 -12.42
N GLU F 218 19.47 -17.44 -11.83
CA GLU F 218 19.62 -18.86 -12.12
C GLU F 218 19.27 -19.20 -13.58
N SER F 219 18.33 -18.46 -14.20
CA SER F 219 17.78 -18.91 -15.48
C SER F 219 18.85 -19.01 -16.57
N ALA F 220 19.94 -18.24 -16.46
CA ALA F 220 21.06 -18.37 -17.38
C ALA F 220 21.83 -19.67 -17.19
N TYR F 221 21.53 -20.44 -16.15
CA TYR F 221 22.18 -21.72 -15.90
C TYR F 221 21.18 -22.87 -15.87
N PHE F 222 19.94 -22.65 -16.30
CA PHE F 222 19.02 -23.74 -16.53
C PHE F 222 19.56 -24.65 -17.63
N HIS F 223 18.99 -25.86 -17.70
CA HIS F 223 19.31 -26.82 -18.74
C HIS F 223 18.20 -26.84 -19.80
N PRO F 224 18.36 -26.14 -20.94
CA PRO F 224 19.47 -25.28 -21.37
C PRO F 224 19.23 -23.84 -20.92
N PRO F 225 20.15 -22.90 -21.13
CA PRO F 225 19.92 -21.52 -20.70
C PRO F 225 18.60 -20.99 -21.23
N LEU F 226 17.80 -20.44 -20.32
CA LEU F 226 16.40 -20.17 -20.58
C LEU F 226 16.20 -18.81 -21.27
N THR F 227 15.41 -18.80 -22.33
CA THR F 227 14.93 -17.55 -22.92
C THR F 227 13.78 -16.99 -22.09
N THR F 228 13.79 -15.67 -21.91
CA THR F 228 12.97 -15.07 -20.86
C THR F 228 12.84 -13.58 -21.12
N VAL F 229 11.96 -12.96 -20.34
CA VAL F 229 11.72 -11.53 -20.37
C VAL F 229 12.23 -10.94 -19.06
N ARG F 230 13.16 -10.00 -19.16
CA ARG F 230 13.84 -9.42 -18.01
C ARG F 230 13.03 -8.28 -17.42
N GLN F 231 12.84 -8.32 -16.11
CA GLN F 231 12.29 -7.21 -15.35
C GLN F 231 13.38 -6.64 -14.45
N ASP F 232 13.50 -5.32 -14.42
CA ASP F 232 14.46 -4.65 -13.53
C ASP F 232 13.80 -4.44 -12.18
N PHE F 233 13.76 -5.51 -11.38
CA PHE F 233 12.98 -5.48 -10.14
C PHE F 233 13.48 -4.39 -9.20
N GLU F 234 14.81 -4.21 -9.11
CA GLU F 234 15.37 -3.24 -8.17
C GLU F 234 15.00 -1.82 -8.56
N GLU F 235 15.09 -1.49 -9.86
CA GLU F 235 14.73 -0.15 -10.31
C GLU F 235 13.24 0.13 -10.09
N LEU F 236 12.41 -0.91 -10.19
CA LEU F 236 10.99 -0.78 -9.88
C LEU F 236 10.79 -0.38 -8.43
N GLY F 237 11.51 -1.03 -7.52
CA GLY F 237 11.43 -0.65 -6.11
C GLY F 237 12.03 0.70 -5.82
N ARG F 238 13.11 1.06 -6.52
CA ARG F 238 13.69 2.38 -6.37
C ARG F 238 12.70 3.46 -6.78
N GLN F 239 12.10 3.32 -7.97
CA GLN F 239 11.15 4.30 -8.46
C GLN F 239 9.87 4.35 -7.63
N ALA F 240 9.54 3.27 -6.91
CA ALA F 240 8.52 3.32 -5.88
C ALA F 240 8.73 4.47 -4.91
N VAL F 241 9.85 4.41 -4.18
CA VAL F 241 10.12 5.40 -3.13
C VAL F 241 10.18 6.79 -3.73
N GLU F 242 10.75 6.93 -4.94
CA GLU F 242 10.77 8.23 -5.59
C GLU F 242 9.36 8.73 -5.87
N GLN F 243 8.49 7.85 -6.35
CA GLN F 243 7.11 8.25 -6.58
C GLN F 243 6.39 8.49 -5.26
N LEU F 244 6.77 7.76 -4.20
CA LEU F 244 6.15 7.98 -2.89
C LEU F 244 6.69 9.24 -2.22
N LEU F 245 7.98 9.52 -2.37
CA LEU F 245 8.58 10.67 -1.71
C LEU F 245 8.09 11.98 -2.32
N GLU F 246 7.74 11.98 -3.61
CA GLU F 246 7.16 13.17 -4.21
C GLU F 246 5.78 13.47 -3.65
N MET F 247 4.99 12.43 -3.36
CA MET F 247 3.66 12.64 -2.80
C MET F 247 3.72 13.06 -1.33
N ILE F 248 4.58 12.42 -0.53
CA ILE F 248 4.69 12.79 0.87
C ILE F 248 5.41 14.11 1.07
N GLU F 249 6.06 14.64 0.03
CA GLU F 249 6.58 16.00 0.04
C GLU F 249 5.59 17.02 -0.49
N GLY F 250 4.34 16.60 -0.72
CA GLY F 250 3.27 17.51 -1.10
C GLY F 250 3.03 17.62 -2.59
N GLU F 251 3.98 17.19 -3.42
CA GLU F 251 3.88 17.38 -4.86
C GLU F 251 2.70 16.60 -5.42
N GLU F 252 2.27 17.00 -6.62
CA GLU F 252 1.16 16.34 -7.29
C GLU F 252 1.48 14.86 -7.51
N PRO F 253 0.50 13.97 -7.35
CA PRO F 253 0.73 12.56 -7.67
C PRO F 253 1.28 12.40 -9.08
N PRO F 254 2.46 11.79 -9.22
CA PRO F 254 3.18 11.83 -10.50
C PRO F 254 2.48 10.96 -11.54
N PRO F 255 2.75 11.20 -12.82
CA PRO F 255 2.22 10.32 -13.87
C PRO F 255 2.77 8.92 -13.71
N PRO F 256 1.95 7.90 -13.92
CA PRO F 256 2.40 6.52 -13.72
C PRO F 256 3.57 6.18 -14.63
N ALA F 257 4.56 5.50 -14.05
CA ALA F 257 5.73 5.07 -14.79
C ALA F 257 5.54 3.64 -15.28
N VAL F 258 5.92 3.41 -16.53
CA VAL F 258 5.91 2.08 -17.13
C VAL F 258 7.34 1.74 -17.53
N LEU F 259 7.86 0.69 -16.96
CA LEU F 259 9.24 0.31 -17.28
C LEU F 259 9.22 -0.73 -18.39
N PRO F 260 10.03 -0.56 -19.44
CA PRO F 260 10.00 -1.51 -20.57
C PRO F 260 10.80 -2.76 -20.25
N PRO F 261 10.21 -3.94 -20.41
CA PRO F 261 10.96 -5.19 -20.25
C PRO F 261 11.86 -5.43 -21.46
N GLU F 262 12.67 -6.47 -21.36
CA GLU F 262 13.61 -6.80 -22.43
C GLU F 262 13.60 -8.30 -22.68
N LEU F 263 13.51 -8.68 -23.96
CA LEU F 263 13.53 -10.09 -24.32
C LEU F 263 14.98 -10.56 -24.43
N ILE F 264 15.36 -11.49 -23.56
CA ILE F 264 16.67 -12.14 -23.63
C ILE F 264 16.48 -13.48 -24.34
N VAL F 265 17.05 -13.61 -25.54
CA VAL F 265 16.97 -14.86 -26.27
C VAL F 265 18.23 -15.68 -25.97
N ARG F 266 18.03 -16.87 -25.40
CA ARG F 266 19.15 -17.75 -25.06
C ARG F 266 19.06 -19.04 -25.87
N GLU F 267 19.10 -20.20 -25.21
CA GLU F 267 19.22 -21.48 -25.90
C GLU F 267 17.97 -22.33 -25.84
N SER F 268 16.91 -21.87 -25.16
CA SER F 268 15.72 -22.69 -25.00
C SER F 268 14.72 -22.52 -26.13
N THR F 269 14.98 -21.65 -27.10
CA THR F 269 14.07 -21.43 -28.20
C THR F 269 14.76 -21.73 -29.52
N ALA F 270 14.03 -22.34 -30.45
CA ALA F 270 14.51 -22.61 -31.79
C ALA F 270 13.32 -22.87 -32.71
N PRO F 271 13.49 -22.89 -34.04
CA PRO F 271 12.40 -23.34 -34.90
C PRO F 271 12.01 -24.77 -34.55
N PRO F 272 10.75 -25.13 -34.77
CA PRO F 272 10.29 -26.49 -34.42
C PRO F 272 10.89 -27.53 -35.35
N GLU F 273 10.68 -28.79 -34.96
CA GLU F 273 11.19 -29.97 -35.67
C GLU F 273 12.69 -29.86 -35.90
N ARG G 2 -61.48 -13.60 4.46
CA ARG G 2 -61.97 -13.46 5.82
C ARG G 2 -60.94 -13.89 6.85
N ARG G 3 -60.61 -15.19 6.85
CA ARG G 3 -59.68 -15.75 7.83
C ARG G 3 -58.34 -15.02 7.79
N SER G 4 -57.76 -14.82 8.98
CA SER G 4 -56.45 -14.18 9.07
C SER G 4 -55.31 -15.14 8.75
N HIS G 5 -55.55 -16.45 8.83
CA HIS G 5 -54.52 -17.46 8.63
C HIS G 5 -53.36 -17.25 9.60
N THR G 6 -53.68 -16.79 10.82
CA THR G 6 -52.69 -16.61 11.87
C THR G 6 -53.15 -17.36 13.12
N ILE G 7 -52.17 -17.88 13.86
CA ILE G 7 -52.40 -18.60 15.10
C ILE G 7 -51.78 -17.80 16.25
N GLY G 8 -52.49 -17.72 17.36
CA GLY G 8 -51.99 -17.07 18.56
C GLY G 8 -51.50 -18.09 19.56
N VAL G 9 -50.42 -17.74 20.27
CA VAL G 9 -49.85 -18.61 21.29
C VAL G 9 -49.56 -17.78 22.53
N VAL G 10 -50.17 -18.15 23.64
CA VAL G 10 -49.93 -17.50 24.93
C VAL G 10 -49.02 -18.41 25.75
N THR G 11 -47.81 -17.94 26.05
CA THR G 11 -46.84 -18.75 26.76
C THR G 11 -46.21 -17.95 27.90
N THR G 12 -45.35 -18.62 28.66
CA THR G 12 -44.65 -18.01 29.77
C THR G 12 -43.40 -18.82 30.05
N GLY G 13 -42.43 -18.19 30.70
CA GLY G 13 -41.17 -18.87 30.98
C GLY G 13 -40.37 -19.16 29.73
N LEU G 14 -40.30 -18.20 28.80
CA LEU G 14 -39.54 -18.41 27.57
C LEU G 14 -38.04 -18.56 27.84
N SER G 15 -37.56 -18.03 28.96
CA SER G 15 -36.15 -18.16 29.24
C SER G 15 -35.75 -19.62 29.50
N PHE G 16 -36.72 -20.50 29.75
CA PHE G 16 -36.42 -21.91 29.94
C PHE G 16 -36.46 -22.66 28.61
N TYR G 17 -35.70 -23.75 28.54
CA TYR G 17 -35.61 -24.55 27.32
C TYR G 17 -36.97 -25.16 26.94
N GLY G 18 -37.72 -25.64 27.93
CA GLY G 18 -38.95 -26.35 27.69
C GLY G 18 -39.98 -25.55 26.92
N PRO G 19 -40.45 -24.45 27.53
CA PRO G 19 -41.46 -23.62 26.84
C PRO G 19 -40.98 -23.07 25.49
N SER G 20 -39.67 -22.85 25.32
CA SER G 20 -39.15 -22.32 24.07
C SER G 20 -39.17 -23.37 22.97
N GLN G 21 -38.81 -24.62 23.28
CA GLN G 21 -38.87 -25.66 22.27
C GLN G 21 -40.31 -26.00 21.92
N ILE G 22 -41.24 -25.85 22.86
CA ILE G 22 -42.65 -26.02 22.53
C ILE G 22 -43.09 -24.94 21.54
N LEU G 23 -42.70 -23.69 21.81
CA LEU G 23 -42.99 -22.59 20.90
C LEU G 23 -42.41 -22.85 19.51
N VAL G 24 -41.21 -23.43 19.44
CA VAL G 24 -40.59 -23.68 18.15
C VAL G 24 -41.39 -24.71 17.36
N GLY G 25 -41.81 -25.79 18.01
CA GLY G 25 -42.61 -26.79 17.33
C GLY G 25 -43.92 -26.22 16.83
N ILE G 26 -44.51 -25.29 17.59
CA ILE G 26 -45.73 -24.62 17.15
C ILE G 26 -45.46 -23.78 15.92
N GLU G 27 -44.40 -22.97 15.94
CA GLU G 27 -44.10 -22.11 14.80
C GLU G 27 -43.75 -22.94 13.56
N ARG G 28 -43.00 -24.02 13.73
CA ARG G 28 -42.63 -24.81 12.56
C ARG G 28 -43.84 -25.54 11.98
N ALA G 29 -44.75 -26.01 12.83
CA ALA G 29 -45.95 -26.67 12.34
C ALA G 29 -46.95 -25.67 11.76
N ALA G 30 -47.02 -24.47 12.32
CA ALA G 30 -47.88 -23.46 11.75
C ALA G 30 -47.36 -22.97 10.41
N ARG G 31 -46.04 -22.84 10.26
CA ARG G 31 -45.47 -22.38 9.00
C ARG G 31 -45.72 -23.40 7.89
N GLU G 32 -45.57 -24.68 8.20
CA GLU G 32 -45.75 -25.72 7.20
C GLU G 32 -47.18 -25.76 6.65
N HIS G 33 -48.15 -25.24 7.41
CA HIS G 33 -49.54 -25.24 6.97
C HIS G 33 -50.02 -23.85 6.57
N GLY G 34 -49.10 -22.91 6.35
CA GLY G 34 -49.47 -21.57 5.94
C GLY G 34 -50.09 -20.71 7.01
N TYR G 35 -49.59 -20.78 8.25
CA TYR G 35 -50.13 -20.01 9.35
C TYR G 35 -49.03 -19.19 10.00
N SER G 36 -49.30 -17.91 10.21
CA SER G 36 -48.39 -17.06 10.97
C SER G 36 -48.69 -17.19 12.46
N LEU G 37 -47.70 -16.81 13.27
CA LEU G 37 -47.76 -17.02 14.72
C LEU G 37 -47.68 -15.69 15.46
N LEU G 38 -48.78 -15.30 16.10
CA LEU G 38 -48.80 -14.18 17.04
C LEU G 38 -48.39 -14.69 18.41
N LEU G 39 -47.48 -13.97 19.07
CA LEU G 39 -46.89 -14.41 20.32
C LEU G 39 -47.29 -13.47 21.45
N ALA G 40 -47.81 -14.05 22.53
CA ALA G 40 -48.11 -13.30 23.75
C ALA G 40 -47.49 -14.02 24.94
N THR G 41 -46.92 -13.25 25.87
CA THR G 41 -46.34 -13.84 27.07
C THR G 41 -47.04 -13.30 28.30
N VAL G 42 -47.54 -14.21 29.13
CA VAL G 42 -48.13 -13.86 30.42
C VAL G 42 -47.09 -14.08 31.51
N HIS G 43 -47.36 -13.52 32.68
CA HIS G 43 -46.40 -13.60 33.78
C HIS G 43 -47.02 -14.29 34.98
N GLU G 44 -46.83 -13.73 36.18
CA GLU G 44 -47.26 -14.41 37.40
C GLU G 44 -48.75 -14.26 37.67
N ASP G 45 -49.40 -13.24 37.14
CA ASP G 45 -50.82 -13.03 37.41
C ASP G 45 -51.65 -14.10 36.72
N PRO G 46 -52.60 -14.73 37.41
CA PRO G 46 -53.42 -15.78 36.76
C PRO G 46 -54.34 -15.22 35.69
N ASP G 47 -55.13 -14.19 36.04
CA ASP G 47 -56.08 -13.59 35.11
C ASP G 47 -55.40 -12.92 33.92
N GLU G 48 -54.08 -12.78 33.95
CA GLU G 48 -53.35 -12.22 32.82
C GLU G 48 -53.50 -13.08 31.56
N VAL G 49 -53.82 -14.36 31.72
CA VAL G 49 -53.93 -15.24 30.55
C VAL G 49 -55.17 -14.90 29.74
N GLU G 50 -56.33 -14.79 30.40
CA GLU G 50 -57.56 -14.45 29.69
C GLU G 50 -57.45 -13.09 29.01
N GLU G 51 -56.68 -12.19 29.58
CA GLU G 51 -56.42 -10.90 28.95
C GLU G 51 -55.75 -11.10 27.59
N ALA G 52 -54.75 -11.97 27.52
CA ALA G 52 -54.09 -12.27 26.25
C ALA G 52 -55.02 -13.01 25.30
N ILE G 53 -55.94 -13.80 25.83
CA ILE G 53 -56.94 -14.43 24.97
C ILE G 53 -57.83 -13.36 24.35
N ASN G 54 -58.33 -12.43 25.16
CA ASN G 54 -59.17 -11.36 24.62
C ASN G 54 -58.39 -10.43 23.71
N THR G 55 -57.06 -10.36 23.86
CA THR G 55 -56.24 -9.59 22.95
C THR G 55 -56.09 -10.31 21.61
N LEU G 56 -55.78 -11.61 21.66
CA LEU G 56 -55.66 -12.39 20.44
C LEU G 56 -56.97 -12.45 19.68
N ARG G 57 -58.09 -12.51 20.41
CA ARG G 57 -59.40 -12.56 19.77
C ARG G 57 -59.70 -11.27 19.01
N GLU G 58 -59.21 -10.13 19.51
CA GLU G 58 -59.40 -8.86 18.79
C GLU G 58 -58.58 -8.82 17.51
N ARG G 59 -57.43 -9.50 17.47
CA ARG G 59 -56.60 -9.59 16.27
C ARG G 59 -57.13 -10.60 15.27
N ARG G 60 -58.27 -11.23 15.55
CA ARG G 60 -58.94 -12.12 14.61
C ARG G 60 -58.10 -13.33 14.26
N VAL G 61 -57.40 -13.89 15.25
CA VAL G 61 -56.66 -15.12 15.02
C VAL G 61 -57.65 -16.27 14.83
N ASP G 62 -57.24 -17.27 14.05
CA ASP G 62 -58.13 -18.40 13.78
C ASP G 62 -58.08 -19.45 14.88
N GLY G 63 -57.07 -19.41 15.75
CA GLY G 63 -56.96 -20.37 16.83
C GLY G 63 -55.85 -19.95 17.78
N ILE G 64 -55.98 -20.43 19.02
CA ILE G 64 -55.09 -20.03 20.12
C ILE G 64 -54.54 -21.28 20.79
N ILE G 65 -53.23 -21.25 21.10
CA ILE G 65 -52.55 -22.34 21.77
C ILE G 65 -52.01 -21.79 23.09
N ILE G 66 -52.55 -22.26 24.20
CA ILE G 66 -52.14 -21.79 25.52
C ILE G 66 -51.06 -22.71 26.07
N VAL G 67 -49.86 -22.16 26.25
CA VAL G 67 -48.75 -22.87 26.86
C VAL G 67 -48.40 -22.20 28.19
N ALA G 68 -49.34 -22.22 29.13
CA ALA G 68 -49.13 -21.55 30.41
C ALA G 68 -50.08 -22.15 31.43
N PRO G 69 -49.78 -22.06 32.72
CA PRO G 69 -50.72 -22.57 33.73
C PRO G 69 -52.02 -21.79 33.70
N HIS G 70 -53.14 -22.51 33.56
CA HIS G 70 -54.48 -21.92 33.56
C HIS G 70 -55.35 -22.74 34.51
N ASN G 71 -55.40 -22.32 35.77
CA ASN G 71 -56.17 -23.00 36.80
C ASN G 71 -57.67 -22.74 36.68
N SER G 72 -58.10 -22.01 35.65
CA SER G 72 -59.52 -21.74 35.48
C SER G 72 -60.29 -23.03 35.20
N GLU G 73 -61.45 -23.15 35.83
CA GLU G 73 -62.29 -24.34 35.73
C GLU G 73 -61.55 -25.59 36.18
N VAL G 84 -64.94 -17.68 20.83
CA VAL G 84 -65.44 -18.45 19.70
C VAL G 84 -64.31 -19.17 18.94
N PRO G 85 -63.17 -18.52 18.73
CA PRO G 85 -61.99 -19.24 18.21
C PRO G 85 -61.68 -20.48 19.05
N PRO G 86 -61.26 -21.57 18.41
CA PRO G 86 -60.92 -22.78 19.17
C PRO G 86 -59.64 -22.57 19.96
N VAL G 87 -59.65 -23.03 21.19
CA VAL G 87 -58.52 -22.86 22.10
C VAL G 87 -58.09 -24.24 22.58
N VAL G 88 -56.81 -24.55 22.40
CA VAL G 88 -56.22 -25.78 22.90
C VAL G 88 -55.21 -25.43 23.97
N PHE G 89 -55.29 -26.13 25.10
CA PHE G 89 -54.35 -25.98 26.19
C PHE G 89 -53.28 -27.06 26.10
N LEU G 90 -52.12 -26.76 26.69
CA LEU G 90 -51.03 -27.72 26.78
C LEU G 90 -50.95 -28.37 28.15
N SER G 91 -52.06 -28.40 28.88
CA SER G 91 -52.13 -29.03 30.18
C SER G 91 -53.51 -29.65 30.34
N ALA G 92 -53.62 -30.64 31.23
CA ALA G 92 -54.91 -31.30 31.43
C ALA G 92 -55.96 -30.30 31.89
N GLN G 93 -57.15 -30.42 31.33
CA GLN G 93 -58.25 -29.50 31.57
C GLN G 93 -59.53 -30.29 31.83
N PRO G 94 -60.60 -29.62 32.24
CA PRO G 94 -61.91 -30.29 32.41
C PRO G 94 -62.29 -31.08 31.16
N PRO G 95 -63.11 -32.13 31.31
CA PRO G 95 -63.55 -32.90 30.14
C PRO G 95 -64.23 -32.03 29.10
N GLY G 96 -63.91 -32.29 27.82
CA GLY G 96 -64.45 -31.55 26.71
C GLY G 96 -63.54 -30.47 26.16
N VAL G 97 -62.48 -30.12 26.89
CA VAL G 97 -61.53 -29.10 26.45
C VAL G 97 -60.38 -29.77 25.72
N PRO G 98 -60.04 -29.33 24.51
CA PRO G 98 -59.01 -30.01 23.72
C PRO G 98 -57.63 -29.72 24.29
N THR G 99 -56.89 -30.78 24.61
CA THR G 99 -55.54 -30.64 25.17
C THR G 99 -54.60 -31.64 24.52
N VAL G 100 -53.32 -31.31 24.56
CA VAL G 100 -52.24 -32.24 24.24
C VAL G 100 -51.11 -31.97 25.23
N SER G 101 -50.60 -33.02 25.87
CA SER G 101 -49.66 -32.84 26.97
C SER G 101 -48.87 -34.12 27.16
N VAL G 102 -47.81 -34.00 27.96
CA VAL G 102 -46.97 -35.15 28.32
C VAL G 102 -47.48 -35.73 29.63
N ASP G 103 -47.44 -37.05 29.74
CA ASP G 103 -47.84 -37.74 30.96
C ASP G 103 -46.87 -37.44 32.09
N GLN G 104 -47.11 -36.34 32.82
CA GLN G 104 -46.20 -35.93 33.89
C GLN G 104 -46.19 -36.94 35.04
N TYR G 105 -47.36 -37.50 35.37
CA TYR G 105 -47.45 -38.48 36.45
C TYR G 105 -46.60 -39.71 36.14
N ALA G 106 -46.70 -40.23 34.92
CA ALA G 106 -45.94 -41.43 34.54
C ALA G 106 -44.44 -41.15 34.51
N GLY G 107 -44.05 -39.96 34.03
CA GLY G 107 -42.62 -39.63 34.03
C GLY G 107 -42.07 -39.61 35.43
N ALA G 108 -42.75 -38.91 36.34
CA ALA G 108 -42.29 -38.85 37.72
C ALA G 108 -42.33 -40.23 38.35
N ARG G 109 -43.32 -41.05 37.98
CA ARG G 109 -43.35 -42.42 38.46
C ARG G 109 -42.16 -43.22 37.96
N LEU G 110 -41.76 -43.00 36.71
CA LEU G 110 -40.59 -43.67 36.18
C LEU G 110 -39.32 -43.30 36.96
N ALA G 111 -39.20 -42.02 37.34
CA ALA G 111 -37.98 -41.57 37.99
C ALA G 111 -37.90 -42.10 39.43
N THR G 112 -39.02 -42.07 40.15
CA THR G 112 -39.04 -42.54 41.54
C THR G 112 -38.88 -44.05 41.61
N GLU G 113 -39.48 -44.79 40.67
CA GLU G 113 -39.32 -46.24 40.65
C GLU G 113 -37.91 -46.65 40.24
N HIS G 114 -37.24 -45.80 39.46
CA HIS G 114 -35.84 -46.02 39.17
C HIS G 114 -35.01 -46.02 40.45
N LEU G 115 -35.18 -44.96 41.26
CA LEU G 115 -34.48 -44.89 42.54
C LEU G 115 -34.91 -46.02 43.49
N LEU G 116 -36.17 -46.45 43.43
CA LEU G 116 -36.60 -47.56 44.28
C LEU G 116 -35.94 -48.87 43.86
N ASP G 117 -35.80 -49.10 42.55
CA ASP G 117 -35.15 -50.30 42.06
C ASP G 117 -33.70 -50.39 42.49
N LEU G 118 -33.03 -49.24 42.64
CA LEU G 118 -31.66 -49.18 43.10
C LEU G 118 -31.54 -49.39 44.61
N GLY G 119 -32.64 -49.42 45.34
CA GLY G 119 -32.62 -49.68 46.75
C GLY G 119 -32.82 -48.46 47.63
N HIS G 120 -33.11 -47.30 47.05
CA HIS G 120 -33.40 -46.11 47.84
C HIS G 120 -34.77 -46.21 48.50
N ARG G 121 -34.84 -45.76 49.75
CA ARG G 121 -36.08 -45.70 50.50
C ARG G 121 -36.42 -44.32 51.04
N ARG G 122 -35.46 -43.41 51.13
CA ARG G 122 -35.68 -42.03 51.58
C ARG G 122 -35.35 -41.11 50.40
N ILE G 123 -36.37 -40.77 49.61
CA ILE G 123 -36.22 -40.05 48.35
C ILE G 123 -36.91 -38.70 48.49
N ALA G 124 -36.12 -37.65 48.65
CA ALA G 124 -36.64 -36.30 48.82
C ALA G 124 -37.13 -35.77 47.47
N LEU G 125 -38.02 -34.78 47.54
CA LEU G 125 -38.60 -34.19 46.33
C LEU G 125 -38.56 -32.67 46.42
N ILE G 126 -37.95 -32.04 45.43
CA ILE G 126 -38.04 -30.60 45.23
C ILE G 126 -38.90 -30.38 43.98
N THR G 127 -40.13 -29.90 44.16
CA THR G 127 -41.06 -29.73 43.05
C THR G 127 -41.12 -28.27 42.61
N GLY G 128 -41.83 -28.03 41.50
CA GLY G 128 -41.99 -26.70 40.96
C GLY G 128 -43.06 -25.92 41.71
N PRO G 129 -43.43 -24.75 41.21
CA PRO G 129 -44.47 -23.96 41.88
C PRO G 129 -45.81 -24.67 41.81
N GLN G 130 -46.59 -24.56 42.89
CA GLN G 130 -47.86 -25.25 43.00
C GLN G 130 -48.86 -24.83 41.93
N ASP G 131 -48.70 -23.63 41.34
CA ASP G 131 -49.59 -23.19 40.28
C ASP G 131 -49.48 -24.06 39.03
N TRP G 132 -48.29 -24.55 38.72
CA TRP G 132 -48.11 -25.36 37.52
C TRP G 132 -48.65 -26.76 37.77
N LEU G 133 -49.48 -27.24 36.84
CA LEU G 133 -50.01 -28.60 36.96
C LEU G 133 -48.89 -29.63 36.96
N GLU G 134 -47.85 -29.41 36.14
CA GLU G 134 -46.74 -30.35 36.06
C GLU G 134 -46.06 -30.55 37.41
N ALA G 135 -46.02 -29.51 38.25
CA ALA G 135 -45.47 -29.67 39.59
C ALA G 135 -46.37 -30.55 40.45
N ARG G 136 -47.68 -30.41 40.33
CA ARG G 136 -48.59 -31.20 41.15
C ARG G 136 -48.66 -32.65 40.67
N GLU G 137 -48.58 -32.86 39.37
CA GLU G 137 -48.69 -34.22 38.83
C GLU G 137 -47.39 -35.00 38.98
N ARG G 138 -46.24 -34.33 38.93
CA ARG G 138 -44.98 -35.01 39.22
C ARG G 138 -44.89 -35.42 40.68
N LEU G 139 -45.30 -34.54 41.60
CA LEU G 139 -45.34 -34.92 43.03
C LEU G 139 -46.25 -36.12 43.26
N GLN G 140 -47.33 -36.23 42.50
CA GLN G 140 -48.30 -37.30 42.72
C GLN G 140 -47.77 -38.64 42.22
N GLY G 141 -47.05 -38.64 41.10
CA GLY G 141 -46.39 -39.87 40.68
C GLY G 141 -45.30 -40.27 41.64
N TRP G 142 -44.54 -39.29 42.14
CA TRP G 142 -43.54 -39.58 43.16
C TRP G 142 -44.20 -40.12 44.43
N ARG G 143 -45.36 -39.58 44.81
CA ARG G 143 -45.98 -40.02 46.05
C ARG G 143 -46.60 -41.41 45.90
N GLU G 144 -47.24 -41.67 44.76
CA GLU G 144 -47.85 -42.97 44.56
C GLU G 144 -46.83 -44.06 44.27
N ALA G 145 -45.65 -43.72 43.73
CA ALA G 145 -44.59 -44.71 43.62
C ALA G 145 -44.08 -45.13 45.00
N LEU G 146 -43.87 -44.17 45.90
CA LEU G 146 -43.48 -44.49 47.27
C LEU G 146 -44.54 -45.32 47.98
N ALA G 147 -45.80 -44.93 47.84
CA ALA G 147 -46.89 -45.62 48.55
C ALA G 147 -47.03 -47.05 48.07
N GLU G 148 -46.81 -47.29 46.77
CA GLU G 148 -46.80 -48.67 46.27
C GLU G 148 -45.71 -49.49 46.95
N ALA G 149 -44.61 -48.86 47.34
CA ALA G 149 -43.55 -49.50 48.11
C ALA G 149 -43.83 -49.47 49.61
N GLY G 150 -45.02 -49.04 50.02
CA GLY G 150 -45.36 -48.98 51.43
C GLY G 150 -44.66 -47.88 52.19
N LEU G 151 -44.37 -46.76 51.54
CA LEU G 151 -43.62 -45.69 52.16
C LEU G 151 -44.45 -44.40 52.19
N PRO G 152 -44.57 -43.75 53.34
CA PRO G 152 -45.30 -42.48 53.40
C PRO G 152 -44.47 -41.37 52.79
N PRO G 153 -45.09 -40.28 52.34
CA PRO G 153 -44.35 -39.23 51.64
C PRO G 153 -43.63 -38.31 52.60
N PRO G 154 -42.37 -37.99 52.31
CA PRO G 154 -41.70 -36.91 53.04
C PRO G 154 -42.36 -35.55 52.80
N ALA G 155 -42.05 -34.61 53.68
CA ALA G 155 -42.38 -33.21 53.42
C ALA G 155 -41.62 -32.72 52.20
N VAL G 156 -42.32 -32.06 51.31
CA VAL G 156 -41.79 -31.63 50.03
C VAL G 156 -41.39 -30.17 50.13
N LEU G 157 -40.31 -29.81 49.45
CA LEU G 157 -39.89 -28.43 49.28
C LEU G 157 -40.27 -27.97 47.88
N GLN G 158 -40.53 -26.67 47.76
CA GLN G 158 -40.95 -26.07 46.50
C GLN G 158 -39.81 -25.23 45.92
N GLY G 159 -39.77 -25.20 44.59
CA GLY G 159 -38.86 -24.33 43.88
C GLY G 159 -39.65 -23.52 42.88
N ASP G 160 -38.96 -22.78 42.00
CA ASP G 160 -39.64 -21.97 40.99
C ASP G 160 -39.12 -22.28 39.59
N TRP G 161 -38.64 -23.51 39.39
CA TRP G 161 -38.06 -24.00 38.13
C TRP G 161 -36.64 -23.48 37.93
N SER G 162 -36.20 -22.52 38.75
CA SER G 162 -34.89 -21.94 38.56
C SER G 162 -33.82 -22.79 39.25
N ALA G 163 -32.63 -22.79 38.67
CA ALA G 163 -31.51 -23.47 39.29
C ALA G 163 -31.22 -22.90 40.68
N ALA G 164 -31.43 -21.60 40.87
CA ALA G 164 -31.22 -21.00 42.18
C ALA G 164 -32.09 -21.68 43.24
N SER G 165 -33.41 -21.77 42.98
CA SER G 165 -34.30 -22.36 43.97
C SER G 165 -33.95 -23.82 44.22
N GLY G 166 -33.49 -24.52 43.19
CA GLY G 166 -32.99 -25.87 43.39
C GLY G 166 -31.82 -25.91 44.35
N TYR G 167 -30.92 -24.92 44.22
CA TYR G 167 -29.78 -24.83 45.13
C TYR G 167 -30.23 -24.49 46.54
N GLU G 168 -31.18 -23.56 46.69
CA GLU G 168 -31.62 -23.16 48.03
C GLU G 168 -32.38 -24.28 48.73
N ALA G 169 -33.29 -24.94 48.00
CA ALA G 169 -34.04 -26.03 48.61
C ALA G 169 -33.12 -27.16 49.06
N ALA G 170 -32.07 -27.44 48.28
CA ALA G 170 -31.15 -28.51 48.64
C ALA G 170 -30.39 -28.19 49.92
N ARG G 171 -29.91 -26.95 50.07
CA ARG G 171 -29.20 -26.57 51.29
C ARG G 171 -30.11 -26.70 52.50
N GLN G 172 -31.38 -26.39 52.33
CA GLN G 172 -32.35 -26.60 53.41
C GLN G 172 -32.50 -28.09 53.71
N LEU G 173 -32.54 -28.93 52.66
CA LEU G 173 -32.60 -30.37 52.89
C LEU G 173 -31.38 -30.86 53.67
N LEU G 174 -30.23 -30.23 53.47
CA LEU G 174 -28.98 -30.66 54.07
C LEU G 174 -28.85 -30.28 55.54
N GLU G 175 -29.78 -29.47 56.06
CA GLU G 175 -29.81 -29.22 57.48
C GLU G 175 -30.21 -30.47 58.26
N GLN G 176 -31.06 -31.32 57.69
CA GLN G 176 -31.49 -32.56 58.32
C GLN G 176 -31.40 -33.69 57.30
N PRO G 177 -30.19 -34.13 56.97
CA PRO G 177 -30.03 -35.10 55.88
C PRO G 177 -30.61 -36.47 56.18
N ASP G 178 -31.92 -36.60 55.99
CA ASP G 178 -32.59 -37.89 56.16
C ASP G 178 -33.01 -38.46 54.80
N PHE G 179 -32.10 -38.46 53.84
CA PHE G 179 -32.43 -38.93 52.51
C PHE G 179 -31.17 -39.47 51.84
N THR G 180 -31.36 -40.37 50.88
CA THR G 180 -30.27 -40.84 50.04
C THR G 180 -30.44 -40.45 48.59
N ALA G 181 -31.58 -39.88 48.21
CA ALA G 181 -31.82 -39.47 46.84
C ALA G 181 -32.64 -38.20 46.86
N ILE G 182 -32.51 -37.41 45.80
CA ILE G 182 -33.29 -36.20 45.61
C ILE G 182 -33.85 -36.23 44.19
N PHE G 183 -35.17 -36.24 44.07
CA PHE G 183 -35.85 -36.05 42.80
C PHE G 183 -36.19 -34.57 42.66
N ALA G 184 -35.43 -33.87 41.81
CA ALA G 184 -35.74 -32.49 41.43
C ALA G 184 -36.70 -32.49 40.25
N ALA G 185 -37.75 -31.69 40.35
CA ALA G 185 -38.84 -31.75 39.39
C ALA G 185 -38.49 -31.16 38.03
N ASN G 186 -37.29 -30.59 37.85
CA ASN G 186 -36.83 -30.25 36.52
C ASN G 186 -35.30 -30.20 36.53
N ASP G 187 -34.73 -30.16 35.32
CA ASP G 187 -33.27 -30.22 35.19
C ASP G 187 -32.62 -28.94 35.70
N GLN G 188 -33.27 -27.79 35.55
CA GLN G 188 -32.73 -26.54 36.07
C GLN G 188 -32.50 -26.64 37.57
N MET G 189 -33.54 -27.00 38.32
CA MET G 189 -33.40 -27.11 39.75
C MET G 189 -32.40 -28.19 40.14
N ALA G 190 -32.35 -29.28 39.38
CA ALA G 190 -31.39 -30.34 39.68
C ALA G 190 -29.96 -29.83 39.60
N LEU G 191 -29.66 -29.01 38.58
CA LEU G 191 -28.31 -28.43 38.48
C LEU G 191 -27.93 -27.67 39.75
N GLY G 192 -28.88 -26.93 40.33
CA GLY G 192 -28.59 -26.23 41.57
C GLY G 192 -28.44 -27.18 42.75
N VAL G 193 -29.22 -28.26 42.77
CA VAL G 193 -29.06 -29.31 43.78
C VAL G 193 -27.65 -29.88 43.73
N LEU G 194 -27.14 -30.18 42.53
CA LEU G 194 -25.79 -30.71 42.43
C LEU G 194 -24.78 -29.76 43.05
N ARG G 195 -24.94 -28.45 42.83
CA ARG G 195 -23.97 -27.50 43.38
C ARG G 195 -24.03 -27.51 44.89
N ALA G 196 -25.23 -27.54 45.47
CA ALA G 196 -25.35 -27.61 46.92
C ALA G 196 -24.70 -28.87 47.47
N LEU G 197 -24.85 -30.00 46.77
CA LEU G 197 -24.21 -31.23 47.23
C LEU G 197 -22.69 -31.14 47.11
N HIS G 198 -22.18 -30.61 46.00
CA HIS G 198 -20.73 -30.49 45.83
C HIS G 198 -20.14 -29.55 46.86
N GLU G 199 -20.81 -28.43 47.12
CA GLU G 199 -20.33 -27.47 48.11
C GLU G 199 -20.10 -28.14 49.46
N ARG G 200 -21.08 -28.90 49.92
CA ARG G 200 -20.99 -29.61 51.20
C ARG G 200 -20.01 -30.77 51.13
N GLY G 201 -19.66 -31.22 49.93
CA GLY G 201 -18.67 -32.26 49.79
C GLY G 201 -19.23 -33.66 49.67
N LEU G 202 -20.51 -33.80 49.39
CA LEU G 202 -21.12 -35.10 49.21
C LEU G 202 -20.91 -35.57 47.78
N ARG G 203 -20.72 -36.87 47.60
CA ARG G 203 -20.51 -37.47 46.29
C ARG G 203 -21.85 -37.76 45.63
N VAL G 204 -21.98 -37.38 44.37
CA VAL G 204 -23.12 -37.76 43.53
C VAL G 204 -22.62 -38.77 42.50
N PRO G 205 -23.15 -40.00 42.47
CA PRO G 205 -24.23 -40.57 43.29
C PRO G 205 -23.77 -41.31 44.54
N ASP G 206 -22.46 -41.38 44.81
CA ASP G 206 -21.94 -42.24 45.86
C ASP G 206 -22.52 -41.92 47.23
N ASP G 207 -22.84 -40.66 47.49
CA ASP G 207 -23.51 -40.27 48.72
C ASP G 207 -24.98 -39.90 48.53
N VAL G 208 -25.31 -39.18 47.47
CA VAL G 208 -26.70 -38.77 47.20
C VAL G 208 -26.98 -38.91 45.71
N SER G 209 -27.97 -39.71 45.35
CA SER G 209 -28.45 -39.82 43.98
C SER G 209 -29.35 -38.65 43.64
N VAL G 210 -29.33 -38.24 42.37
CA VAL G 210 -30.10 -37.09 41.88
C VAL G 210 -30.76 -37.44 40.55
N VAL G 211 -32.04 -37.11 40.40
CA VAL G 211 -32.76 -37.29 39.13
C VAL G 211 -33.46 -35.98 38.78
N GLY G 212 -33.43 -35.62 37.50
CA GLY G 212 -34.08 -34.43 37.01
C GLY G 212 -35.35 -34.72 36.24
N PHE G 213 -35.73 -33.76 35.40
CA PHE G 213 -36.93 -33.87 34.56
C PHE G 213 -36.81 -32.84 33.45
N ASP G 214 -37.05 -33.25 32.20
CA ASP G 214 -37.07 -32.47 30.95
C ASP G 214 -36.08 -33.03 29.91
N ASP G 215 -34.86 -33.33 30.36
CA ASP G 215 -33.72 -33.71 29.52
C ASP G 215 -33.32 -32.56 28.59
N ILE G 216 -33.05 -31.41 29.19
CA ILE G 216 -32.51 -30.28 28.43
C ILE G 216 -31.18 -30.74 27.84
N PRO G 217 -30.70 -30.12 26.77
CA PRO G 217 -29.45 -30.60 26.15
C PRO G 217 -28.25 -30.51 27.08
N GLU G 218 -28.22 -29.55 28.02
CA GLU G 218 -27.09 -29.44 28.93
C GLU G 218 -27.02 -30.60 29.91
N SER G 219 -28.18 -31.23 30.21
CA SER G 219 -28.23 -32.19 31.30
C SER G 219 -27.26 -33.35 31.09
N ALA G 220 -26.95 -33.71 29.84
CA ALA G 220 -25.95 -34.72 29.56
C ALA G 220 -24.54 -34.28 29.91
N TYR G 221 -24.33 -32.99 30.13
CA TYR G 221 -23.00 -32.46 30.44
C TYR G 221 -22.96 -31.78 31.81
N PHE G 222 -23.92 -32.08 32.69
CA PHE G 222 -23.76 -31.73 34.08
C PHE G 222 -22.64 -32.57 34.69
N HIS G 223 -22.17 -32.19 35.86
CA HIS G 223 -21.23 -33.04 36.58
C HIS G 223 -21.89 -33.59 37.83
N PRO G 224 -22.18 -34.90 37.89
CA PRO G 224 -22.03 -35.90 36.82
C PRO G 224 -23.18 -35.81 35.85
N PRO G 225 -23.14 -36.48 34.70
CA PRO G 225 -24.27 -36.46 33.77
C PRO G 225 -25.57 -36.90 34.44
N LEU G 226 -26.63 -36.13 34.19
CA LEU G 226 -27.86 -36.21 34.98
C LEU G 226 -28.80 -37.27 34.44
N THR G 227 -29.25 -38.15 35.32
CA THR G 227 -30.39 -39.01 35.03
C THR G 227 -31.68 -38.18 35.10
N THR G 228 -32.52 -38.31 34.08
CA THR G 228 -33.63 -37.36 33.90
C THR G 228 -34.72 -38.03 33.07
N VAL G 229 -35.84 -37.33 32.93
CA VAL G 229 -37.00 -37.82 32.20
C VAL G 229 -37.16 -36.94 30.97
N ARG G 230 -36.98 -37.52 29.79
CA ARG G 230 -37.03 -36.75 28.56
C ARG G 230 -38.45 -36.37 28.21
N GLN G 231 -38.65 -35.11 27.84
CA GLN G 231 -39.87 -34.63 27.24
C GLN G 231 -39.58 -34.21 25.80
N ASP G 232 -40.42 -34.65 24.87
CA ASP G 232 -40.31 -34.26 23.46
C ASP G 232 -41.06 -32.94 23.29
N PHE G 233 -40.37 -31.85 23.63
CA PHE G 233 -41.03 -30.55 23.66
C PHE G 233 -41.50 -30.14 22.27
N GLU G 234 -40.65 -30.31 21.26
CA GLU G 234 -41.01 -29.90 19.90
C GLU G 234 -42.18 -30.70 19.37
N GLU G 235 -42.28 -31.98 19.75
CA GLU G 235 -43.39 -32.80 19.27
C GLU G 235 -44.71 -32.36 19.91
N LEU G 236 -44.65 -31.96 21.18
CA LEU G 236 -45.83 -31.40 21.82
C LEU G 236 -46.35 -30.19 21.05
N GLY G 237 -45.46 -29.23 20.75
CA GLY G 237 -45.87 -28.07 20.00
C GLY G 237 -46.41 -28.44 18.63
N ARG G 238 -45.80 -29.43 17.99
CA ARG G 238 -46.24 -29.86 16.67
C ARG G 238 -47.66 -30.42 16.71
N GLN G 239 -47.94 -31.28 17.70
CA GLN G 239 -49.27 -31.87 17.81
C GLN G 239 -50.29 -30.87 18.33
N ALA G 240 -49.87 -29.86 19.08
CA ALA G 240 -50.78 -28.79 19.46
C ALA G 240 -51.34 -28.07 18.24
N VAL G 241 -50.51 -27.87 17.22
CA VAL G 241 -50.97 -27.23 15.98
C VAL G 241 -51.84 -28.19 15.19
N GLU G 242 -51.43 -29.46 15.12
CA GLU G 242 -52.24 -30.47 14.44
C GLU G 242 -53.64 -30.54 15.03
N GLN G 243 -53.75 -30.48 16.37
CA GLN G 243 -55.07 -30.54 17.01
C GLN G 243 -55.88 -29.27 16.76
N LEU G 244 -55.23 -28.10 16.82
CA LEU G 244 -55.93 -26.84 16.61
C LEU G 244 -56.46 -26.72 15.18
N LEU G 245 -55.72 -27.24 14.20
CA LEU G 245 -56.12 -27.09 12.81
C LEU G 245 -57.31 -27.97 12.47
N GLU G 246 -57.37 -29.19 13.05
CA GLU G 246 -58.55 -30.02 12.87
C GLU G 246 -59.79 -29.36 13.45
N MET G 247 -59.63 -28.58 14.52
CA MET G 247 -60.76 -27.83 15.05
C MET G 247 -61.10 -26.63 14.17
N ILE G 248 -60.06 -25.96 13.65
CA ILE G 248 -60.29 -24.83 12.76
C ILE G 248 -61.05 -25.29 11.51
N GLU G 249 -60.75 -26.50 11.03
CA GLU G 249 -61.44 -27.05 9.88
C GLU G 249 -62.78 -27.69 10.26
N GLY G 250 -63.52 -27.06 11.16
CA GLY G 250 -64.89 -27.43 11.47
C GLY G 250 -65.08 -28.71 12.27
N GLU G 251 -64.09 -29.58 12.34
CA GLU G 251 -64.33 -30.87 12.97
C GLU G 251 -64.44 -30.72 14.49
N GLU G 252 -64.92 -31.79 15.12
CA GLU G 252 -65.14 -31.78 16.55
C GLU G 252 -63.81 -31.81 17.31
N PRO G 253 -63.79 -31.31 18.54
CA PRO G 253 -62.55 -31.38 19.34
C PRO G 253 -62.08 -32.81 19.47
N PRO G 254 -60.90 -33.13 18.95
CA PRO G 254 -60.39 -34.51 19.03
C PRO G 254 -60.10 -34.91 20.46
N PRO G 255 -60.01 -36.21 20.74
CA PRO G 255 -59.77 -36.64 22.12
C PRO G 255 -58.41 -36.17 22.59
N PRO G 256 -58.27 -35.92 23.89
CA PRO G 256 -57.01 -35.39 24.42
C PRO G 256 -55.84 -36.34 24.14
N ALA G 257 -54.79 -35.78 23.55
CA ALA G 257 -53.58 -36.54 23.30
C ALA G 257 -52.64 -36.48 24.51
N VAL G 258 -52.07 -37.63 24.86
CA VAL G 258 -51.09 -37.74 25.92
C VAL G 258 -49.82 -38.35 25.32
N LEU G 259 -48.69 -37.70 25.55
CA LEU G 259 -47.43 -38.17 24.98
C LEU G 259 -46.58 -38.83 26.06
N PRO G 260 -46.08 -40.03 25.81
CA PRO G 260 -45.31 -40.75 26.84
C PRO G 260 -43.92 -40.16 27.02
N PRO G 261 -43.47 -40.00 28.25
CA PRO G 261 -42.09 -39.58 28.51
C PRO G 261 -41.14 -40.78 28.54
N GLU G 262 -39.86 -40.47 28.62
CA GLU G 262 -38.78 -41.45 28.49
C GLU G 262 -37.80 -41.27 29.63
N LEU G 263 -37.42 -42.37 30.28
CA LEU G 263 -36.43 -42.34 31.33
C LEU G 263 -35.03 -42.42 30.72
N ILE G 264 -34.23 -41.37 30.91
CA ILE G 264 -32.85 -41.34 30.45
C ILE G 264 -31.98 -41.52 31.68
N VAL G 265 -31.31 -42.68 31.77
CA VAL G 265 -30.47 -43.00 32.90
C VAL G 265 -29.03 -42.67 32.56
N ARG G 266 -28.39 -41.88 33.41
CA ARG G 266 -26.97 -41.56 33.24
C ARG G 266 -26.19 -41.89 34.51
N GLU G 267 -25.39 -40.94 35.01
CA GLU G 267 -24.44 -41.26 36.07
C GLU G 267 -24.76 -40.61 37.41
N SER G 268 -25.90 -39.93 37.54
CA SER G 268 -26.22 -39.26 38.80
C SER G 268 -27.05 -40.14 39.75
N THR G 269 -27.22 -41.43 39.42
CA THR G 269 -28.00 -42.37 40.22
C THR G 269 -27.20 -43.63 40.49
N ALA G 270 -27.39 -44.19 41.67
CA ALA G 270 -26.71 -45.40 42.08
C ALA G 270 -27.42 -45.94 43.32
N PRO G 271 -27.25 -47.21 43.64
CA PRO G 271 -27.73 -47.71 44.92
C PRO G 271 -27.10 -46.94 46.06
N PRO G 272 -27.80 -46.77 47.18
CA PRO G 272 -27.15 -46.20 48.36
C PRO G 272 -26.11 -47.15 48.91
N GLU G 273 -25.10 -46.61 49.59
CA GLU G 273 -23.99 -47.43 50.01
C GLU G 273 -24.35 -48.37 51.16
N ASN G 274 -25.65 -48.67 51.30
CA ASN G 274 -26.12 -49.63 52.30
C ASN G 274 -26.96 -50.72 51.63
N LEU G 275 -27.98 -50.31 50.87
CA LEU G 275 -28.89 -51.22 50.19
C LEU G 275 -28.72 -51.13 48.67
N TYR G 276 -29.02 -52.23 47.99
CA TYR G 276 -28.84 -52.30 46.54
C TYR G 276 -30.17 -52.55 45.82
N HIS H 5 5.64 50.86 -12.05
CA HIS H 5 4.79 50.12 -12.98
C HIS H 5 3.97 49.09 -12.24
N THR H 6 4.59 47.97 -11.89
CA THR H 6 3.91 46.84 -11.27
C THR H 6 4.64 46.42 -10.00
N ILE H 7 3.93 45.66 -9.18
CA ILE H 7 4.47 45.09 -7.95
C ILE H 7 4.26 43.59 -8.02
N GLY H 8 5.27 42.82 -7.58
CA GLY H 8 5.17 41.38 -7.54
C GLY H 8 4.95 40.88 -6.13
N VAL H 9 4.19 39.80 -6.00
CA VAL H 9 3.89 39.17 -4.70
C VAL H 9 3.96 37.66 -4.87
N VAL H 10 4.70 37.01 -3.98
CA VAL H 10 4.76 35.55 -3.91
C VAL H 10 4.11 35.12 -2.60
N THR H 11 3.02 34.37 -2.70
CA THR H 11 2.25 33.96 -1.53
C THR H 11 1.93 32.48 -1.62
N THR H 12 1.43 31.92 -0.53
CA THR H 12 1.05 30.52 -0.49
C THR H 12 -0.15 30.36 0.43
N GLY H 13 -0.75 29.17 0.38
CA GLY H 13 -1.87 28.83 1.23
C GLY H 13 -3.01 29.82 1.09
N LEU H 14 -3.39 30.13 -0.16
CA LEU H 14 -4.40 31.14 -0.42
C LEU H 14 -5.80 30.69 -0.01
N SER H 15 -6.01 29.38 0.18
CA SER H 15 -7.31 28.89 0.61
C SER H 15 -7.62 29.25 2.06
N PHE H 16 -6.66 29.81 2.79
CA PHE H 16 -6.83 30.24 4.17
C PHE H 16 -7.10 31.74 4.24
N TYR H 17 -7.79 32.14 5.30
CA TYR H 17 -8.20 33.54 5.46
C TYR H 17 -6.98 34.46 5.52
N GLY H 18 -6.01 34.13 6.38
CA GLY H 18 -4.84 34.95 6.63
C GLY H 18 -4.07 35.41 5.39
N PRO H 19 -3.57 34.45 4.60
CA PRO H 19 -2.88 34.84 3.36
C PRO H 19 -3.77 35.60 2.39
N SER H 20 -5.06 35.25 2.30
CA SER H 20 -5.94 35.97 1.40
C SER H 20 -6.20 37.39 1.89
N GLN H 21 -6.25 37.59 3.21
CA GLN H 21 -6.53 38.92 3.72
C GLN H 21 -5.29 39.80 3.63
N ILE H 22 -4.11 39.21 3.75
CA ILE H 22 -2.90 39.98 3.51
C ILE H 22 -2.85 40.45 2.06
N LEU H 23 -3.14 39.53 1.13
CA LEU H 23 -3.14 39.88 -0.30
C LEU H 23 -4.14 41.00 -0.59
N VAL H 24 -5.32 40.94 0.02
CA VAL H 24 -6.30 42.02 -0.12
C VAL H 24 -5.66 43.36 0.27
N GLY H 25 -4.99 43.41 1.42
CA GLY H 25 -4.34 44.64 1.85
C GLY H 25 -3.20 45.08 0.95
N ILE H 26 -2.48 44.13 0.36
CA ILE H 26 -1.45 44.47 -0.61
C ILE H 26 -2.09 45.08 -1.86
N GLU H 27 -3.19 44.49 -2.33
CA GLU H 27 -3.82 44.96 -3.56
C GLU H 27 -4.35 46.39 -3.42
N ARG H 28 -5.03 46.68 -2.32
CA ARG H 28 -5.60 48.02 -2.14
C ARG H 28 -4.51 49.06 -1.92
N ALA H 29 -3.42 48.68 -1.23
CA ALA H 29 -2.33 49.60 -0.98
C ALA H 29 -1.57 49.94 -2.28
N ALA H 30 -1.57 49.03 -3.24
CA ALA H 30 -0.96 49.30 -4.53
C ALA H 30 -1.92 49.96 -5.51
N ARG H 31 -3.22 49.67 -5.40
CA ARG H 31 -4.21 50.28 -6.29
C ARG H 31 -4.34 51.78 -6.00
N GLU H 32 -4.21 52.17 -4.74
CA GLU H 32 -4.28 53.60 -4.40
C GLU H 32 -2.98 54.32 -4.71
N HIS H 33 -1.86 53.60 -4.84
CA HIS H 33 -0.57 54.20 -5.14
C HIS H 33 -0.13 53.94 -6.58
N GLY H 34 -1.05 53.57 -7.45
CA GLY H 34 -0.77 53.52 -8.87
C GLY H 34 0.07 52.35 -9.33
N TYR H 35 0.03 51.23 -8.62
CA TYR H 35 0.82 50.05 -8.97
C TYR H 35 -0.10 48.87 -9.24
N SER H 36 0.20 48.12 -10.29
CA SER H 36 -0.51 46.88 -10.58
C SER H 36 0.19 45.72 -9.88
N LEU H 37 -0.57 44.66 -9.62
CA LEU H 37 -0.11 43.56 -8.77
C LEU H 37 0.06 42.28 -9.58
N LEU H 38 1.30 41.81 -9.69
CA LEU H 38 1.60 40.51 -10.26
C LEU H 38 1.60 39.45 -9.17
N LEU H 39 0.88 38.35 -9.40
CA LEU H 39 0.68 37.30 -8.40
C LEU H 39 1.40 36.01 -8.81
N ALA H 40 2.24 35.49 -7.92
CA ALA H 40 2.94 34.23 -8.09
C ALA H 40 2.69 33.36 -6.86
N THR H 41 2.34 32.09 -7.08
CA THR H 41 1.98 31.19 -6.00
C THR H 41 3.01 30.07 -5.91
N VAL H 42 3.48 29.78 -4.70
CA VAL H 42 4.37 28.66 -4.45
C VAL H 42 3.60 27.60 -3.65
N HIS H 43 4.20 26.41 -3.57
CA HIS H 43 3.59 25.29 -2.85
C HIS H 43 4.53 24.94 -1.70
N GLU H 44 5.02 23.70 -1.63
CA GLU H 44 5.76 23.19 -0.47
C GLU H 44 7.26 23.14 -0.71
N ASP H 45 7.69 22.94 -1.94
CA ASP H 45 9.11 22.93 -2.23
C ASP H 45 9.69 24.33 -2.02
N PRO H 46 10.68 24.50 -1.14
CA PRO H 46 11.25 25.84 -0.93
C PRO H 46 12.05 26.37 -2.11
N ASP H 47 12.36 25.54 -3.10
CA ASP H 47 13.02 26.01 -4.32
C ASP H 47 12.04 26.60 -5.32
N GLU H 48 10.78 26.78 -4.93
CA GLU H 48 9.79 27.41 -5.80
C GLU H 48 9.71 28.92 -5.61
N VAL H 49 10.08 29.43 -4.44
CA VAL H 49 10.01 30.86 -4.20
C VAL H 49 11.12 31.58 -4.96
N GLU H 50 12.36 31.06 -4.86
CA GLU H 50 13.45 31.63 -5.62
C GLU H 50 13.20 31.54 -7.12
N GLU H 51 12.51 30.48 -7.57
CA GLU H 51 12.09 30.40 -8.97
C GLU H 51 11.05 31.46 -9.29
N ALA H 52 10.16 31.76 -8.33
CA ALA H 52 9.11 32.73 -8.57
C ALA H 52 9.61 34.17 -8.45
N ILE H 53 10.69 34.40 -7.70
CA ILE H 53 11.31 35.72 -7.65
C ILE H 53 11.93 36.06 -9.01
N ASN H 54 12.66 35.12 -9.60
CA ASN H 54 13.32 35.38 -10.87
C ASN H 54 12.32 35.58 -12.00
N THR H 55 11.11 35.01 -11.86
CA THR H 55 10.08 35.24 -12.87
C THR H 55 9.59 36.68 -12.83
N LEU H 56 9.34 37.21 -11.63
CA LEU H 56 8.95 38.60 -11.51
C LEU H 56 10.09 39.54 -11.88
N ARG H 57 11.34 39.11 -11.67
CA ARG H 57 12.47 39.96 -12.05
C ARG H 57 12.55 40.11 -13.56
N GLU H 58 12.29 39.02 -14.30
CA GLU H 58 12.25 39.10 -15.75
C GLU H 58 11.09 39.97 -16.23
N ARG H 59 10.00 40.01 -15.48
CA ARG H 59 8.87 40.87 -15.81
C ARG H 59 9.11 42.33 -15.48
N ARG H 60 10.34 42.69 -15.08
CA ARG H 60 10.73 44.08 -14.84
C ARG H 60 9.84 44.73 -13.78
N VAL H 61 9.66 44.03 -12.68
CA VAL H 61 8.81 44.53 -11.60
C VAL H 61 9.60 45.47 -10.73
N ASP H 62 8.91 46.47 -10.15
CA ASP H 62 9.60 47.48 -9.34
C ASP H 62 9.87 46.99 -7.93
N GLY H 63 9.08 46.06 -7.42
CA GLY H 63 9.26 45.55 -6.08
C GLY H 63 8.51 44.26 -5.88
N ILE H 64 9.04 43.42 -5.00
CA ILE H 64 8.47 42.11 -4.72
C ILE H 64 8.12 42.03 -3.23
N ILE H 65 7.04 41.32 -2.92
CA ILE H 65 6.62 41.11 -1.54
C ILE H 65 6.47 39.61 -1.32
N ILE H 66 7.21 39.07 -0.36
CA ILE H 66 7.27 37.64 -0.10
C ILE H 66 6.36 37.32 1.09
N VAL H 67 5.32 36.52 0.83
CA VAL H 67 4.42 36.07 1.89
C VAL H 67 4.39 34.55 1.85
N ALA H 68 5.56 33.93 2.03
CA ALA H 68 5.70 32.48 2.04
C ALA H 68 6.93 32.12 2.86
N PRO H 69 7.06 30.85 3.31
CA PRO H 69 8.28 30.44 4.02
C PRO H 69 9.54 30.87 3.31
N HIS H 70 10.24 31.84 3.90
CA HIS H 70 11.28 32.63 3.27
C HIS H 70 12.65 32.22 3.81
N ASN H 71 13.59 33.16 3.84
CA ASN H 71 14.95 32.92 4.32
C ASN H 71 14.95 32.45 5.78
N VAL H 84 13.34 45.48 -7.96
CA VAL H 84 14.66 45.09 -7.45
C VAL H 84 14.68 44.81 -5.94
N PRO H 85 14.04 45.64 -5.11
CA PRO H 85 14.04 45.37 -3.66
C PRO H 85 12.77 44.67 -3.21
N PRO H 86 12.87 43.42 -2.74
CA PRO H 86 11.72 42.79 -2.09
C PRO H 86 11.59 43.08 -0.60
N VAL H 87 10.35 43.15 -0.15
CA VAL H 87 10.00 43.24 1.26
C VAL H 87 9.52 41.86 1.71
N VAL H 88 10.23 41.25 2.63
CA VAL H 88 9.99 39.87 3.03
C VAL H 88 9.27 39.87 4.37
N PHE H 89 8.50 38.82 4.62
CA PHE H 89 7.77 38.66 5.89
C PHE H 89 8.49 37.72 6.86
N THR H 99 11.50 44.67 7.16
CA THR H 99 10.42 43.70 7.14
C THR H 99 9.16 44.21 7.85
N VAL H 100 8.07 43.47 7.70
CA VAL H 100 6.81 43.76 8.39
C VAL H 100 6.27 42.44 8.90
N SER H 101 5.76 42.44 10.13
CA SER H 101 5.30 41.19 10.74
C SER H 101 4.40 41.50 11.91
N VAL H 102 3.82 40.43 12.45
CA VAL H 102 3.09 40.44 13.72
C VAL H 102 3.93 39.66 14.73
N ASP H 103 3.96 40.14 15.98
CA ASP H 103 4.71 39.47 17.04
C ASP H 103 4.05 38.15 17.41
N GLN H 104 4.35 37.13 16.60
CA GLN H 104 3.77 35.80 16.82
C GLN H 104 4.11 35.26 18.20
N TYR H 105 5.37 35.44 18.63
CA TYR H 105 5.81 34.95 19.93
C TYR H 105 5.01 35.58 21.05
N ALA H 106 4.90 36.91 21.01
CA ALA H 106 4.11 37.60 22.03
C ALA H 106 2.65 37.15 22.01
N GLY H 107 2.12 36.81 20.84
CA GLY H 107 0.72 36.39 20.76
C GLY H 107 0.45 35.08 21.48
N ALA H 108 1.22 34.04 21.16
CA ALA H 108 1.07 32.74 21.80
C ALA H 108 1.50 32.76 23.26
N ARG H 109 2.38 33.69 23.63
CA ARG H 109 2.79 33.76 25.02
C ARG H 109 1.67 34.32 25.88
N LEU H 110 0.93 35.30 25.35
CA LEU H 110 -0.19 35.84 26.10
C LEU H 110 -1.32 34.81 26.21
N ALA H 111 -1.53 34.01 25.17
CA ALA H 111 -2.59 33.00 25.21
C ALA H 111 -2.28 31.93 26.25
N THR H 112 -1.02 31.50 26.32
CA THR H 112 -0.63 30.51 27.31
C THR H 112 -0.69 31.08 28.72
N GLU H 113 -0.29 32.35 28.88
CA GLU H 113 -0.37 33.01 30.18
C GLU H 113 -1.82 33.16 30.65
N HIS H 114 -2.75 33.43 29.72
CA HIS H 114 -4.15 33.52 30.08
C HIS H 114 -4.66 32.18 30.61
N LEU H 115 -4.35 31.09 29.92
CA LEU H 115 -4.78 29.77 30.39
C LEU H 115 -4.17 29.46 31.75
N LEU H 116 -2.87 29.74 31.93
CA LEU H 116 -2.26 29.54 33.24
C LEU H 116 -2.96 30.39 34.30
N ASP H 117 -3.33 31.62 33.94
CA ASP H 117 -4.02 32.49 34.90
C ASP H 117 -5.39 31.93 35.27
N LEU H 118 -6.01 31.17 34.37
CA LEU H 118 -7.27 30.51 34.68
C LEU H 118 -7.07 29.29 35.55
N GLY H 119 -5.83 28.85 35.75
CA GLY H 119 -5.53 27.73 36.61
C GLY H 119 -5.15 26.46 35.87
N HIS H 120 -5.10 26.51 34.55
CA HIS H 120 -4.66 25.35 33.81
C HIS H 120 -3.17 25.13 34.05
N ARG H 121 -2.78 23.86 34.18
CA ARG H 121 -1.38 23.50 34.29
C ARG H 121 -0.95 22.49 33.25
N ARG H 122 -1.88 21.69 32.72
CA ARG H 122 -1.60 20.75 31.63
C ARG H 122 -2.25 21.31 30.36
N ILE H 123 -1.48 22.10 29.63
CA ILE H 123 -1.94 22.80 28.43
C ILE H 123 -1.21 22.18 27.24
N ALA H 124 -1.98 21.46 26.41
CA ALA H 124 -1.45 20.84 25.21
C ALA H 124 -1.40 21.86 24.08
N LEU H 125 -0.48 21.64 23.13
CA LEU H 125 -0.33 22.54 22.00
C LEU H 125 -0.37 21.72 20.73
N ILE H 126 -1.29 22.06 19.83
CA ILE H 126 -1.29 21.52 18.47
C ILE H 126 -0.63 22.56 17.58
N THR H 127 0.59 22.28 17.13
CA THR H 127 1.35 23.26 16.37
C THR H 127 0.98 23.19 14.89
N GLY H 128 1.57 24.09 14.11
CA GLY H 128 1.39 24.08 12.67
C GLY H 128 2.63 23.61 11.94
N PRO H 129 2.61 23.74 10.61
CA PRO H 129 3.75 23.29 9.80
C PRO H 129 5.04 24.00 10.21
N GLN H 130 5.98 23.21 10.73
CA GLN H 130 7.17 23.80 11.35
C GLN H 130 8.09 24.50 10.35
N ASP H 131 7.82 24.40 9.05
CA ASP H 131 8.52 25.26 8.10
C ASP H 131 7.97 26.68 8.07
N TRP H 132 6.86 26.94 8.77
CA TRP H 132 6.30 28.29 8.85
C TRP H 132 6.82 28.98 10.10
N LEU H 133 7.36 30.19 9.93
CA LEU H 133 7.94 30.90 11.06
C LEU H 133 6.91 31.19 12.13
N GLU H 134 5.65 31.44 11.72
CA GLU H 134 4.57 31.62 12.70
C GLU H 134 4.42 30.39 13.58
N ALA H 135 4.47 29.21 12.96
CA ALA H 135 4.31 27.97 13.73
C ALA H 135 5.45 27.78 14.71
N ARG H 136 6.69 28.04 14.27
CA ARG H 136 7.85 27.86 15.13
C ARG H 136 7.84 28.85 16.29
N GLU H 137 7.40 30.08 16.04
CA GLU H 137 7.42 31.14 17.04
C GLU H 137 6.23 31.10 17.99
N ARG H 138 5.10 30.55 17.56
CA ARG H 138 4.01 30.31 18.50
C ARG H 138 4.35 29.16 19.45
N LEU H 139 4.97 28.10 18.92
CA LEU H 139 5.45 27.01 19.78
C LEU H 139 6.48 27.50 20.79
N GLN H 140 7.32 28.46 20.41
CA GLN H 140 8.32 28.98 21.34
C GLN H 140 7.67 29.78 22.46
N GLY H 141 6.70 30.63 22.13
CA GLY H 141 6.02 31.42 23.15
C GLY H 141 5.24 30.56 24.13
N TRP H 142 4.62 29.50 23.63
CA TRP H 142 3.96 28.54 24.50
C TRP H 142 4.96 27.82 25.40
N ARG H 143 6.08 27.36 24.82
CA ARG H 143 7.09 26.64 25.59
C ARG H 143 7.68 27.52 26.69
N GLU H 144 8.11 28.73 26.32
CA GLU H 144 8.76 29.61 27.28
C GLU H 144 7.78 30.16 28.32
N ALA H 145 6.50 30.31 27.97
CA ALA H 145 5.51 30.72 28.97
C ALA H 145 5.37 29.66 30.05
N LEU H 146 5.33 28.39 29.67
CA LEU H 146 5.27 27.31 30.64
C LEU H 146 6.58 27.19 31.42
N ALA H 147 7.72 27.35 30.74
CA ALA H 147 9.01 27.23 31.41
C ALA H 147 9.18 28.30 32.49
N GLU H 148 8.79 29.54 32.19
CA GLU H 148 8.83 30.59 33.19
C GLU H 148 8.05 30.22 34.45
N ALA H 149 6.93 29.50 34.28
CA ALA H 149 6.14 29.08 35.44
C ALA H 149 6.73 27.88 36.17
N GLY H 150 7.76 27.25 35.63
CA GLY H 150 8.33 26.07 36.24
C GLY H 150 7.70 24.76 35.80
N LEU H 151 6.87 24.80 34.80
CA LEU H 151 6.16 23.63 34.31
C LEU H 151 6.93 22.98 33.17
N PRO H 152 6.82 21.66 33.03
CA PRO H 152 7.47 20.98 31.91
C PRO H 152 6.57 20.98 30.68
N PRO H 153 7.07 21.41 29.53
CA PRO H 153 6.28 21.32 28.29
C PRO H 153 6.12 19.87 27.86
N PRO H 154 4.89 19.44 27.55
CA PRO H 154 4.68 18.06 27.10
C PRO H 154 5.04 17.87 25.62
N ALA H 155 4.75 16.70 25.07
CA ALA H 155 4.96 16.46 23.66
C ALA H 155 3.95 17.24 22.83
N VAL H 156 4.40 17.80 21.73
CA VAL H 156 3.58 18.60 20.81
C VAL H 156 3.12 17.70 19.68
N LEU H 157 1.93 17.99 19.15
CA LEU H 157 1.42 17.39 17.91
C LEU H 157 1.36 18.45 16.83
N GLN H 158 1.60 18.03 15.59
CA GLN H 158 1.78 18.94 14.46
C GLN H 158 0.62 18.80 13.48
N GLY H 159 0.04 19.94 13.10
CA GLY H 159 -0.98 19.99 12.08
C GLY H 159 -0.48 20.63 10.80
N ASP H 160 -1.42 20.97 9.94
CA ASP H 160 -1.06 21.59 8.66
C ASP H 160 -1.85 22.85 8.39
N TRP H 161 -2.44 23.45 9.44
CA TRP H 161 -3.33 24.61 9.41
C TRP H 161 -4.77 24.19 9.14
N SER H 162 -4.97 23.04 8.49
CA SER H 162 -6.33 22.67 8.11
C SER H 162 -7.16 22.19 9.33
N ALA H 163 -8.48 22.34 9.21
CA ALA H 163 -9.37 21.85 10.25
C ALA H 163 -9.29 20.33 10.42
N ALA H 164 -8.95 19.60 9.36
CA ALA H 164 -8.81 18.15 9.49
C ALA H 164 -7.64 17.76 10.39
N SER H 165 -6.51 18.46 10.27
CA SER H 165 -5.36 18.10 11.09
C SER H 165 -5.60 18.44 12.56
N GLY H 166 -6.34 19.51 12.85
CA GLY H 166 -6.69 19.79 14.23
C GLY H 166 -7.58 18.72 14.84
N TYR H 167 -8.60 18.28 14.08
CA TYR H 167 -9.47 17.20 14.52
C TYR H 167 -8.69 15.91 14.75
N GLU H 168 -7.78 15.57 13.82
CA GLU H 168 -7.03 14.32 13.95
C GLU H 168 -5.96 14.41 15.03
N ALA H 169 -5.36 15.57 15.23
CA ALA H 169 -4.42 15.75 16.32
C ALA H 169 -5.13 15.72 17.68
N ALA H 170 -6.35 16.27 17.75
CA ALA H 170 -7.08 16.24 19.02
C ALA H 170 -7.51 14.83 19.38
N ARG H 171 -7.96 14.05 18.38
CA ARG H 171 -8.38 12.68 18.64
C ARG H 171 -7.23 11.84 19.20
N GLN H 172 -6.00 12.14 18.77
CA GLN H 172 -4.84 11.44 19.30
C GLN H 172 -4.61 11.80 20.77
N LEU H 173 -4.75 13.09 21.12
CA LEU H 173 -4.63 13.52 22.52
C LEU H 173 -5.65 12.83 23.42
N LEU H 174 -6.85 12.59 22.92
CA LEU H 174 -7.93 12.03 23.71
C LEU H 174 -7.78 10.54 23.97
N GLU H 175 -6.77 9.88 23.38
CA GLU H 175 -6.44 8.52 23.79
C GLU H 175 -5.86 8.48 25.19
N GLN H 176 -5.34 9.61 25.68
CA GLN H 176 -4.85 9.72 27.05
C GLN H 176 -5.06 11.17 27.47
N PRO H 177 -6.25 11.50 27.95
CA PRO H 177 -6.55 12.90 28.27
C PRO H 177 -5.84 13.40 29.51
N ASP H 178 -4.57 13.76 29.37
CA ASP H 178 -3.75 14.30 30.46
C ASP H 178 -3.67 15.82 30.40
N PHE H 179 -4.78 16.48 30.07
CA PHE H 179 -4.78 17.92 29.88
C PHE H 179 -6.17 18.46 30.20
N THR H 180 -6.24 19.75 30.50
CA THR H 180 -7.50 20.45 30.66
C THR H 180 -7.68 21.57 29.65
N ALA H 181 -6.71 21.80 28.78
CA ALA H 181 -6.83 22.84 27.77
C ALA H 181 -5.94 22.50 26.60
N ILE H 182 -6.40 22.87 25.40
CA ILE H 182 -5.65 22.68 24.17
C ILE H 182 -5.44 24.06 23.54
N PHE H 183 -4.22 24.31 23.08
CA PHE H 183 -3.88 25.53 22.36
C PHE H 183 -3.54 25.10 20.92
N ALA H 184 -4.46 25.36 20.01
CA ALA H 184 -4.27 25.08 18.58
C ALA H 184 -3.68 26.29 17.90
N ALA H 185 -2.69 26.07 17.05
CA ALA H 185 -1.94 27.19 16.48
C ALA H 185 -2.75 28.07 15.52
N ASN H 186 -3.97 27.69 15.12
CA ASN H 186 -4.83 28.61 14.37
C ASN H 186 -6.29 28.24 14.52
N ASP H 187 -7.17 29.18 14.16
CA ASP H 187 -8.61 28.98 14.34
C ASP H 187 -9.15 27.84 13.47
N GLN H 188 -8.62 27.67 12.26
CA GLN H 188 -8.96 26.50 11.45
C GLN H 188 -8.77 25.21 12.24
N MET H 189 -7.55 24.99 12.76
CA MET H 189 -7.30 23.75 13.51
C MET H 189 -8.13 23.71 14.78
N ALA H 190 -8.39 24.86 15.38
CA ALA H 190 -9.18 24.88 16.61
C ALA H 190 -10.61 24.44 16.38
N LEU H 191 -11.16 24.70 15.19
CA LEU H 191 -12.50 24.21 14.88
C LEU H 191 -12.53 22.69 14.83
N GLY H 192 -11.50 22.06 14.26
CA GLY H 192 -11.40 20.62 14.32
C GLY H 192 -11.27 20.09 15.74
N VAL H 193 -10.54 20.81 16.60
CA VAL H 193 -10.41 20.38 18.00
C VAL H 193 -11.78 20.39 18.67
N LEU H 194 -12.55 21.48 18.50
CA LEU H 194 -13.88 21.55 19.09
C LEU H 194 -14.74 20.39 18.60
N ARG H 195 -14.59 20.00 17.33
CA ARG H 195 -15.37 18.89 16.79
C ARG H 195 -14.99 17.57 17.45
N ALA H 196 -13.68 17.34 17.64
CA ALA H 196 -13.25 16.10 18.28
C ALA H 196 -13.63 16.07 19.75
N LEU H 197 -13.72 17.23 20.39
CA LEU H 197 -14.11 17.27 21.80
C LEU H 197 -15.60 17.01 21.97
N HIS H 198 -16.44 17.66 21.16
CA HIS H 198 -17.88 17.46 21.27
C HIS H 198 -18.27 16.03 20.93
N GLU H 199 -17.64 15.46 19.90
CA GLU H 199 -17.89 14.06 19.55
C GLU H 199 -17.68 13.14 20.76
N ARG H 200 -16.57 13.33 21.47
CA ARG H 200 -16.27 12.57 22.69
C ARG H 200 -17.06 13.05 23.89
N GLY H 201 -18.05 13.92 23.70
CA GLY H 201 -18.92 14.31 24.80
C GLY H 201 -18.24 15.15 25.86
N LEU H 202 -17.20 15.89 25.50
CA LEU H 202 -16.50 16.76 26.45
C LEU H 202 -16.97 18.20 26.26
N ARG H 203 -17.54 18.77 27.31
CA ARG H 203 -18.01 20.15 27.25
C ARG H 203 -16.84 21.12 27.13
N VAL H 204 -17.05 22.17 26.36
CA VAL H 204 -16.09 23.26 26.19
C VAL H 204 -16.75 24.54 26.66
N PRO H 205 -16.20 25.23 27.66
CA PRO H 205 -14.94 24.97 28.35
C PRO H 205 -15.12 24.22 29.66
N ASP H 206 -16.32 23.68 29.93
CA ASP H 206 -16.59 23.05 31.22
C ASP H 206 -15.65 21.89 31.53
N ASP H 207 -15.13 21.22 30.50
CA ASP H 207 -14.21 20.11 30.67
C ASP H 207 -12.84 20.37 30.07
N VAL H 208 -12.78 21.04 28.92
CA VAL H 208 -11.53 21.36 28.23
C VAL H 208 -11.62 22.77 27.68
N SER H 209 -10.59 23.58 27.93
CA SER H 209 -10.50 24.89 27.32
C SER H 209 -9.75 24.82 26.00
N VAL H 210 -10.16 25.66 25.06
CA VAL H 210 -9.57 25.68 23.73
C VAL H 210 -9.29 27.13 23.34
N VAL H 211 -8.13 27.36 22.74
CA VAL H 211 -7.68 28.67 22.29
C VAL H 211 -7.22 28.50 20.84
N GLY H 212 -7.51 29.49 20.01
CA GLY H 212 -6.98 29.49 18.66
C GLY H 212 -6.01 30.62 18.40
N PHE H 213 -5.90 31.02 17.14
CA PHE H 213 -4.98 32.06 16.71
C PHE H 213 -5.38 32.49 15.30
N ASP H 214 -5.57 33.81 15.09
CA ASP H 214 -5.90 34.51 13.85
C ASP H 214 -7.06 35.49 14.05
N ASP H 215 -8.14 35.00 14.68
CA ASP H 215 -9.44 35.67 14.69
C ASP H 215 -10.01 35.77 13.27
N ILE H 216 -10.26 34.61 12.68
CA ILE H 216 -10.93 34.57 11.39
C ILE H 216 -12.39 34.97 11.64
N PRO H 217 -13.09 35.53 10.65
CA PRO H 217 -14.48 35.96 10.88
C PRO H 217 -15.40 34.88 11.41
N GLU H 218 -15.10 33.60 11.16
CA GLU H 218 -15.95 32.51 11.62
C GLU H 218 -15.81 32.25 13.12
N SER H 219 -14.65 32.52 13.71
CA SER H 219 -14.37 32.03 15.07
C SER H 219 -15.34 32.60 16.09
N ALA H 220 -15.85 33.80 15.86
CA ALA H 220 -16.87 34.39 16.73
C ALA H 220 -18.21 33.65 16.68
N TYR H 221 -18.39 32.72 15.73
CA TYR H 221 -19.62 31.95 15.58
C TYR H 221 -19.38 30.44 15.70
N PHE H 222 -18.25 30.05 16.27
CA PHE H 222 -18.01 28.64 16.56
C PHE H 222 -18.86 28.20 17.75
N HIS H 223 -18.91 26.89 17.99
CA HIS H 223 -19.64 26.38 19.14
C HIS H 223 -18.64 25.81 20.15
N PRO H 224 -18.24 26.57 21.18
CA PRO H 224 -18.63 27.94 21.53
C PRO H 224 -17.72 28.95 20.84
N PRO H 225 -18.07 30.24 20.86
CA PRO H 225 -17.20 31.26 20.28
C PRO H 225 -15.79 31.13 20.81
N LEU H 226 -14.82 31.17 19.91
CA LEU H 226 -13.47 30.75 20.22
C LEU H 226 -12.63 31.91 20.74
N THR H 227 -12.04 31.74 21.93
CA THR H 227 -10.96 32.61 22.37
C THR H 227 -9.76 32.44 21.45
N THR H 228 -9.15 33.55 21.05
CA THR H 228 -8.17 33.54 19.97
C THR H 228 -7.31 34.80 20.07
N VAL H 229 -6.30 34.87 19.21
CA VAL H 229 -5.39 36.01 19.09
C VAL H 229 -5.61 36.68 17.74
N ARG H 230 -5.94 37.98 17.78
CA ARG H 230 -6.26 38.73 16.58
C ARG H 230 -5.00 39.16 15.84
N GLN H 231 -4.99 38.90 14.52
CA GLN H 231 -4.01 39.42 13.59
C GLN H 231 -4.68 40.39 12.64
N ASP H 232 -4.02 41.51 12.36
CA ASP H 232 -4.52 42.50 11.40
C ASP H 232 -3.88 42.21 10.05
N PHE H 233 -4.37 41.16 9.39
CA PHE H 233 -3.79 40.71 8.12
C PHE H 233 -3.84 41.81 7.07
N GLU H 234 -4.99 42.49 6.93
CA GLU H 234 -5.11 43.51 5.90
C GLU H 234 -4.14 44.66 6.15
N GLU H 235 -4.00 45.06 7.41
CA GLU H 235 -3.01 46.08 7.74
C GLU H 235 -1.59 45.59 7.46
N LEU H 236 -1.32 44.32 7.76
CA LEU H 236 0.00 43.74 7.48
C LEU H 236 0.39 43.90 6.01
N GLY H 237 -0.55 43.59 5.10
CA GLY H 237 -0.26 43.76 3.69
C GLY H 237 -0.05 45.21 3.30
N ARG H 238 -0.86 46.11 3.85
CA ARG H 238 -0.70 47.53 3.53
C ARG H 238 0.69 48.02 3.92
N GLN H 239 1.19 47.64 5.10
CA GLN H 239 2.52 48.06 5.52
C GLN H 239 3.61 47.47 4.63
N ALA H 240 3.36 46.29 4.06
CA ALA H 240 4.35 45.71 3.15
C ALA H 240 4.55 46.59 1.92
N VAL H 241 3.46 47.17 1.40
CA VAL H 241 3.56 48.08 0.28
C VAL H 241 4.14 49.42 0.74
N GLU H 242 3.79 49.86 1.96
CA GLU H 242 4.33 51.11 2.49
C GLU H 242 5.85 51.05 2.56
N GLN H 243 6.39 49.98 3.13
CA GLN H 243 7.84 49.82 3.18
C GLN H 243 8.42 49.59 1.80
N LEU H 244 7.68 48.93 0.91
CA LEU H 244 8.19 48.66 -0.43
C LEU H 244 8.37 49.93 -1.24
N LEU H 245 7.39 50.84 -1.17
CA LEU H 245 7.45 52.05 -1.99
C LEU H 245 8.58 52.97 -1.56
N GLU H 246 8.92 52.98 -0.27
CA GLU H 246 10.07 53.78 0.19
C GLU H 246 11.37 53.25 -0.42
N MET H 247 11.50 51.93 -0.54
CA MET H 247 12.67 51.35 -1.17
C MET H 247 12.70 51.63 -2.68
N ILE H 248 11.54 51.74 -3.32
CA ILE H 248 11.48 51.98 -4.75
C ILE H 248 11.81 53.44 -5.06
N GLU H 249 11.17 54.37 -4.34
CA GLU H 249 11.34 55.80 -4.61
C GLU H 249 12.65 56.36 -4.06
N GLY H 250 13.53 55.52 -3.53
CA GLY H 250 14.85 55.96 -3.12
C GLY H 250 14.99 56.39 -1.69
N GLU H 251 14.06 56.02 -0.81
CA GLU H 251 14.14 56.41 0.59
C GLU H 251 14.93 55.42 1.43
N GLU H 252 15.61 54.47 0.79
CA GLU H 252 16.48 53.47 1.41
C GLU H 252 15.67 52.49 2.27
N PRO H 253 16.22 51.31 2.55
CA PRO H 253 15.46 50.30 3.32
C PRO H 253 15.05 50.82 4.68
N PRO H 254 13.74 50.82 4.98
CA PRO H 254 13.27 51.28 6.29
C PRO H 254 13.42 50.18 7.32
N PRO H 255 13.33 50.52 8.61
CA PRO H 255 13.49 49.52 9.67
C PRO H 255 12.32 48.55 9.69
N PRO H 256 12.51 47.36 10.28
CA PRO H 256 11.40 46.43 10.44
C PRO H 256 10.32 47.01 11.35
N ALA H 257 9.07 46.66 11.05
CA ALA H 257 7.91 47.05 11.84
C ALA H 257 7.24 45.82 12.41
N VAL H 258 6.53 46.01 13.51
CA VAL H 258 5.85 44.93 14.22
C VAL H 258 4.47 45.42 14.64
N LEU H 259 3.43 44.66 14.27
CA LEU H 259 2.06 44.96 14.66
C LEU H 259 1.67 44.11 15.86
N PRO H 260 1.17 44.70 16.93
CA PRO H 260 0.85 43.93 18.13
C PRO H 260 -0.38 43.07 17.90
N PRO H 261 -0.33 41.79 18.24
CA PRO H 261 -1.55 40.98 18.26
C PRO H 261 -2.36 41.25 19.53
N GLU H 262 -3.63 40.86 19.48
CA GLU H 262 -4.54 41.07 20.60
C GLU H 262 -5.15 39.75 21.00
N LEU H 263 -5.24 39.50 22.31
CA LEU H 263 -5.93 38.35 22.82
C LEU H 263 -7.42 38.66 22.94
N ILE H 264 -8.24 37.87 22.26
CA ILE H 264 -9.69 38.01 22.29
C ILE H 264 -10.23 36.85 23.12
N VAL H 265 -10.76 37.15 24.30
CA VAL H 265 -11.25 36.12 25.20
C VAL H 265 -12.74 35.98 24.97
N ARG H 266 -13.16 34.82 24.46
CA ARG H 266 -14.58 34.57 24.23
C ARG H 266 -15.07 33.51 25.21
N GLU H 267 -15.88 32.55 24.75
CA GLU H 267 -16.49 31.58 25.64
C GLU H 267 -15.76 30.23 25.69
N SER H 268 -14.74 30.03 24.87
CA SER H 268 -14.09 28.72 24.81
C SER H 268 -13.02 28.51 25.90
N THR H 269 -12.84 29.47 26.81
CA THR H 269 -11.90 29.31 27.91
C THR H 269 -12.62 29.57 29.23
N ALA H 270 -12.07 28.99 30.30
CA ALA H 270 -12.62 29.05 31.65
C ALA H 270 -11.65 28.33 32.58
N PRO H 271 -11.71 28.57 33.89
CA PRO H 271 -10.95 27.76 34.81
C PRO H 271 -11.33 26.29 34.68
N PRO H 272 -10.40 25.37 34.95
CA PRO H 272 -10.72 23.95 34.87
C PRO H 272 -11.54 23.49 36.07
N GLU H 273 -12.29 22.40 35.86
CA GLU H 273 -13.11 21.74 36.88
C GLU H 273 -12.34 20.60 37.56
N ASN H 274 -11.02 20.61 37.47
CA ASN H 274 -10.22 19.59 38.13
C ASN H 274 -10.25 19.74 39.66
#